data_9R96
#
_entry.id   9R96
#
_cell.length_a   1.00
_cell.length_b   1.00
_cell.length_c   1.00
_cell.angle_alpha   90.00
_cell.angle_beta   90.00
_cell.angle_gamma   90.00
#
_symmetry.space_group_name_H-M   'P 1'
#
loop_
_entity.id
_entity.type
_entity.pdbx_description
1 polymer 'DNA-directed RNA polymerase, mitochondrial'
2 polymer 'Non-template strand DNA (56-MER)'
3 polymer 'template strand DNA (56-MER)'
4 polymer 'Dimethyladenosine transferase 2, mitochondrial'
5 polymer "RNA (5'-D(*(GTP))-R(P*GP*(3DA))-3')"
6 polymer 'Transcription factor A, mitochondrial'
7 non-polymer "GUANOSINE-5'-TRIPHOSPHATE"
8 non-polymer 'MAGNESIUM ION'
#
loop_
_entity_poly.entity_id
_entity_poly.type
_entity_poly.pdbx_seq_one_letter_code
_entity_poly.pdbx_strand_id
1 'polypeptide(L)'
;SASPQEQDQDRRKDWGHVELLEVLQARVRQLQAESVSEVVVNRVDVARLPECGSGDGSLQPPRKVQMGAKDATPVPCGRW
AKILEKDKRTQQMRMQRLKAKLQMPFQSGEFKALTRRLQVEPRLLSKQMAGCLEDCTRQAPESPWEEQLARLLQEAPGKL
SLDVEQAPSGQHSQAQLSGQQQRLLAFFKCCLLTDQLPLAHHLLVVHHGQRQKRKLLTLDMYNAVMLGWARQGAFKELVY
VLFMVKDAGLTPDLLSYAAALQCMGRQDQDAGTIERCLEQMSQEGLKLQALFTAVLLSEEDRATVLKAVHKVKPTFSLPP
QLPPPVNTSKLLRDVYAKDGRVSYPKLHLPLKTLQCLFEKQLHMELASRVCVVSVEKPTLPSKEVKHARKTLKTLRDQWE
KALCRALRETKNRLEREVYEGRFSLYPFLCLLDEREVVRMLLQVLQALPAQGESFTTLARELSARTFSRHVVQRQRVSGQ
VQALQNHYRKYLCLLASDAEVPEPCLPRQYWEELGAPEALREQPWPLPVQMELGKLLAEMLVQATQMPCSLDKPHRSSRL
VPVLYHVYSFRNVQQIGILKPHPAYVQLLEKAAEPTLTFEAVDVPMLCPPLPWTSPHSGAFLLSPTKLMRTVEGATQHQE
LLETCPPTALHGALDALTQLGNCAWRVNGRVLDLVLQLFQAKGCPQLGVPAPPSEAPQPPEAHLPHSAAPARKAELRREL
AHCQKVAREMHSLRAEALYRLSLAQHLRDRVFWLPHNMDFRGRTYPCPPHFNHLGSDVARALLEFAQGRPLGPHGLDWLK
IHLVNLTGLKKREPLRKRLAFAEEVMDDILDSADQPLTGRKWWMGAEEPWQTLACCMEVANAVRASDPAAYVSHLPVHQD
GSCNGLQHYAALGRDSVGAASVNLEPSDVPQDVYSGVAAQVEVFRRQDAQRGMRVAQVLEGFITRKVVKQTVMTVVYGVT
RYGGRLQIEKRLRELSDFPQEFVWEASHYLVRQVFKSLQEMFSGTRAIQHWLTESARLISHMGSVVEWVTPLGVPVIQPY
RLDSKVKQIGGGIQSITYTHNGDISRKPNTRKQKNGFPPNFIHSLDSSHMMLTALHCYRKGLTFVSVHDCYWTHAADVSV
MNQVCREQFVRLHSEPILQDLSRFLVKRFCSEPQKILEASQLKETLQAVPKPGAFDLEQVKRSTYFFS
;
A
2 'polydeoxyribonucleotide'
;(DA)(DT)(DG)(DT)(DG)(DT)(DT)(DA)(DG)(DT)(DT)(DG)(DG)(DG)(DG)(DG)(DG)(DT)(DG)(DA)
(DC)(DT)(DG)(DT)(DT)(DA)(DA)(DA)(DA)(DG)(DT)(DG)(DC)(DA)(DT)(DA)(DC)(DC)(DG)(DA)
(DA)(DC)(DA)(DA)(DA)(DG)(DA)(DT)(DA)(DA)(DA)(DA)(DT)(DT)(DT)(DG)
;
N
3 'polydeoxyribonucleotide'
;(DC)(DA)(DA)(DA)(DT)(DT)(DT)(DT)(DA)(DT)(DC)(DT)(DC)(DC)(DA)(DG)(DG)(DC)(DG)(DG)
(DT)(DA)(DT)(DG)(DC)(DA)(DC)(DT)(DT)(DT)(DT)(DA)(DA)(DC)(DA)(DG)(DT)(DC)(DA)(DC)
(DC)(DC)(DC)(DC)(DC)(DA)(DA)(DC)(DT)(DA)(DA)(DC)(DA)(DC)(DA)(DT)
;
T
4 'polypeptide(L)'
;PPRKASKASLDFKRYVTDRRLAETLAQIYLGKPSRPPHLLLECNPGPGILTQALLEAGAKVVALESDKTFIPHLESLGKN
LDGKLRVIHCDFFKLDPRSGGVIKPPAMSSRGLFKNLGIEAVPWTADIPLKVVGMFPSRGEKRALWKLAYDLYSCTSIYK
FGRIEVNMFIGEKEFQKLMADPGNPDLYHVLSVIWQLACEIKVLHMEPWSSFDIYTRKGPLENPKRRELLDQLQQKLYLI
QMIPRQNLFTKNLTPMNYNIFFHLLKHCFGRRSATVIDHLRSLTPLDARDILMQIGKQEDEKVVNMHPQDFKTLFETIER
SKDCAYKWLYDETLEDR
;
B
5 'polyribonucleotide' (GTP)G(3DA) R
6 'polypeptide(L)'
;MSYYHHHHHHDYDIPTTENLYFQGAMGSSVLASCPKKPVSSYLRFSKEQLPIFKAQNPDAKTTELIRRIAQRWRELPDSK
KKIYQDAYRAEWQVYKEEISRFKEQLTPSQIMSLEKEIMDKHLKRKAMTKKKELTLLGKPKRPRSAYNVYVAERFQEAKG
DSPQEKLKTVKENWKNLSDSEKELYIQHAKEDETRYHNEMKSWEEQMIEVGRKDLLRRTIKKQRKYGAEE
;
C
#
# COMPACT_ATOMS: atom_id res chain seq x y z
N TRP A 80 -15.70 6.49 -70.89
CA TRP A 80 -14.89 7.25 -69.90
C TRP A 80 -13.47 6.67 -69.86
N ALA A 81 -12.56 7.27 -70.64
CA ALA A 81 -11.18 6.75 -70.71
C ALA A 81 -10.58 6.85 -69.31
N LYS A 82 -10.89 7.94 -68.61
CA LYS A 82 -10.31 8.16 -67.26
C LYS A 82 -10.75 7.02 -66.34
N ILE A 83 -12.04 6.69 -66.35
CA ILE A 83 -12.56 5.62 -65.45
C ILE A 83 -11.91 4.30 -65.85
N LEU A 84 -11.75 4.06 -67.16
CA LEU A 84 -11.16 2.78 -67.60
C LEU A 84 -9.74 2.68 -67.04
N GLU A 85 -8.97 3.78 -67.15
CA GLU A 85 -7.56 3.76 -66.67
C GLU A 85 -7.59 3.54 -65.16
N LYS A 86 -8.52 4.18 -64.46
CA LYS A 86 -8.57 4.06 -62.98
C LYS A 86 -8.79 2.59 -62.64
N ASP A 87 -9.74 1.94 -63.31
CA ASP A 87 -10.05 0.53 -62.95
C ASP A 87 -8.79 -0.31 -63.22
N LYS A 88 -8.15 -0.08 -64.37
CA LYS A 88 -6.99 -0.95 -64.67
C LYS A 88 -5.91 -0.74 -63.60
N ARG A 89 -5.64 0.52 -63.23
CA ARG A 89 -4.56 0.82 -62.26
C ARG A 89 -4.91 0.19 -60.90
N THR A 90 -6.17 0.29 -60.48
CA THR A 90 -6.55 -0.23 -59.15
C THR A 90 -6.35 -1.74 -59.18
N GLN A 91 -6.75 -2.39 -60.27
CA GLN A 91 -6.62 -3.86 -60.36
C GLN A 91 -5.14 -4.22 -60.24
N GLN A 92 -4.30 -3.49 -60.96
CA GLN A 92 -2.85 -3.82 -60.96
C GLN A 92 -2.29 -3.64 -59.54
N MET A 93 -2.66 -2.55 -58.87
CA MET A 93 -2.11 -2.27 -57.51
C MET A 93 -2.59 -3.38 -56.56
N ARG A 94 -3.85 -3.80 -56.69
CA ARG A 94 -4.40 -4.84 -55.80
C ARG A 94 -3.58 -6.11 -56.01
N MET A 95 -3.33 -6.48 -57.26
CA MET A 95 -2.59 -7.74 -57.49
C MET A 95 -1.18 -7.62 -56.90
N GLN A 96 -0.54 -6.47 -57.11
CA GLN A 96 0.86 -6.33 -56.63
C GLN A 96 0.88 -6.47 -55.12
N ARG A 97 -0.05 -5.78 -54.45
CA ARG A 97 -0.05 -5.81 -52.96
C ARG A 97 -0.29 -7.23 -52.51
N LEU A 98 -1.22 -7.94 -53.16
CA LEU A 98 -1.57 -9.30 -52.71
C LEU A 98 -0.32 -10.16 -52.81
N LYS A 99 0.38 -10.09 -53.94
CA LYS A 99 1.55 -11.00 -54.11
C LYS A 99 2.59 -10.67 -53.04
N ALA A 100 2.85 -9.38 -52.85
CA ALA A 100 3.92 -9.01 -51.91
C ALA A 100 3.56 -9.49 -50.50
N LYS A 101 2.30 -9.31 -50.07
CA LYS A 101 1.87 -9.70 -48.70
C LYS A 101 1.96 -11.22 -48.56
N LEU A 102 1.57 -11.95 -49.60
CA LEU A 102 1.61 -13.44 -49.55
C LEU A 102 3.05 -13.87 -49.35
N GLN A 103 4.01 -13.22 -50.00
CA GLN A 103 5.39 -13.77 -49.82
C GLN A 103 6.11 -13.18 -48.60
N MET A 104 6.38 -11.87 -48.59
CA MET A 104 7.19 -11.19 -47.59
C MET A 104 6.28 -10.34 -46.72
N THR A 115 1.23 -2.89 -42.59
CA THR A 115 0.44 -4.11 -42.38
C THR A 115 0.56 -4.59 -40.94
N ARG A 116 -0.52 -5.17 -40.42
CA ARG A 116 -0.57 -5.70 -39.07
C ARG A 116 -1.04 -7.15 -39.14
N ARG A 117 -0.10 -8.06 -39.39
CA ARG A 117 -0.40 -9.47 -39.61
C ARG A 117 0.28 -10.31 -38.54
N LEU A 118 -0.47 -11.22 -37.94
CA LEU A 118 0.07 -12.09 -36.91
C LEU A 118 1.01 -13.13 -37.52
N GLN A 119 2.11 -13.39 -36.81
CA GLN A 119 3.14 -14.29 -37.28
C GLN A 119 2.94 -15.69 -36.70
N VAL A 120 3.01 -16.70 -37.56
CA VAL A 120 2.81 -18.09 -37.16
C VAL A 120 4.11 -18.89 -37.27
N GLU A 121 4.68 -18.95 -38.46
CA GLU A 121 5.88 -19.77 -38.67
C GLU A 121 7.07 -19.11 -37.99
N PRO A 122 7.81 -19.83 -37.15
CA PRO A 122 8.95 -19.22 -36.44
C PRO A 122 10.13 -18.96 -37.37
N ARG A 123 11.01 -18.08 -36.91
CA ARG A 123 12.28 -17.83 -37.56
C ARG A 123 13.37 -18.55 -36.76
N LEU A 124 13.97 -19.57 -37.37
CA LEU A 124 14.86 -20.48 -36.65
C LEU A 124 16.31 -20.05 -36.84
N LEU A 125 17.07 -20.07 -35.74
CA LEU A 125 18.48 -19.68 -35.80
C LEU A 125 19.35 -20.80 -36.38
N SER A 126 19.20 -22.01 -35.83
CA SER A 126 20.05 -23.12 -36.22
C SER A 126 19.86 -23.47 -37.69
N LYS A 127 20.98 -23.67 -38.39
CA LYS A 127 20.92 -23.99 -39.82
C LYS A 127 20.23 -25.33 -40.05
N GLN A 128 20.60 -26.35 -39.27
CA GLN A 128 19.99 -27.67 -39.43
C GLN A 128 18.51 -27.63 -39.11
N MET A 129 18.13 -26.97 -38.02
CA MET A 129 16.71 -26.88 -37.66
C MET A 129 15.92 -26.09 -38.70
N ALA A 130 16.49 -25.00 -39.21
CA ALA A 130 15.81 -24.22 -40.24
C ALA A 130 15.62 -25.04 -41.51
N GLY A 131 16.64 -25.77 -41.93
CA GLY A 131 16.50 -26.64 -43.09
C GLY A 131 15.47 -27.73 -42.86
N CYS A 132 15.44 -28.29 -41.65
CA CYS A 132 14.46 -29.31 -41.33
C CYS A 132 13.04 -28.76 -41.43
N LEU A 133 12.80 -27.56 -40.88
CA LEU A 133 11.49 -26.95 -41.00
C LEU A 133 11.14 -26.67 -42.46
N GLU A 134 12.13 -26.19 -43.23
CA GLU A 134 11.88 -25.89 -44.63
C GLU A 134 11.45 -27.14 -45.40
N ASP A 135 12.18 -28.25 -45.22
CA ASP A 135 11.81 -29.46 -45.94
C ASP A 135 10.51 -30.05 -45.42
N CYS A 136 10.24 -29.88 -44.12
CA CYS A 136 8.96 -30.34 -43.58
C CYS A 136 7.80 -29.57 -44.21
N THR A 137 7.94 -28.26 -44.36
CA THR A 137 6.86 -27.45 -44.92
C THR A 137 6.71 -27.70 -46.42
N ARG A 138 7.82 -27.90 -47.13
CA ARG A 138 7.80 -28.07 -48.58
C ARG A 138 7.64 -29.52 -49.01
N GLN A 139 7.61 -30.47 -48.07
CA GLN A 139 7.53 -31.87 -48.45
C GLN A 139 6.19 -32.20 -49.11
N ALA A 140 5.10 -31.71 -48.55
CA ALA A 140 3.77 -31.98 -49.07
C ALA A 140 2.92 -30.73 -48.90
N PRO A 141 1.89 -30.56 -49.73
CA PRO A 141 0.92 -29.48 -49.48
C PRO A 141 0.25 -29.60 -48.12
N GLU A 142 -0.02 -30.83 -47.69
CA GLU A 142 -0.49 -31.12 -46.33
C GLU A 142 0.60 -31.95 -45.65
N SER A 143 1.47 -31.27 -44.91
CA SER A 143 2.63 -31.94 -44.33
C SER A 143 2.19 -32.95 -43.26
N PRO A 144 2.96 -34.04 -43.12
CA PRO A 144 2.66 -35.07 -42.11
C PRO A 144 3.12 -34.65 -40.71
N TRP A 145 2.26 -33.88 -40.04
CA TRP A 145 2.66 -33.21 -38.81
C TRP A 145 2.83 -34.18 -37.65
N GLU A 146 2.01 -35.22 -37.59
CA GLU A 146 2.01 -36.10 -36.41
C GLU A 146 3.30 -36.90 -36.29
N GLU A 147 3.76 -37.54 -37.36
CA GLU A 147 4.99 -38.32 -37.27
C GLU A 147 6.21 -37.42 -37.08
N GLN A 148 6.15 -36.19 -37.62
CA GLN A 148 7.21 -35.23 -37.33
C GLN A 148 7.19 -34.83 -35.86
N LEU A 149 6.01 -34.71 -35.28
CA LEU A 149 5.90 -34.49 -33.84
C LEU A 149 6.55 -35.63 -33.07
N ALA A 150 6.30 -36.87 -33.50
CA ALA A 150 6.94 -38.01 -32.85
C ALA A 150 8.45 -37.94 -32.98
N ARG A 151 8.95 -37.61 -34.17
CA ARG A 151 10.39 -37.60 -34.40
C ARG A 151 11.08 -36.46 -33.65
N LEU A 152 10.37 -35.34 -33.45
CA LEU A 152 10.99 -34.18 -32.81
C LEU A 152 11.45 -34.51 -31.41
N LEU A 153 10.62 -35.21 -30.63
CA LEU A 153 11.03 -35.65 -29.31
C LEU A 153 11.50 -37.10 -29.28
N GLN A 154 11.55 -37.77 -30.44
CA GLN A 154 12.09 -39.12 -30.47
C GLN A 154 13.60 -39.12 -30.25
N GLU A 155 14.32 -38.25 -30.98
CA GLU A 155 15.76 -38.18 -30.81
C GLU A 155 16.14 -37.62 -29.45
N ALA A 156 15.43 -36.59 -29.00
CA ALA A 156 15.73 -35.87 -27.77
C ALA A 156 17.22 -35.51 -27.67
N PRO A 157 17.75 -34.74 -28.63
CA PRO A 157 19.18 -34.41 -28.61
C PRO A 157 19.51 -33.29 -27.63
N ALA A 175 17.34 -19.93 -10.04
CA ALA A 175 16.89 -19.04 -8.97
C ALA A 175 15.52 -18.46 -9.29
N GLN A 176 15.15 -17.40 -8.58
CA GLN A 176 13.86 -16.74 -8.83
C GLN A 176 13.88 -16.07 -10.20
N LEU A 177 12.73 -16.12 -10.88
CA LEU A 177 12.62 -15.52 -12.19
C LEU A 177 12.72 -14.00 -12.11
N SER A 178 13.18 -13.40 -13.20
CA SER A 178 13.25 -11.95 -13.28
C SER A 178 11.85 -11.36 -13.40
N GLY A 179 11.77 -10.05 -13.21
CA GLY A 179 10.48 -9.38 -13.29
C GLY A 179 9.84 -9.49 -14.65
N GLN A 180 10.65 -9.31 -15.71
CA GLN A 180 10.11 -9.42 -17.06
C GLN A 180 9.63 -10.82 -17.37
N GLN A 181 10.38 -11.84 -16.93
CA GLN A 181 9.94 -13.21 -17.11
C GLN A 181 8.67 -13.50 -16.32
N GLN A 182 8.56 -12.95 -15.11
CA GLN A 182 7.35 -13.10 -14.32
C GLN A 182 6.15 -12.50 -15.05
N ARG A 183 6.34 -11.33 -15.66
CA ARG A 183 5.25 -10.69 -16.40
C ARG A 183 4.88 -11.49 -17.65
N LEU A 184 5.88 -12.01 -18.36
CA LEU A 184 5.60 -12.77 -19.58
C LEU A 184 4.87 -14.07 -19.27
N LEU A 185 5.24 -14.76 -18.19
CA LEU A 185 4.53 -15.98 -17.82
C LEU A 185 3.08 -15.69 -17.48
N ALA A 186 2.82 -14.60 -16.76
CA ALA A 186 1.44 -14.22 -16.45
C ALA A 186 0.68 -13.90 -17.72
N PHE A 187 1.32 -13.19 -18.66
CA PHE A 187 0.68 -12.90 -19.93
C PHE A 187 0.29 -14.17 -20.67
N PHE A 188 1.20 -15.13 -20.75
CA PHE A 188 0.92 -16.37 -21.49
C PHE A 188 -0.15 -17.21 -20.79
N LYS A 189 -0.16 -17.23 -19.46
CA LYS A 189 -1.20 -17.98 -18.75
C LYS A 189 -2.55 -17.31 -18.87
N CYS A 190 -2.58 -15.97 -18.88
CA CYS A 190 -3.86 -15.26 -18.98
C CYS A 190 -4.43 -15.36 -20.38
N CYS A 191 -3.56 -15.42 -21.40
CA CYS A 191 -4.06 -15.56 -22.77
C CYS A 191 -4.84 -16.86 -22.95
N LEU A 192 -4.49 -17.89 -22.18
CA LEU A 192 -5.25 -19.14 -22.24
C LEU A 192 -6.65 -18.97 -21.67
N LEU A 193 -6.77 -18.32 -20.50
CA LEU A 193 -8.08 -18.11 -19.90
C LEU A 193 -8.96 -17.23 -20.78
N THR A 194 -8.39 -16.16 -21.33
CA THR A 194 -9.14 -15.23 -22.17
C THR A 194 -9.47 -15.83 -23.53
N ASP A 195 -8.85 -16.95 -23.89
CA ASP A 195 -8.96 -17.55 -25.22
C ASP A 195 -8.50 -16.52 -26.25
N GLN A 196 -7.22 -16.16 -26.15
CA GLN A 196 -6.51 -15.41 -27.20
C GLN A 196 -5.18 -16.10 -27.43
N LEU A 197 -5.19 -17.10 -28.30
CA LEU A 197 -4.00 -17.90 -28.58
C LEU A 197 -3.11 -17.28 -29.65
N PRO A 198 -3.65 -16.74 -30.75
CA PRO A 198 -2.77 -16.12 -31.76
C PRO A 198 -1.90 -15.02 -31.20
N LEU A 199 -2.40 -14.22 -30.26
CA LEU A 199 -1.58 -13.16 -29.66
C LEU A 199 -0.39 -13.76 -28.91
N ALA A 200 -0.63 -14.79 -28.11
CA ALA A 200 0.47 -15.44 -27.39
C ALA A 200 1.47 -16.05 -28.36
N HIS A 201 0.98 -16.70 -29.41
CA HIS A 201 1.88 -17.28 -30.40
C HIS A 201 2.72 -16.22 -31.09
N HIS A 202 2.10 -15.09 -31.45
CA HIS A 202 2.84 -14.01 -32.10
C HIS A 202 3.90 -13.43 -31.17
N LEU A 203 3.55 -13.21 -29.91
CA LEU A 203 4.54 -12.70 -28.97
C LEU A 203 5.68 -13.69 -28.79
N LEU A 204 5.36 -14.99 -28.77
CA LEU A 204 6.39 -16.01 -28.63
C LEU A 204 7.34 -16.02 -29.82
N VAL A 205 6.79 -15.93 -31.05
CA VAL A 205 7.66 -15.95 -32.22
C VAL A 205 8.53 -14.69 -32.25
N VAL A 206 7.96 -13.55 -31.85
CA VAL A 206 8.73 -12.30 -31.86
C VAL A 206 9.86 -12.37 -30.85
N HIS A 207 9.58 -12.88 -29.65
CA HIS A 207 10.63 -12.96 -28.64
C HIS A 207 11.68 -14.02 -29.02
N HIS A 208 11.27 -15.06 -29.73
CA HIS A 208 12.23 -16.07 -30.17
C HIS A 208 13.09 -15.57 -31.32
N GLY A 209 12.58 -14.61 -32.09
CA GLY A 209 13.29 -14.10 -33.24
C GLY A 209 14.59 -13.37 -32.95
N GLN A 210 14.59 -12.48 -31.97
CA GLN A 210 15.76 -11.63 -31.74
C GLN A 210 16.69 -12.26 -30.70
N ARG A 211 17.99 -11.98 -30.86
CA ARG A 211 19.02 -12.61 -30.02
C ARG A 211 18.83 -12.28 -28.55
N GLN A 212 18.56 -11.02 -28.23
CA GLN A 212 18.48 -10.62 -26.83
C GLN A 212 17.21 -11.12 -26.15
N LYS A 213 16.07 -11.03 -26.84
CA LYS A 213 14.81 -11.44 -26.24
C LYS A 213 14.54 -12.94 -26.37
N ARG A 214 15.43 -13.69 -27.02
CA ARG A 214 15.31 -15.14 -26.98
C ARG A 214 15.72 -15.70 -25.62
N LYS A 215 16.67 -15.04 -24.96
CA LYS A 215 17.16 -15.52 -23.66
C LYS A 215 16.10 -15.39 -22.58
N LEU A 216 15.07 -14.58 -22.82
CA LEU A 216 14.02 -14.40 -21.81
C LEU A 216 13.14 -15.63 -21.68
N LEU A 217 12.80 -16.25 -22.80
CA LEU A 217 11.86 -17.37 -22.79
C LEU A 217 12.46 -18.59 -22.10
N THR A 218 11.61 -19.27 -21.32
CA THR A 218 11.98 -20.50 -20.63
C THR A 218 11.01 -21.60 -21.04
N LEU A 219 11.14 -22.76 -20.39
CA LEU A 219 10.39 -23.94 -20.80
C LEU A 219 8.90 -23.81 -20.49
N ASP A 220 8.56 -23.13 -19.40
CA ASP A 220 7.16 -23.06 -18.97
C ASP A 220 6.30 -22.33 -20.00
N MET A 221 6.83 -21.27 -20.61
CA MET A 221 6.06 -20.55 -21.62
C MET A 221 5.77 -21.44 -22.83
N TYR A 222 6.77 -22.18 -23.30
CA TYR A 222 6.55 -23.10 -24.40
C TYR A 222 5.52 -24.16 -24.03
N ASN A 223 5.60 -24.68 -22.80
CA ASN A 223 4.63 -25.68 -22.36
C ASN A 223 3.22 -25.11 -22.33
N ALA A 224 3.08 -23.88 -21.85
CA ALA A 224 1.76 -23.25 -21.77
C ALA A 224 1.16 -23.06 -23.17
N VAL A 225 1.95 -22.54 -24.10
CA VAL A 225 1.44 -22.36 -25.46
C VAL A 225 1.15 -23.71 -26.11
N MET A 226 1.97 -24.72 -25.82
CA MET A 226 1.74 -26.05 -26.36
C MET A 226 0.42 -26.62 -25.86
N LEU A 227 0.16 -26.48 -24.56
CA LEU A 227 -1.11 -26.95 -24.00
C LEU A 227 -2.29 -26.19 -24.59
N GLY A 228 -2.14 -24.88 -24.75
CA GLY A 228 -3.21 -24.08 -25.33
C GLY A 228 -3.55 -24.52 -26.74
N TRP A 229 -2.52 -24.81 -27.55
CA TRP A 229 -2.78 -25.33 -28.89
C TRP A 229 -3.36 -26.73 -28.85
N ALA A 230 -2.93 -27.53 -27.87
CA ALA A 230 -3.41 -28.91 -27.77
C ALA A 230 -4.91 -28.95 -27.47
N ARG A 231 -5.38 -28.03 -26.62
CA ARG A 231 -6.80 -28.04 -26.27
C ARG A 231 -7.70 -27.91 -27.49
N GLN A 232 -7.23 -27.25 -28.55
CA GLN A 232 -7.99 -27.15 -29.78
C GLN A 232 -7.68 -28.28 -30.77
N GLY A 233 -6.76 -29.17 -30.43
CA GLY A 233 -6.40 -30.26 -31.33
C GLY A 233 -5.77 -29.79 -32.63
N ALA A 234 -4.87 -28.82 -32.56
CA ALA A 234 -4.16 -28.30 -33.72
C ALA A 234 -2.75 -28.88 -33.73
N PHE A 235 -2.38 -29.49 -34.86
CA PHE A 235 -1.09 -30.19 -34.93
C PHE A 235 0.01 -29.30 -35.50
N LYS A 236 -0.32 -28.43 -36.45
CA LYS A 236 0.71 -27.65 -37.12
C LYS A 236 1.38 -26.66 -36.17
N GLU A 237 0.58 -25.92 -35.40
CA GLU A 237 1.14 -24.96 -34.46
C GLU A 237 1.85 -25.68 -33.33
N LEU A 238 1.35 -26.85 -32.93
CA LEU A 238 2.03 -27.65 -31.92
C LEU A 238 3.42 -28.07 -32.41
N VAL A 239 3.51 -28.46 -33.68
CA VAL A 239 4.80 -28.82 -34.26
C VAL A 239 5.71 -27.60 -34.34
N TYR A 240 5.15 -26.44 -34.65
CA TYR A 240 5.95 -25.22 -34.66
C TYR A 240 6.54 -24.93 -33.29
N VAL A 241 5.74 -25.05 -32.24
CA VAL A 241 6.24 -24.79 -30.89
C VAL A 241 7.28 -25.83 -30.50
N LEU A 242 7.09 -27.09 -30.93
CA LEU A 242 8.08 -28.12 -30.65
C LEU A 242 9.40 -27.81 -31.35
N PHE A 243 9.35 -27.37 -32.60
CA PHE A 243 10.55 -26.93 -33.29
C PHE A 243 11.23 -25.80 -32.52
N MET A 244 10.44 -24.85 -32.02
CA MET A 244 10.99 -23.74 -31.25
C MET A 244 11.72 -24.24 -30.02
N VAL A 245 11.09 -25.10 -29.23
CA VAL A 245 11.68 -25.53 -27.96
C VAL A 245 12.90 -26.41 -28.23
N LYS A 246 12.91 -27.14 -29.34
CA LYS A 246 14.10 -27.91 -29.69
C LYS A 246 15.23 -26.99 -30.14
N ASP A 247 14.90 -25.92 -30.86
CA ASP A 247 15.91 -24.96 -31.28
C ASP A 247 16.54 -24.27 -30.07
N ALA A 248 15.73 -23.94 -29.06
CA ALA A 248 16.23 -23.27 -27.87
C ALA A 248 17.21 -24.13 -27.07
N GLY A 249 17.28 -25.43 -27.35
CA GLY A 249 18.14 -26.32 -26.61
C GLY A 249 17.56 -26.72 -25.26
N LEU A 250 16.36 -27.28 -25.28
CA LEU A 250 15.66 -27.67 -24.07
C LEU A 250 15.03 -29.05 -24.26
N THR A 251 14.97 -29.81 -23.17
CA THR A 251 14.41 -31.16 -23.18
C THR A 251 12.96 -31.13 -22.78
N PRO A 252 12.05 -31.64 -23.62
CA PRO A 252 10.63 -31.66 -23.24
C PRO A 252 10.40 -32.45 -21.96
N ASP A 253 9.54 -31.92 -21.11
CA ASP A 253 9.19 -32.52 -19.83
C ASP A 253 7.90 -33.32 -19.95
N LEU A 254 7.35 -33.73 -18.80
CA LEU A 254 6.14 -34.54 -18.79
C LEU A 254 4.96 -33.79 -19.40
N LEU A 255 4.86 -32.48 -19.12
CA LEU A 255 3.74 -31.70 -19.64
C LEU A 255 3.78 -31.59 -21.15
N SER A 256 4.98 -31.54 -21.74
CA SER A 256 5.10 -31.54 -23.19
C SER A 256 4.56 -32.82 -23.81
N TYR A 257 4.76 -33.97 -23.17
CA TYR A 257 4.16 -35.21 -23.60
C TYR A 257 2.66 -35.25 -23.35
N ALA A 258 2.20 -34.67 -22.25
CA ALA A 258 0.77 -34.57 -21.97
C ALA A 258 0.04 -33.78 -23.05
N ALA A 259 0.63 -32.67 -23.49
CA ALA A 259 0.00 -31.88 -24.54
C ALA A 259 -0.13 -32.68 -25.83
N ALA A 260 0.91 -33.40 -26.22
CA ALA A 260 0.85 -34.21 -27.43
C ALA A 260 -0.18 -35.33 -27.30
N LEU A 261 -0.22 -35.99 -26.15
CA LEU A 261 -1.20 -37.05 -25.95
C LEU A 261 -2.62 -36.52 -26.00
N GLN A 262 -2.85 -35.35 -25.39
CA GLN A 262 -4.17 -34.73 -25.44
C GLN A 262 -4.54 -34.37 -26.87
N CYS A 263 -3.58 -33.86 -27.64
CA CYS A 263 -3.85 -33.51 -29.04
C CYS A 263 -4.24 -34.75 -29.83
N MET A 264 -3.49 -35.85 -29.66
CA MET A 264 -3.81 -37.08 -30.38
C MET A 264 -5.16 -37.64 -29.95
N GLY A 265 -5.46 -37.58 -28.65
CA GLY A 265 -6.74 -38.08 -28.19
C GLY A 265 -7.92 -37.28 -28.72
N ARG A 266 -7.79 -35.95 -28.73
CA ARG A 266 -8.86 -35.12 -29.26
C ARG A 266 -9.01 -35.30 -30.77
N GLN A 267 -7.90 -35.46 -31.49
CA GLN A 267 -7.98 -35.64 -32.93
C GLN A 267 -8.46 -37.02 -33.34
N ASP A 268 -8.45 -37.98 -32.41
CA ASP A 268 -8.89 -39.36 -32.68
C ASP A 268 -8.11 -39.97 -33.84
N GLN A 269 -6.82 -39.67 -33.89
CA GLN A 269 -5.94 -40.14 -34.96
C GLN A 269 -5.49 -41.57 -34.65
N ASP A 270 -4.87 -42.23 -35.63
CA ASP A 270 -4.59 -43.66 -35.54
C ASP A 270 -3.64 -43.97 -34.40
N ALA A 271 -3.73 -45.19 -33.88
CA ALA A 271 -3.03 -45.55 -32.64
C ALA A 271 -1.53 -45.66 -32.83
N GLY A 272 -1.04 -45.64 -34.08
CA GLY A 272 0.39 -45.91 -34.30
C GLY A 272 1.30 -44.93 -33.61
N THR A 273 1.07 -43.63 -33.85
CA THR A 273 1.87 -42.60 -33.18
C THR A 273 1.69 -42.70 -31.67
N ILE A 274 0.51 -43.15 -31.23
CA ILE A 274 0.26 -43.26 -29.80
C ILE A 274 1.15 -44.34 -29.17
N GLU A 275 1.21 -45.54 -29.77
CA GLU A 275 2.06 -46.57 -29.18
C GLU A 275 3.53 -46.17 -29.27
N ARG A 276 3.92 -45.50 -30.37
CA ARG A 276 5.29 -45.01 -30.45
C ARG A 276 5.59 -44.04 -29.31
N CYS A 277 4.67 -43.12 -29.04
CA CYS A 277 4.88 -42.14 -27.98
C CYS A 277 4.96 -42.81 -26.61
N LEU A 278 4.09 -43.78 -26.34
CA LEU A 278 4.12 -44.41 -25.01
C LEU A 278 5.34 -45.31 -24.84
N GLU A 279 5.76 -46.01 -25.90
CA GLU A 279 6.98 -46.80 -25.79
C GLU A 279 8.19 -45.91 -25.56
N GLN A 280 8.25 -44.74 -26.21
CA GLN A 280 9.31 -43.81 -25.82
C GLN A 280 9.16 -43.35 -24.38
N MET A 281 7.96 -42.96 -23.97
CA MET A 281 7.76 -42.48 -22.61
C MET A 281 8.26 -43.50 -21.59
N SER A 282 8.09 -44.78 -21.90
CA SER A 282 8.72 -45.83 -21.10
C SER A 282 10.24 -45.78 -21.21
N GLN A 283 10.75 -45.59 -22.43
CA GLN A 283 12.20 -45.65 -22.64
C GLN A 283 12.93 -44.52 -21.90
N GLU A 284 12.44 -43.29 -22.01
CA GLU A 284 13.10 -42.14 -21.41
C GLU A 284 13.07 -42.19 -19.89
N GLY A 285 12.12 -42.95 -19.33
CA GLY A 285 11.97 -43.03 -17.89
C GLY A 285 10.77 -42.32 -17.33
N LEU A 286 9.99 -41.62 -18.15
CA LEU A 286 8.78 -40.97 -17.68
C LEU A 286 7.73 -42.02 -17.34
N LYS A 287 6.95 -41.74 -16.30
CA LYS A 287 5.95 -42.68 -15.80
C LYS A 287 4.56 -42.16 -16.12
N LEU A 288 3.72 -43.03 -16.70
CA LEU A 288 2.37 -42.62 -17.06
C LEU A 288 1.54 -42.28 -15.82
N GLN A 289 1.88 -42.87 -14.67
CA GLN A 289 1.16 -42.55 -13.44
C GLN A 289 1.39 -41.11 -13.01
N ALA A 290 2.62 -40.61 -13.19
CA ALA A 290 2.89 -39.21 -12.85
C ALA A 290 2.19 -38.26 -13.81
N LEU A 291 1.69 -38.77 -14.94
CA LEU A 291 1.04 -37.91 -15.92
C LEU A 291 -0.30 -37.39 -15.41
N PHE A 292 -1.00 -38.19 -14.63
CA PHE A 292 -2.35 -37.83 -14.19
C PHE A 292 -2.39 -37.13 -12.83
N THR A 293 -1.25 -36.88 -12.20
CA THR A 293 -1.24 -36.16 -10.94
C THR A 293 -0.63 -34.76 -11.07
N ALA A 294 -0.29 -34.34 -12.29
CA ALA A 294 0.24 -33.00 -12.50
C ALA A 294 -0.79 -31.95 -12.09
N VAL A 295 -0.33 -30.95 -11.34
CA VAL A 295 -1.23 -29.92 -10.83
C VAL A 295 -1.81 -29.10 -11.98
N LEU A 296 -0.98 -28.76 -12.96
CA LEU A 296 -1.40 -27.88 -14.05
C LEU A 296 -2.20 -28.64 -15.11
N LEU A 297 -3.30 -29.27 -14.71
CA LEU A 297 -4.17 -29.96 -15.65
C LEU A 297 -5.61 -29.86 -15.18
N SER A 298 -6.52 -29.92 -16.14
CA SER A 298 -7.95 -29.89 -15.87
C SER A 298 -8.53 -31.29 -16.00
N GLU A 299 -9.77 -31.46 -15.51
CA GLU A 299 -10.40 -32.77 -15.54
C GLU A 299 -10.75 -33.19 -16.97
N GLU A 300 -11.10 -32.22 -17.83
CA GLU A 300 -11.34 -32.55 -19.23
C GLU A 300 -10.06 -33.05 -19.90
N ASP A 301 -8.94 -32.40 -19.62
CA ASP A 301 -7.67 -32.84 -20.20
C ASP A 301 -7.28 -34.21 -19.70
N ARG A 302 -7.50 -34.47 -18.40
CA ARG A 302 -7.23 -35.80 -17.86
C ARG A 302 -8.11 -36.85 -18.52
N ALA A 303 -9.39 -36.52 -18.73
CA ALA A 303 -10.28 -37.46 -19.41
C ALA A 303 -9.81 -37.75 -20.82
N THR A 304 -9.39 -36.71 -21.54
CA THR A 304 -8.95 -36.90 -22.92
C THR A 304 -7.67 -37.74 -23.00
N VAL A 305 -6.68 -37.45 -22.14
CA VAL A 305 -5.46 -38.24 -22.16
C VAL A 305 -5.73 -39.66 -21.69
N LEU A 306 -6.67 -39.83 -20.76
CA LEU A 306 -7.06 -41.18 -20.34
C LEU A 306 -7.68 -41.96 -21.49
N LYS A 307 -8.54 -41.30 -22.28
CA LYS A 307 -9.11 -41.96 -23.45
C LYS A 307 -8.03 -42.33 -24.46
N ALA A 308 -7.08 -41.42 -24.69
CA ALA A 308 -6.00 -41.70 -25.63
C ALA A 308 -5.18 -42.89 -25.18
N VAL A 309 -4.87 -42.97 -23.89
CA VAL A 309 -4.10 -44.11 -23.37
C VAL A 309 -4.93 -45.38 -23.42
N HIS A 310 -6.22 -45.29 -23.09
CA HIS A 310 -7.09 -46.46 -23.09
C HIS A 310 -7.19 -47.07 -24.48
N LYS A 311 -7.13 -46.24 -25.52
CA LYS A 311 -7.18 -46.77 -26.88
C LYS A 311 -6.03 -47.74 -27.14
N VAL A 312 -4.86 -47.48 -26.58
CA VAL A 312 -3.70 -48.33 -26.83
C VAL A 312 -3.61 -49.43 -25.78
N LYS A 313 -3.60 -49.05 -24.49
CA LYS A 313 -3.55 -49.97 -23.37
C LYS A 313 -4.94 -50.12 -22.77
N PRO A 314 -5.62 -51.26 -22.93
CA PRO A 314 -7.01 -51.34 -22.44
C PRO A 314 -7.12 -51.45 -20.93
N THR A 315 -6.10 -51.97 -20.25
CA THR A 315 -6.18 -52.23 -18.82
C THR A 315 -5.59 -51.10 -17.98
N PHE A 316 -5.30 -49.95 -18.58
CA PHE A 316 -4.76 -48.84 -17.82
C PHE A 316 -5.77 -48.36 -16.79
N SER A 317 -5.37 -48.40 -15.53
CA SER A 317 -6.26 -48.09 -14.41
C SER A 317 -5.65 -46.98 -13.56
N LEU A 318 -6.46 -45.98 -13.24
CA LEU A 318 -6.03 -44.96 -12.30
C LEU A 318 -5.88 -45.58 -10.91
N PRO A 319 -4.97 -45.07 -10.09
CA PRO A 319 -4.80 -45.63 -8.75
C PRO A 319 -6.08 -45.55 -7.95
N PRO A 320 -6.43 -46.60 -7.22
CA PRO A 320 -7.69 -46.60 -6.46
C PRO A 320 -7.69 -45.54 -5.38
N GLN A 321 -8.87 -45.02 -5.09
CA GLN A 321 -9.01 -44.03 -4.03
C GLN A 321 -8.74 -44.65 -2.67
N LEU A 322 -8.32 -43.81 -1.72
CA LEU A 322 -7.95 -44.28 -0.41
C LEU A 322 -8.92 -43.75 0.64
N PRO A 323 -9.18 -44.50 1.71
CA PRO A 323 -9.96 -43.97 2.82
C PRO A 323 -9.26 -42.77 3.44
N PRO A 324 -10.00 -41.76 3.84
CA PRO A 324 -9.38 -40.54 4.37
C PRO A 324 -8.54 -40.83 5.60
N PRO A 325 -7.37 -40.22 5.71
CA PRO A 325 -6.52 -40.44 6.89
C PRO A 325 -7.09 -39.73 8.11
N VAL A 326 -6.66 -40.21 9.28
CA VAL A 326 -7.09 -39.66 10.56
C VAL A 326 -5.85 -39.29 11.37
N ASN A 327 -5.92 -38.15 12.05
CA ASN A 327 -4.81 -37.71 12.89
C ASN A 327 -4.61 -38.67 14.05
N THR A 328 -3.34 -38.94 14.37
CA THR A 328 -2.99 -39.86 15.45
C THR A 328 -2.03 -39.22 16.46
N SER A 329 -2.03 -37.89 16.55
CA SER A 329 -1.14 -37.21 17.49
C SER A 329 -1.57 -37.48 18.91
N LYS A 330 -0.64 -37.25 19.84
CA LYS A 330 -0.90 -37.54 21.25
C LYS A 330 -2.04 -36.70 21.79
N LEU A 331 -2.06 -35.40 21.44
CA LEU A 331 -3.07 -34.51 21.99
C LEU A 331 -4.42 -34.68 21.30
N LEU A 332 -4.42 -34.94 20.00
CA LEU A 332 -5.64 -35.00 19.21
C LEU A 332 -6.20 -36.40 19.05
N ARG A 333 -5.64 -37.40 19.74
CA ARG A 333 -6.15 -38.76 19.61
C ARG A 333 -7.56 -38.89 20.18
N ASP A 334 -7.84 -38.22 21.29
CA ASP A 334 -9.15 -38.33 21.90
C ASP A 334 -10.23 -37.70 21.04
N VAL A 335 -9.89 -36.62 20.33
CA VAL A 335 -10.88 -35.90 19.55
C VAL A 335 -11.36 -36.74 18.37
N TYR A 336 -10.45 -37.48 17.72
CA TYR A 336 -10.78 -38.24 16.52
C TYR A 336 -11.02 -39.72 16.81
N ALA A 337 -11.18 -40.10 18.06
CA ALA A 337 -11.48 -41.49 18.39
C ALA A 337 -12.92 -41.81 18.00
N LYS A 338 -13.13 -42.94 17.32
CA LYS A 338 -14.45 -43.34 16.87
C LYS A 338 -15.22 -44.14 17.92
N ASP A 339 -14.63 -44.40 19.08
CA ASP A 339 -15.28 -45.15 20.14
C ASP A 339 -15.52 -44.23 21.32
N GLY A 340 -16.77 -44.13 21.75
CA GLY A 340 -17.13 -43.30 22.88
C GLY A 340 -18.54 -42.78 22.72
N ARG A 341 -18.93 -41.92 23.66
CA ARG A 341 -20.24 -41.28 23.66
C ARG A 341 -20.07 -39.84 23.22
N VAL A 342 -20.85 -39.43 22.23
CA VAL A 342 -20.75 -38.08 21.65
C VAL A 342 -22.14 -37.48 21.56
N SER A 343 -22.25 -36.20 21.93
CA SER A 343 -23.48 -35.43 21.78
C SER A 343 -23.13 -34.13 21.05
N TYR A 344 -23.13 -34.18 19.72
CA TYR A 344 -22.75 -33.02 18.94
C TYR A 344 -23.92 -32.03 18.88
N PRO A 345 -23.66 -30.74 19.02
CA PRO A 345 -24.75 -29.75 18.97
C PRO A 345 -25.40 -29.70 17.61
N LYS A 346 -26.69 -29.37 17.60
CA LYS A 346 -27.46 -29.18 16.39
C LYS A 346 -28.14 -27.82 16.43
N LEU A 347 -28.45 -27.30 15.24
CA LEU A 347 -29.10 -26.00 15.15
C LEU A 347 -30.56 -26.09 15.60
N HIS A 348 -31.21 -24.93 15.64
CA HIS A 348 -32.60 -24.83 16.06
C HIS A 348 -33.54 -24.51 14.90
N LEU A 349 -33.12 -24.78 13.67
CA LEU A 349 -33.93 -24.40 12.52
C LEU A 349 -34.20 -25.61 11.62
N PRO A 350 -35.32 -25.63 10.92
CA PRO A 350 -35.60 -26.73 9.99
C PRO A 350 -34.69 -26.65 8.76
N LEU A 351 -34.74 -27.73 7.97
CA LEU A 351 -33.87 -27.83 6.80
C LEU A 351 -34.23 -26.80 5.73
N LYS A 352 -35.53 -26.60 5.51
CA LYS A 352 -35.96 -25.69 4.44
C LYS A 352 -35.49 -24.26 4.69
N THR A 353 -35.56 -23.82 5.95
CA THR A 353 -35.09 -22.48 6.28
C THR A 353 -33.61 -22.33 5.98
N LEU A 354 -32.81 -23.34 6.33
CA LEU A 354 -31.38 -23.28 6.07
C LEU A 354 -31.09 -23.28 4.57
N GLN A 355 -31.85 -24.05 3.80
CA GLN A 355 -31.66 -24.05 2.35
C GLN A 355 -32.00 -22.68 1.76
N CYS A 356 -33.08 -22.07 2.24
CA CYS A 356 -33.44 -20.73 1.76
C CYS A 356 -32.36 -19.71 2.11
N LEU A 357 -31.82 -19.80 3.33
CA LEU A 357 -30.74 -18.89 3.71
C LEU A 357 -29.50 -19.10 2.86
N PHE A 358 -29.18 -20.35 2.54
CA PHE A 358 -28.05 -20.63 1.66
C PHE A 358 -28.25 -20.02 0.28
N GLU A 359 -29.48 -20.14 -0.26
CA GLU A 359 -29.75 -19.52 -1.55
C GLU A 359 -29.61 -18.00 -1.48
N LYS A 360 -30.10 -17.39 -0.40
CA LYS A 360 -29.97 -15.94 -0.27
C LYS A 360 -28.51 -15.50 -0.20
N GLN A 361 -27.69 -16.23 0.55
CA GLN A 361 -26.27 -15.89 0.63
C GLN A 361 -25.58 -16.08 -0.72
N LEU A 362 -25.93 -17.14 -1.45
CA LEU A 362 -25.35 -17.34 -2.77
C LEU A 362 -25.70 -16.18 -3.70
N HIS A 363 -26.96 -15.74 -3.67
CA HIS A 363 -27.36 -14.60 -4.47
C HIS A 363 -26.57 -13.35 -4.08
N MET A 364 -26.41 -13.11 -2.78
CA MET A 364 -25.67 -11.93 -2.33
C MET A 364 -24.23 -11.97 -2.82
N GLU A 365 -23.57 -13.12 -2.70
CA GLU A 365 -22.17 -13.20 -3.11
C GLU A 365 -22.01 -13.08 -4.61
N LEU A 366 -22.95 -13.64 -5.39
CA LEU A 366 -22.89 -13.48 -6.84
C LEU A 366 -23.12 -12.02 -7.24
N ALA A 367 -23.93 -11.30 -6.48
CA ALA A 367 -24.16 -9.88 -6.77
C ALA A 367 -22.92 -9.03 -6.54
N SER A 368 -22.10 -9.39 -5.55
CA SER A 368 -20.87 -8.74 -5.12
C SER A 368 -21.13 -7.43 -4.38
N ARG A 369 -22.39 -7.02 -4.21
CA ARG A 369 -22.71 -5.78 -3.52
C ARG A 369 -23.93 -5.99 -2.64
N VAL A 370 -24.08 -5.13 -1.63
CA VAL A 370 -25.26 -5.09 -0.79
C VAL A 370 -25.53 -3.65 -0.40
N CYS A 371 -26.80 -3.30 -0.28
CA CYS A 371 -27.22 -1.94 0.03
C CYS A 371 -27.89 -1.93 1.40
N VAL A 372 -27.46 -1.00 2.25
CA VAL A 372 -27.96 -0.87 3.61
C VAL A 372 -28.53 0.54 3.77
N VAL A 373 -29.78 0.62 4.26
CA VAL A 373 -30.39 1.92 4.49
C VAL A 373 -29.66 2.62 5.63
N SER A 374 -29.26 3.87 5.39
CA SER A 374 -28.52 4.62 6.38
C SER A 374 -29.37 4.89 7.61
N VAL A 375 -28.70 4.95 8.77
CA VAL A 375 -29.41 5.12 10.04
C VAL A 375 -29.43 6.58 10.49
N GLU A 376 -28.92 7.50 9.67
CA GLU A 376 -28.96 8.91 10.02
C GLU A 376 -30.39 9.41 10.12
N LYS A 377 -30.55 10.56 10.77
CA LYS A 377 -31.87 11.17 10.86
C LYS A 377 -32.31 11.60 9.47
N PRO A 378 -33.45 11.12 8.98
CA PRO A 378 -33.86 11.44 7.60
C PRO A 378 -34.22 12.92 7.47
N THR A 379 -33.46 13.62 6.63
CA THR A 379 -33.70 15.04 6.44
C THR A 379 -35.02 15.29 5.74
N LEU A 380 -35.60 16.46 6.00
CA LEU A 380 -36.87 16.80 5.40
C LEU A 380 -36.68 17.07 3.91
N PRO A 381 -37.45 16.41 3.03
CA PRO A 381 -37.22 16.55 1.59
C PRO A 381 -37.67 17.91 1.04
N SER A 382 -36.85 18.93 1.23
CA SER A 382 -37.14 20.24 0.69
C SER A 382 -36.74 20.31 -0.78
N LYS A 383 -36.82 21.53 -1.33
CA LYS A 383 -36.44 21.74 -2.73
C LYS A 383 -34.94 21.54 -2.92
N GLU A 384 -34.14 21.98 -1.95
CA GLU A 384 -32.68 21.93 -2.07
C GLU A 384 -32.20 20.50 -2.21
N VAL A 385 -32.74 19.59 -1.40
CA VAL A 385 -32.32 18.19 -1.44
C VAL A 385 -32.68 17.57 -2.79
N LYS A 386 -33.89 17.86 -3.29
CA LYS A 386 -34.31 17.31 -4.57
C LYS A 386 -33.42 17.81 -5.70
N HIS A 387 -33.08 19.11 -5.69
CA HIS A 387 -32.21 19.65 -6.72
C HIS A 387 -30.83 19.00 -6.67
N ALA A 388 -30.28 18.83 -5.46
CA ALA A 388 -28.99 18.18 -5.33
C ALA A 388 -29.02 16.75 -5.85
N ARG A 389 -30.08 16.00 -5.53
CA ARG A 389 -30.17 14.62 -6.00
C ARG A 389 -30.29 14.56 -7.52
N LYS A 390 -31.06 15.48 -8.12
CA LYS A 390 -31.17 15.51 -9.57
C LYS A 390 -29.82 15.76 -10.23
N THR A 391 -29.08 16.75 -9.72
CA THR A 391 -27.76 17.05 -10.28
C THR A 391 -26.83 15.85 -10.11
N LEU A 392 -26.88 15.19 -8.96
CA LEU A 392 -26.04 14.03 -8.71
C LEU A 392 -26.33 12.92 -9.71
N LYS A 393 -27.61 12.65 -9.98
CA LYS A 393 -27.97 11.61 -10.94
C LYS A 393 -27.46 11.93 -12.33
N THR A 394 -27.64 13.18 -12.78
CA THR A 394 -27.14 13.56 -14.10
C THR A 394 -25.63 13.38 -14.20
N LEU A 395 -24.91 13.82 -13.17
CA LEU A 395 -23.45 13.69 -13.18
C LEU A 395 -23.03 12.23 -13.22
N ARG A 396 -23.72 11.37 -12.47
CA ARG A 396 -23.38 9.95 -12.46
C ARG A 396 -23.56 9.34 -13.84
N ASP A 397 -24.65 9.67 -14.53
CA ASP A 397 -24.85 9.13 -15.88
C ASP A 397 -23.74 9.58 -16.82
N GLN A 398 -23.39 10.88 -16.78
CA GLN A 398 -22.35 11.38 -17.66
C GLN A 398 -21.02 10.68 -17.38
N TRP A 399 -20.70 10.48 -16.11
CA TRP A 399 -19.46 9.81 -15.75
C TRP A 399 -19.44 8.37 -16.26
N GLU A 400 -20.58 7.68 -16.18
CA GLU A 400 -20.64 6.32 -16.70
C GLU A 400 -20.30 6.28 -18.19
N LYS A 401 -20.92 7.14 -18.99
CA LYS A 401 -20.61 7.14 -20.42
C LYS A 401 -19.15 7.49 -20.71
N ALA A 402 -18.61 8.50 -20.02
CA ALA A 402 -17.21 8.86 -20.22
C ALA A 402 -16.28 7.71 -19.90
N LEU A 403 -16.53 7.00 -18.80
CA LEU A 403 -15.69 5.88 -18.41
C LEU A 403 -15.75 4.76 -19.47
N CYS A 404 -16.94 4.49 -20.01
CA CYS A 404 -17.04 3.48 -21.06
C CYS A 404 -16.18 3.84 -22.26
N ARG A 405 -16.28 5.09 -22.72
CA ARG A 405 -15.49 5.49 -23.89
C ARG A 405 -13.99 5.40 -23.60
N ALA A 406 -13.56 5.84 -22.41
CA ALA A 406 -12.15 5.79 -22.07
C ALA A 406 -11.64 4.36 -22.04
N LEU A 407 -12.44 3.44 -21.49
CA LEU A 407 -12.03 2.04 -21.45
C LEU A 407 -11.85 1.47 -22.85
N ARG A 408 -12.78 1.77 -23.75
CA ARG A 408 -12.64 1.26 -25.11
C ARG A 408 -11.38 1.80 -25.78
N GLU A 409 -11.11 3.10 -25.62
CA GLU A 409 -9.90 3.66 -26.24
C GLU A 409 -8.64 3.03 -25.67
N THR A 410 -8.60 2.82 -24.35
CA THR A 410 -7.43 2.19 -23.74
C THR A 410 -7.22 0.78 -24.25
N LYS A 411 -8.32 0.02 -24.41
CA LYS A 411 -8.20 -1.33 -24.95
C LYS A 411 -7.59 -1.30 -26.34
N ASN A 412 -8.07 -0.39 -27.20
CA ASN A 412 -7.51 -0.29 -28.55
C ASN A 412 -6.01 0.01 -28.51
N ARG A 413 -5.62 0.96 -27.66
CA ARG A 413 -4.21 1.35 -27.60
C ARG A 413 -3.34 0.20 -27.13
N LEU A 414 -3.80 -0.54 -26.11
CA LEU A 414 -3.00 -1.64 -25.59
C LEU A 414 -2.89 -2.78 -26.59
N GLU A 415 -3.98 -3.07 -27.32
CA GLU A 415 -3.89 -4.07 -28.37
C GLU A 415 -2.90 -3.68 -29.44
N ARG A 416 -2.92 -2.40 -29.86
CA ARG A 416 -1.95 -1.94 -30.84
C ARG A 416 -0.53 -2.08 -30.32
N GLU A 417 -0.33 -1.81 -29.02
CA GLU A 417 1.00 -1.98 -28.44
C GLU A 417 1.44 -3.43 -28.48
N VAL A 418 0.53 -4.37 -28.18
CA VAL A 418 0.87 -5.79 -28.25
C VAL A 418 1.24 -6.18 -29.68
N TYR A 419 0.52 -5.64 -30.67
CA TYR A 419 0.78 -6.04 -32.05
C TYR A 419 2.18 -5.68 -32.54
N GLU A 420 2.90 -4.82 -31.82
CA GLU A 420 4.26 -4.44 -32.19
C GLU A 420 5.31 -5.27 -31.46
N GLY A 421 4.90 -6.34 -30.79
CA GLY A 421 5.84 -7.25 -30.16
C GLY A 421 6.33 -6.85 -28.79
N ARG A 422 5.49 -6.18 -27.99
CA ARG A 422 5.85 -5.81 -26.63
C ARG A 422 4.72 -6.17 -25.68
N PHE A 423 5.08 -6.38 -24.41
CA PHE A 423 4.13 -6.79 -23.40
C PHE A 423 3.25 -5.62 -22.95
N SER A 424 1.97 -5.91 -22.74
CA SER A 424 1.04 -4.95 -22.14
C SER A 424 -0.10 -5.73 -21.49
N LEU A 425 -1.07 -4.99 -20.95
CA LEU A 425 -2.12 -5.54 -20.10
C LEU A 425 -3.42 -5.79 -20.84
N TYR A 426 -3.36 -6.15 -22.12
CA TYR A 426 -4.59 -6.32 -22.89
C TYR A 426 -5.42 -7.53 -22.44
N PRO A 427 -4.86 -8.75 -22.32
CA PRO A 427 -5.70 -9.87 -21.84
C PRO A 427 -6.24 -9.67 -20.44
N PHE A 428 -5.49 -9.02 -19.55
CA PHE A 428 -6.00 -8.76 -18.20
C PHE A 428 -7.24 -7.87 -18.24
N LEU A 429 -7.24 -6.89 -19.15
CA LEU A 429 -8.42 -6.06 -19.32
C LEU A 429 -9.56 -6.84 -19.95
N CYS A 430 -9.25 -7.84 -20.78
CA CYS A 430 -10.30 -8.65 -21.40
C CYS A 430 -10.95 -9.65 -20.45
N LEU A 431 -10.45 -9.81 -19.22
CA LEU A 431 -10.98 -10.81 -18.30
C LEU A 431 -12.40 -10.48 -17.84
N LEU A 432 -12.71 -9.20 -17.65
CA LEU A 432 -14.01 -8.81 -17.12
C LEU A 432 -14.82 -8.04 -18.16
N ASP A 433 -16.13 -8.05 -17.98
CA ASP A 433 -17.03 -7.30 -18.86
C ASP A 433 -16.86 -5.80 -18.62
N GLU A 434 -17.17 -5.01 -19.65
CA GLU A 434 -17.03 -3.56 -19.55
C GLU A 434 -17.94 -3.00 -18.47
N ARG A 435 -19.19 -3.46 -18.41
CA ARG A 435 -20.16 -2.89 -17.47
C ARG A 435 -19.73 -3.13 -16.03
N GLU A 436 -19.20 -4.32 -15.73
CA GLU A 436 -18.77 -4.61 -14.37
C GLU A 436 -17.61 -3.71 -13.95
N VAL A 437 -16.64 -3.50 -14.84
CA VAL A 437 -15.51 -2.64 -14.51
C VAL A 437 -15.98 -1.20 -14.32
N VAL A 438 -16.90 -0.74 -15.18
CA VAL A 438 -17.41 0.62 -15.05
C VAL A 438 -18.15 0.79 -13.73
N ARG A 439 -18.96 -0.20 -13.35
CA ARG A 439 -19.68 -0.10 -12.09
C ARG A 439 -18.73 -0.14 -10.90
N MET A 440 -17.68 -0.96 -10.97
CA MET A 440 -16.68 -0.96 -9.90
C MET A 440 -16.02 0.40 -9.76
N LEU A 441 -15.63 1.00 -10.89
CA LEU A 441 -14.98 2.31 -10.88
C LEU A 441 -15.91 3.41 -10.38
N LEU A 442 -17.20 3.35 -10.71
CA LEU A 442 -18.16 4.32 -10.21
C LEU A 442 -18.51 4.11 -8.75
N GLN A 443 -18.45 2.88 -8.25
CA GLN A 443 -18.63 2.61 -6.83
C GLN A 443 -17.45 3.05 -6.00
N VAL A 444 -16.23 2.98 -6.54
CA VAL A 444 -15.07 3.50 -5.82
C VAL A 444 -15.18 5.01 -5.65
N LEU A 445 -15.60 5.72 -6.70
CA LEU A 445 -15.71 7.17 -6.63
C LEU A 445 -16.76 7.61 -5.62
N GLN A 446 -17.86 6.86 -5.52
CA GLN A 446 -18.95 7.24 -4.64
C GLN A 446 -18.54 7.24 -3.16
N ALA A 447 -17.54 6.44 -2.78
CA ALA A 447 -17.17 6.30 -1.37
C ALA A 447 -15.79 6.88 -1.09
N LEU A 448 -15.35 7.85 -1.88
CA LEU A 448 -14.05 8.46 -1.63
C LEU A 448 -14.16 9.52 -0.54
N PRO A 449 -13.35 9.47 0.51
CA PRO A 449 -13.43 10.47 1.57
C PRO A 449 -13.03 11.85 1.07
N ALA A 450 -13.58 12.87 1.73
CA ALA A 450 -13.33 14.25 1.30
C ALA A 450 -11.87 14.64 1.49
N GLN A 451 -11.20 14.09 2.51
CA GLN A 451 -9.80 14.42 2.74
C GLN A 451 -8.92 13.88 1.63
N GLY A 452 -9.26 12.73 1.08
CA GLY A 452 -8.53 12.16 -0.03
C GLY A 452 -7.90 10.82 0.33
N GLU A 453 -7.38 10.16 -0.71
CA GLU A 453 -6.73 8.87 -0.59
C GLU A 453 -5.42 8.89 -1.35
N SER A 454 -4.46 8.10 -0.88
CA SER A 454 -3.16 8.02 -1.50
C SER A 454 -3.24 7.29 -2.85
N PHE A 455 -2.29 7.60 -3.74
CA PHE A 455 -2.28 6.95 -5.04
C PHE A 455 -2.00 5.46 -4.92
N THR A 456 -1.02 5.09 -4.09
CA THR A 456 -0.64 3.68 -3.97
C THR A 456 -1.77 2.87 -3.35
N THR A 457 -2.47 3.42 -2.36
CA THR A 457 -3.58 2.70 -1.75
C THR A 457 -4.68 2.45 -2.76
N LEU A 458 -5.01 3.45 -3.58
CA LEU A 458 -6.02 3.27 -4.61
C LEU A 458 -5.58 2.23 -5.63
N ALA A 459 -4.30 2.26 -6.02
CA ALA A 459 -3.80 1.26 -6.97
C ALA A 459 -3.90 -0.14 -6.39
N ARG A 460 -3.61 -0.30 -5.10
CA ARG A 460 -3.74 -1.61 -4.47
C ARG A 460 -5.18 -2.07 -4.41
N GLU A 461 -6.09 -1.15 -4.03
CA GLU A 461 -7.50 -1.53 -3.87
C GLU A 461 -8.13 -1.90 -5.21
N LEU A 462 -7.85 -1.12 -6.26
CA LEU A 462 -8.51 -1.37 -7.54
C LEU A 462 -8.12 -2.72 -8.13
N SER A 463 -6.85 -3.11 -7.98
CA SER A 463 -6.42 -4.41 -8.50
C SER A 463 -6.99 -5.55 -7.69
N ALA A 464 -7.10 -5.37 -6.37
CA ALA A 464 -7.61 -6.45 -5.52
C ALA A 464 -9.08 -6.72 -5.78
N ARG A 465 -9.85 -5.69 -6.12
CA ARG A 465 -11.26 -5.88 -6.39
C ARG A 465 -11.48 -6.59 -7.72
N THR A 466 -10.58 -6.37 -8.68
CA THR A 466 -10.74 -6.99 -9.99
C THR A 466 -10.52 -8.49 -9.92
N PHE A 467 -9.57 -8.94 -9.09
CA PHE A 467 -9.26 -10.37 -9.02
C PHE A 467 -10.44 -11.17 -8.49
N SER A 468 -11.10 -10.67 -7.44
CA SER A 468 -12.20 -11.42 -6.83
C SER A 468 -13.36 -11.62 -7.79
N ARG A 469 -13.75 -10.56 -8.52
CA ARG A 469 -14.83 -10.70 -9.49
C ARG A 469 -14.44 -11.64 -10.62
N HIS A 470 -13.17 -11.62 -11.01
CA HIS A 470 -12.69 -12.57 -12.02
C HIS A 470 -12.83 -14.00 -11.53
N VAL A 471 -12.45 -14.26 -10.27
CA VAL A 471 -12.54 -15.61 -9.72
C VAL A 471 -14.00 -16.07 -9.67
N VAL A 472 -14.88 -15.18 -9.21
CA VAL A 472 -16.30 -15.53 -9.11
C VAL A 472 -16.87 -15.82 -10.49
N GLN A 473 -16.52 -14.99 -11.48
CA GLN A 473 -17.02 -15.20 -12.84
C GLN A 473 -16.51 -16.51 -13.43
N ARG A 474 -15.24 -16.84 -13.17
CA ARG A 474 -14.71 -18.11 -13.66
C ARG A 474 -15.42 -19.29 -13.03
N GLN A 475 -15.70 -19.22 -11.72
CA GLN A 475 -16.43 -20.31 -11.09
C GLN A 475 -17.85 -20.41 -11.65
N ARG A 476 -18.50 -19.28 -11.91
CA ARG A 476 -19.85 -19.32 -12.46
C ARG A 476 -19.85 -19.93 -13.86
N VAL A 477 -18.91 -19.53 -14.70
CA VAL A 477 -18.89 -20.00 -16.09
C VAL A 477 -18.49 -21.46 -16.16
N SER A 478 -17.51 -21.88 -15.35
CA SER A 478 -17.03 -23.26 -15.42
C SER A 478 -18.12 -24.27 -15.09
N GLY A 479 -18.94 -24.00 -14.08
CA GLY A 479 -20.04 -24.88 -13.75
C GLY A 479 -19.90 -25.56 -12.41
N GLN A 480 -19.18 -24.92 -11.48
CA GLN A 480 -19.04 -25.44 -10.13
C GLN A 480 -20.09 -24.90 -9.17
N VAL A 481 -20.84 -23.87 -9.58
CA VAL A 481 -21.91 -23.36 -8.75
C VAL A 481 -23.01 -24.40 -8.57
N GLN A 482 -23.35 -25.11 -9.65
CA GLN A 482 -24.36 -26.15 -9.56
C GLN A 482 -23.88 -27.30 -8.70
N ALA A 483 -22.59 -27.66 -8.80
CA ALA A 483 -22.05 -28.71 -7.96
C ALA A 483 -22.10 -28.32 -6.49
N LEU A 484 -21.74 -27.07 -6.17
CA LEU A 484 -21.83 -26.61 -4.80
C LEU A 484 -23.28 -26.60 -4.31
N GLN A 485 -24.21 -26.18 -5.16
CA GLN A 485 -25.62 -26.17 -4.78
C GLN A 485 -26.16 -27.56 -4.54
N ASN A 486 -25.69 -28.56 -5.29
CA ASN A 486 -26.09 -29.94 -5.05
C ASN A 486 -25.45 -30.53 -3.80
N HIS A 487 -24.22 -30.14 -3.50
CA HIS A 487 -23.50 -30.74 -2.37
C HIS A 487 -23.95 -30.13 -1.05
N TYR A 488 -24.15 -28.81 -1.00
CA TYR A 488 -24.50 -28.16 0.26
C TYR A 488 -25.89 -28.56 0.73
N ARG A 489 -26.83 -28.74 -0.19
CA ARG A 489 -28.19 -29.10 0.19
C ARG A 489 -28.25 -30.48 0.82
N LYS A 490 -27.27 -31.34 0.56
CA LYS A 490 -27.17 -32.62 1.24
C LYS A 490 -26.33 -32.54 2.50
N TYR A 491 -25.27 -31.74 2.48
CA TYR A 491 -24.43 -31.60 3.67
C TYR A 491 -25.16 -30.90 4.81
N LEU A 492 -26.17 -30.09 4.51
CA LEU A 492 -26.91 -29.36 5.54
C LEU A 492 -27.82 -30.25 6.37
N CYS A 493 -27.84 -31.56 6.13
CA CYS A 493 -28.63 -32.46 6.96
C CYS A 493 -27.97 -32.68 8.32
N LEU A 494 -26.69 -32.34 8.44
CA LEU A 494 -25.99 -32.52 9.71
C LEU A 494 -26.38 -31.44 10.72
N LEU A 495 -26.68 -30.24 10.24
CA LEU A 495 -26.90 -29.08 11.09
C LEU A 495 -28.37 -28.64 11.08
N ALA A 496 -29.29 -29.60 11.04
CA ALA A 496 -30.72 -29.29 11.05
C ALA A 496 -31.39 -30.08 12.15
N SER A 497 -32.43 -29.47 12.75
CA SER A 497 -33.11 -30.10 13.87
C SER A 497 -33.96 -31.29 13.42
N ASP A 498 -34.72 -31.11 12.34
CA ASP A 498 -35.62 -32.17 11.90
C ASP A 498 -34.86 -33.30 11.19
N ALA A 499 -33.84 -32.96 10.42
CA ALA A 499 -33.11 -33.95 9.65
C ALA A 499 -32.25 -34.82 10.57
N GLU A 500 -31.87 -35.99 10.05
CA GLU A 500 -31.05 -36.94 10.78
C GLU A 500 -29.97 -37.49 9.85
N VAL A 501 -28.86 -37.90 10.44
CA VAL A 501 -27.72 -38.44 9.69
C VAL A 501 -27.49 -39.89 10.14
N PRO A 502 -27.03 -40.77 9.26
CA PRO A 502 -26.78 -42.15 9.69
C PRO A 502 -25.76 -42.28 10.80
N GLU A 503 -24.71 -41.45 10.80
CA GLU A 503 -23.66 -41.53 11.80
C GLU A 503 -23.12 -40.14 12.08
N PRO A 504 -23.22 -39.65 13.32
CA PRO A 504 -22.72 -38.30 13.62
C PRO A 504 -21.21 -38.20 13.44
N CYS A 505 -20.77 -37.04 12.98
CA CYS A 505 -19.35 -36.79 12.72
C CYS A 505 -19.12 -35.29 12.63
N LEU A 506 -17.84 -34.91 12.59
CA LEU A 506 -17.48 -33.52 12.41
C LEU A 506 -17.89 -33.03 11.02
N PRO A 507 -18.19 -31.75 10.87
CA PRO A 507 -18.67 -31.25 9.57
C PRO A 507 -17.72 -31.52 8.42
N ARG A 508 -16.41 -31.38 8.64
CA ARG A 508 -15.45 -31.65 7.56
C ARG A 508 -15.45 -33.11 7.16
N GLN A 509 -15.53 -34.00 8.14
CA GLN A 509 -15.55 -35.43 7.85
C GLN A 509 -16.78 -35.80 7.03
N TYR A 510 -17.94 -35.26 7.39
CA TYR A 510 -19.14 -35.55 6.61
C TYR A 510 -19.08 -34.92 5.22
N TRP A 511 -18.51 -33.72 5.11
CA TRP A 511 -18.35 -33.10 3.81
C TRP A 511 -17.49 -33.95 2.89
N GLU A 512 -16.40 -34.50 3.42
CA GLU A 512 -15.54 -35.35 2.60
C GLU A 512 -16.21 -36.68 2.29
N GLU A 513 -16.81 -37.33 3.30
CA GLU A 513 -17.43 -38.63 3.10
C GLU A 513 -18.62 -38.58 2.15
N LEU A 514 -19.27 -37.43 2.05
CA LEU A 514 -20.40 -37.29 1.13
C LEU A 514 -19.97 -37.24 -0.33
N GLY A 515 -18.67 -37.11 -0.59
CA GLY A 515 -18.18 -36.96 -1.94
C GLY A 515 -17.83 -35.51 -2.25
N ALA A 516 -16.55 -35.19 -2.17
CA ALA A 516 -16.14 -33.79 -2.30
C ALA A 516 -16.14 -33.38 -3.76
N PRO A 517 -16.77 -32.25 -4.10
CA PRO A 517 -16.69 -31.75 -5.48
C PRO A 517 -15.26 -31.38 -5.84
N GLU A 518 -14.94 -31.52 -7.12
CA GLU A 518 -13.60 -31.18 -7.59
C GLU A 518 -13.34 -29.69 -7.43
N ALA A 519 -12.37 -29.36 -6.58
CA ALA A 519 -12.11 -27.98 -6.19
C ALA A 519 -10.83 -27.49 -6.86
N LEU A 520 -10.96 -26.51 -7.74
CA LEU A 520 -9.84 -25.82 -8.35
C LEU A 520 -10.03 -24.32 -8.21
N ARG A 521 -8.95 -23.60 -7.94
N ARG A 521 -8.96 -23.60 -7.93
CA ARG A 521 -8.98 -22.17 -7.73
CA ARG A 521 -9.02 -22.16 -7.75
C ARG A 521 -7.87 -21.51 -8.54
C ARG A 521 -7.87 -21.50 -8.50
N GLU A 522 -8.10 -20.24 -8.90
CA GLU A 522 -7.12 -19.50 -9.67
C GLU A 522 -5.92 -19.12 -8.82
N GLN A 523 -4.80 -18.83 -9.50
CA GLN A 523 -3.56 -18.45 -8.85
C GLN A 523 -3.37 -16.95 -8.89
N PRO A 524 -2.76 -16.37 -7.85
CA PRO A 524 -2.60 -14.91 -7.81
C PRO A 524 -1.69 -14.40 -8.92
N TRP A 525 -1.95 -13.18 -9.37
CA TRP A 525 -1.09 -12.54 -10.34
C TRP A 525 0.22 -12.09 -9.68
N PRO A 526 1.27 -11.91 -10.45
CA PRO A 526 2.50 -11.32 -9.90
C PRO A 526 2.26 -9.91 -9.41
N LEU A 527 3.03 -9.50 -8.40
CA LEU A 527 2.87 -8.18 -7.82
C LEU A 527 3.04 -7.04 -8.82
N PRO A 528 4.06 -7.04 -9.70
CA PRO A 528 4.14 -5.94 -10.68
C PRO A 528 2.90 -5.81 -11.54
N VAL A 529 2.31 -6.93 -11.96
CA VAL A 529 1.10 -6.87 -12.78
C VAL A 529 -0.04 -6.26 -11.98
N GLN A 530 -0.18 -6.66 -10.71
CA GLN A 530 -1.22 -6.10 -9.86
C GLN A 530 -1.09 -4.59 -9.74
N MET A 531 0.12 -4.12 -9.43
CA MET A 531 0.32 -2.68 -9.25
C MET A 531 0.12 -1.91 -10.56
N GLU A 532 0.59 -2.45 -11.68
CA GLU A 532 0.40 -1.77 -12.96
C GLU A 532 -1.08 -1.67 -13.33
N LEU A 533 -1.84 -2.75 -13.11
CA LEU A 533 -3.28 -2.70 -13.38
C LEU A 533 -3.98 -1.69 -12.49
N GLY A 534 -3.63 -1.67 -11.20
CA GLY A 534 -4.23 -0.70 -10.31
C GLY A 534 -3.93 0.72 -10.72
N LYS A 535 -2.67 0.99 -11.10
CA LYS A 535 -2.29 2.32 -11.54
C LYS A 535 -3.04 2.73 -12.81
N LEU A 536 -3.14 1.81 -13.76
CA LEU A 536 -3.85 2.11 -15.01
C LEU A 536 -5.32 2.45 -14.74
N LEU A 537 -5.98 1.66 -13.89
CA LEU A 537 -7.38 1.93 -13.58
C LEU A 537 -7.53 3.26 -12.84
N ALA A 538 -6.63 3.57 -11.93
CA ALA A 538 -6.70 4.84 -11.20
C ALA A 538 -6.53 6.03 -12.15
N GLU A 539 -5.58 5.94 -13.08
CA GLU A 539 -5.39 7.03 -14.04
C GLU A 539 -6.61 7.18 -14.94
N MET A 540 -7.20 6.07 -15.37
CA MET A 540 -8.41 6.14 -16.18
C MET A 540 -9.54 6.84 -15.42
N LEU A 541 -9.71 6.48 -14.14
CA LEU A 541 -10.74 7.11 -13.34
C LEU A 541 -10.50 8.60 -13.19
N VAL A 542 -9.25 9.00 -12.96
CA VAL A 542 -8.94 10.42 -12.82
C VAL A 542 -9.23 11.17 -14.11
N GLN A 543 -8.83 10.61 -15.25
CA GLN A 543 -8.92 11.34 -16.50
C GLN A 543 -10.35 11.42 -17.02
N ALA A 544 -11.15 10.37 -16.80
CA ALA A 544 -12.46 10.31 -17.45
C ALA A 544 -13.45 11.30 -16.85
N THR A 545 -13.49 11.43 -15.53
CA THR A 545 -14.57 12.15 -14.85
C THR A 545 -14.36 13.66 -14.96
N GLN A 546 -15.45 14.39 -15.22
CA GLN A 546 -15.44 15.84 -15.31
C GLN A 546 -16.79 16.38 -14.83
N MET A 547 -16.77 17.63 -14.36
CA MET A 547 -17.95 18.25 -13.78
C MET A 547 -17.99 19.73 -14.14
N PRO A 548 -19.17 20.33 -14.16
CA PRO A 548 -19.26 21.79 -14.43
C PRO A 548 -18.60 22.60 -13.33
N CYS A 549 -18.09 23.77 -13.71
CA CYS A 549 -17.30 24.57 -12.78
C CYS A 549 -18.13 25.04 -11.59
N SER A 550 -19.34 25.53 -11.83
CA SER A 550 -20.20 26.11 -10.79
C SER A 550 -21.48 25.29 -10.71
N LEU A 551 -21.54 24.37 -9.75
CA LEU A 551 -22.72 23.54 -9.59
C LEU A 551 -23.88 24.32 -8.99
N ASP A 552 -23.63 25.12 -7.97
CA ASP A 552 -24.71 25.82 -7.27
C ASP A 552 -25.40 26.82 -8.18
N LYS A 553 -24.63 27.58 -8.96
CA LYS A 553 -25.20 28.56 -9.87
C LYS A 553 -25.54 27.89 -11.19
N PRO A 554 -26.81 27.87 -11.60
CA PRO A 554 -27.19 27.16 -12.83
C PRO A 554 -26.69 27.90 -14.06
N HIS A 555 -25.88 27.22 -14.87
CA HIS A 555 -25.41 27.73 -16.15
C HIS A 555 -24.65 29.05 -16.00
N ARG A 556 -23.95 29.23 -14.88
CA ARG A 556 -23.12 30.43 -14.72
C ARG A 556 -21.98 30.44 -15.73
N SER A 557 -21.33 29.30 -15.91
CA SER A 557 -20.29 29.15 -16.91
C SER A 557 -20.26 27.69 -17.36
N SER A 558 -19.77 27.46 -18.58
CA SER A 558 -19.79 26.14 -19.19
C SER A 558 -18.43 25.44 -19.16
N ARG A 559 -17.42 26.05 -18.57
CA ARG A 559 -16.11 25.40 -18.51
C ARG A 559 -16.16 24.24 -17.54
N LEU A 560 -15.44 23.17 -17.86
CA LEU A 560 -15.48 21.92 -17.11
C LEU A 560 -14.17 21.73 -16.35
N VAL A 561 -14.28 21.33 -15.09
CA VAL A 561 -13.12 21.09 -14.24
C VAL A 561 -13.12 19.64 -13.79
N PRO A 562 -11.96 19.05 -13.50
CA PRO A 562 -11.94 17.65 -13.07
C PRO A 562 -12.56 17.45 -11.70
N VAL A 563 -13.05 16.23 -11.49
CA VAL A 563 -13.61 15.87 -10.19
C VAL A 563 -12.49 15.54 -9.20
N LEU A 564 -11.44 14.88 -9.65
CA LEU A 564 -10.33 14.47 -8.81
C LEU A 564 -9.07 15.19 -9.22
N TYR A 565 -8.24 15.54 -8.23
CA TYR A 565 -7.01 16.27 -8.45
C TYR A 565 -5.85 15.51 -7.84
N HIS A 566 -4.65 15.71 -8.40
CA HIS A 566 -3.43 15.08 -7.92
C HIS A 566 -2.58 16.15 -7.24
N VAL A 567 -2.49 16.08 -5.92
CA VAL A 567 -1.77 17.07 -5.12
C VAL A 567 -0.71 16.35 -4.29
N TYR A 568 0.51 16.89 -4.28
CA TYR A 568 1.57 16.35 -3.45
C TYR A 568 1.32 16.71 -1.99
N SER A 569 1.73 15.82 -1.08
CA SER A 569 1.62 16.12 0.37
C SER A 569 3.02 15.91 0.96
N PHE A 570 3.55 16.89 1.69
CA PHE A 570 4.96 16.77 2.16
C PHE A 570 5.04 16.47 3.65
N ARG A 571 5.65 15.34 4.01
CA ARG A 571 5.86 15.00 5.44
C ARG A 571 7.37 15.03 5.65
N ASN A 572 7.89 15.94 6.47
CA ASN A 572 9.36 16.09 6.64
C ASN A 572 9.96 16.37 5.25
N VAL A 573 11.08 15.73 4.93
CA VAL A 573 11.68 15.84 3.56
C VAL A 573 10.82 15.10 2.54
N GLN A 574 10.24 13.95 2.90
CA GLN A 574 9.52 13.07 1.94
C GLN A 574 8.24 13.68 1.36
N GLN A 575 7.89 13.31 0.12
CA GLN A 575 6.62 13.78 -0.50
C GLN A 575 5.77 12.57 -0.85
N ILE A 576 4.44 12.67 -0.77
CA ILE A 576 3.54 11.59 -1.12
C ILE A 576 2.43 12.14 -2.00
N GLY A 577 2.13 11.44 -3.10
CA GLY A 577 1.04 11.85 -3.97
C GLY A 577 -0.31 11.45 -3.39
N ILE A 578 -1.28 12.35 -3.53
CA ILE A 578 -2.60 12.17 -2.94
C ILE A 578 -3.66 12.63 -3.95
N LEU A 579 -4.74 11.86 -4.04
CA LEU A 579 -5.89 12.17 -4.89
C LEU A 579 -6.98 12.77 -4.02
N LYS A 580 -7.49 13.93 -4.40
CA LYS A 580 -8.43 14.66 -3.56
C LYS A 580 -9.62 15.16 -4.37
N PRO A 581 -10.84 15.00 -3.85
CA PRO A 581 -12.02 15.43 -4.59
C PRO A 581 -12.16 16.94 -4.65
N HIS A 582 -12.92 17.41 -5.65
CA HIS A 582 -13.24 18.82 -5.76
C HIS A 582 -14.16 19.24 -4.63
N PRO A 583 -13.96 20.42 -4.02
CA PRO A 583 -14.80 20.81 -2.88
C PRO A 583 -16.28 20.92 -3.21
N ALA A 584 -16.62 21.36 -4.42
CA ALA A 584 -18.02 21.51 -4.80
C ALA A 584 -18.71 20.15 -4.81
N TYR A 585 -18.02 19.11 -5.26
CA TYR A 585 -18.60 17.78 -5.25
C TYR A 585 -18.87 17.29 -3.84
N VAL A 586 -17.95 17.55 -2.91
CA VAL A 586 -18.18 17.17 -1.51
C VAL A 586 -19.37 17.93 -0.93
N GLN A 587 -19.47 19.23 -1.21
CA GLN A 587 -20.61 20.00 -0.73
C GLN A 587 -21.92 19.47 -1.32
N LEU A 588 -21.92 19.10 -2.60
CA LEU A 588 -23.10 18.53 -3.22
C LEU A 588 -23.48 17.20 -2.58
N LEU A 589 -22.49 16.36 -2.29
CA LEU A 589 -22.76 15.08 -1.63
C LEU A 589 -23.37 15.30 -0.25
N GLU A 590 -22.84 16.26 0.51
CA GLU A 590 -23.42 16.55 1.81
C GLU A 590 -24.84 17.10 1.69
N LYS A 591 -25.08 17.93 0.67
CA LYS A 591 -26.41 18.50 0.46
C LYS A 591 -27.43 17.42 0.10
N ALA A 592 -27.03 16.46 -0.75
CA ALA A 592 -27.99 15.47 -1.24
C ALA A 592 -28.53 14.61 -0.11
N ALA A 593 -27.66 14.15 0.79
CA ALA A 593 -28.04 13.30 1.92
C ALA A 593 -28.82 12.08 1.46
N GLU A 594 -28.17 11.27 0.62
CA GLU A 594 -28.81 10.05 0.13
C GLU A 594 -28.94 9.04 1.27
N PRO A 595 -30.01 8.24 1.26
CA PRO A 595 -30.28 7.34 2.38
C PRO A 595 -29.68 5.94 2.28
N THR A 596 -28.84 5.66 1.30
CA THR A 596 -28.35 4.32 1.06
C THR A 596 -26.84 4.25 1.28
N LEU A 597 -26.40 3.14 1.88
CA LEU A 597 -24.98 2.84 2.03
C LEU A 597 -24.67 1.55 1.29
N THR A 598 -23.43 1.42 0.84
CA THR A 598 -23.00 0.28 0.04
C THR A 598 -21.83 -0.42 0.71
N PHE A 599 -21.93 -1.74 0.83
CA PHE A 599 -20.88 -2.57 1.41
C PHE A 599 -20.47 -3.64 0.41
N GLU A 600 -19.22 -4.09 0.53
CA GLU A 600 -18.74 -5.21 -0.25
C GLU A 600 -19.25 -6.52 0.36
N ALA A 601 -19.35 -7.55 -0.49
CA ALA A 601 -19.93 -8.81 -0.04
C ALA A 601 -19.10 -9.46 1.06
N VAL A 602 -17.77 -9.34 0.97
CA VAL A 602 -16.89 -9.96 1.96
C VAL A 602 -16.74 -9.11 3.22
N ASP A 603 -17.39 -7.96 3.29
CA ASP A 603 -17.34 -7.11 4.47
C ASP A 603 -18.62 -7.17 5.29
N VAL A 604 -19.54 -8.08 4.97
CA VAL A 604 -20.82 -8.19 5.63
C VAL A 604 -20.97 -9.62 6.14
N PRO A 605 -21.40 -9.85 7.42
CA PRO A 605 -21.60 -11.19 7.95
C PRO A 605 -22.44 -12.10 7.03
N MET A 606 -22.09 -13.38 6.96
CA MET A 606 -22.80 -14.33 6.06
C MET A 606 -24.20 -14.62 6.61
N LEU A 607 -25.13 -15.03 5.77
CA LEU A 607 -26.52 -15.32 6.19
C LEU A 607 -26.71 -16.83 6.30
N CYS A 608 -25.69 -17.61 5.90
CA CYS A 608 -25.78 -19.07 5.87
C CYS A 608 -24.57 -19.66 6.58
N PRO A 609 -24.67 -20.91 7.10
CA PRO A 609 -23.54 -21.55 7.76
C PRO A 609 -22.29 -21.51 6.89
N PRO A 610 -21.09 -21.19 7.44
CA PRO A 610 -19.88 -21.10 6.64
C PRO A 610 -19.46 -22.44 6.02
N LEU A 611 -18.84 -22.41 4.84
CA LEU A 611 -18.35 -23.64 4.16
C LEU A 611 -17.24 -24.27 5.01
N PRO A 612 -17.21 -25.60 5.22
CA PRO A 612 -16.19 -26.22 6.07
C PRO A 612 -14.77 -26.05 5.50
N TRP A 613 -13.77 -25.81 6.35
CA TRP A 613 -12.36 -25.74 5.88
C TRP A 613 -11.88 -27.16 5.62
N THR A 614 -11.41 -27.47 4.41
CA THR A 614 -10.99 -28.85 4.07
C THR A 614 -9.51 -28.89 3.68
N SER A 615 -8.93 -27.75 3.34
CA SER A 615 -7.53 -27.66 2.92
C SER A 615 -7.13 -26.20 2.98
N PRO A 616 -5.82 -25.91 2.96
CA PRO A 616 -5.38 -24.51 3.00
C PRO A 616 -5.87 -23.66 1.83
N HIS A 617 -6.58 -24.25 0.85
CA HIS A 617 -7.09 -23.49 -0.29
C HIS A 617 -8.60 -23.36 -0.31
N SER A 618 -9.30 -24.02 0.63
CA SER A 618 -10.79 -23.98 0.64
C SER A 618 -11.31 -23.45 1.98
N GLY A 619 -12.60 -23.13 2.07
CA GLY A 619 -13.19 -22.73 3.37
C GLY A 619 -13.76 -21.33 3.43
N ALA A 620 -14.40 -20.97 4.55
CA ALA A 620 -14.96 -19.60 4.76
C ALA A 620 -16.02 -19.24 3.73
N PHE A 621 -15.84 -18.11 3.04
CA PHE A 621 -16.88 -17.62 2.09
C PHE A 621 -17.08 -18.65 0.99
N LEU A 622 -18.31 -18.81 0.51
CA LEU A 622 -18.62 -19.87 -0.47
C LEU A 622 -17.84 -19.71 -1.78
N LEU A 623 -17.70 -18.49 -2.31
CA LEU A 623 -17.08 -18.29 -3.66
C LEU A 623 -15.76 -17.51 -3.59
N SER A 624 -15.72 -16.41 -2.83
CA SER A 624 -14.56 -15.53 -2.78
C SER A 624 -13.41 -16.22 -2.07
N PRO A 625 -12.13 -15.98 -2.48
CA PRO A 625 -10.97 -16.61 -1.82
C PRO A 625 -10.53 -15.96 -0.50
N THR A 626 -10.35 -16.79 0.53
CA THR A 626 -9.92 -16.27 1.86
C THR A 626 -8.57 -16.88 2.23
N LYS A 627 -7.62 -16.04 2.66
CA LYS A 627 -6.28 -16.52 3.05
C LYS A 627 -6.39 -17.22 4.41
N LEU A 628 -5.79 -18.40 4.56
CA LEU A 628 -5.74 -19.05 5.86
C LEU A 628 -4.97 -18.22 6.87
N MET A 629 -3.88 -17.59 6.43
CA MET A 629 -3.06 -16.72 7.25
C MET A 629 -3.09 -15.32 6.65
N ARG A 630 -3.44 -14.32 7.46
CA ARG A 630 -3.53 -12.96 6.97
C ARG A 630 -2.15 -12.32 6.95
N THR A 631 -1.62 -12.11 5.75
CA THR A 631 -0.33 -11.45 5.56
C THR A 631 -0.46 -10.48 4.40
N VAL A 632 0.67 -9.91 4.00
CA VAL A 632 0.68 -9.02 2.85
C VAL A 632 0.58 -9.83 1.57
N GLU A 633 0.16 -9.15 0.49
CA GLU A 633 -0.09 -9.86 -0.81
C GLU A 633 1.17 -10.55 -1.32
N GLY A 634 2.32 -9.87 -1.31
CA GLY A 634 3.50 -10.45 -1.91
C GLY A 634 4.01 -11.68 -1.18
N ALA A 635 3.92 -11.68 0.15
CA ALA A 635 4.51 -12.74 0.95
C ALA A 635 3.84 -14.08 0.67
N THR A 636 4.65 -15.14 0.61
CA THR A 636 4.14 -16.48 0.37
C THR A 636 4.85 -17.56 1.17
N GLN A 637 5.77 -17.20 2.07
CA GLN A 637 6.53 -18.21 2.80
C GLN A 637 5.65 -19.03 3.72
N HIS A 638 4.71 -18.37 4.42
CA HIS A 638 3.82 -19.09 5.33
C HIS A 638 2.95 -20.09 4.58
N GLN A 639 2.43 -19.69 3.43
CA GLN A 639 1.61 -20.60 2.64
C GLN A 639 2.41 -21.81 2.17
N GLU A 640 3.67 -21.58 1.76
CA GLU A 640 4.52 -22.68 1.35
C GLU A 640 4.79 -23.64 2.49
N LEU A 641 5.09 -23.10 3.68
CA LEU A 641 5.32 -23.98 4.83
C LEU A 641 4.09 -24.77 5.19
N LEU A 642 2.90 -24.16 5.10
CA LEU A 642 1.67 -24.89 5.35
C LEU A 642 1.44 -25.99 4.31
N GLU A 643 1.67 -25.72 3.03
CA GLU A 643 1.33 -26.72 1.97
C GLU A 643 2.36 -27.83 1.83
N THR A 644 3.52 -27.73 2.46
CA THR A 644 4.61 -28.73 2.30
C THR A 644 4.58 -29.73 3.44
N CYS A 645 3.53 -29.71 4.26
CA CYS A 645 3.50 -30.57 5.46
C CYS A 645 2.55 -31.75 5.28
N PRO A 646 2.68 -32.88 6.01
CA PRO A 646 1.67 -33.95 5.95
C PRO A 646 0.27 -33.37 6.02
N PRO A 647 -0.63 -33.82 5.15
CA PRO A 647 -1.98 -33.23 5.12
C PRO A 647 -2.76 -33.41 6.41
N THR A 648 -2.46 -34.47 7.18
CA THR A 648 -3.24 -34.77 8.36
C THR A 648 -2.78 -34.00 9.59
N ALA A 649 -1.75 -33.16 9.45
CA ALA A 649 -1.25 -32.41 10.60
C ALA A 649 -2.12 -31.20 10.91
N LEU A 650 -2.76 -30.62 9.89
CA LEU A 650 -3.51 -29.38 10.02
C LEU A 650 -4.96 -29.60 10.42
N HIS A 651 -5.35 -30.85 10.68
CA HIS A 651 -6.76 -31.16 10.95
C HIS A 651 -7.26 -30.47 12.21
N GLY A 652 -6.42 -30.40 13.24
CA GLY A 652 -6.85 -29.74 14.47
C GLY A 652 -7.17 -28.28 14.25
N ALA A 653 -6.28 -27.56 13.57
CA ALA A 653 -6.51 -26.14 13.31
C ALA A 653 -7.75 -25.94 12.43
N LEU A 654 -7.88 -26.75 11.38
CA LEU A 654 -9.02 -26.61 10.49
C LEU A 654 -10.33 -26.89 11.22
N ASP A 655 -10.35 -27.91 12.07
CA ASP A 655 -11.56 -28.24 12.82
C ASP A 655 -11.90 -27.16 13.83
N ALA A 656 -10.91 -26.60 14.50
CA ALA A 656 -11.17 -25.52 15.44
C ALA A 656 -11.74 -24.29 14.74
N LEU A 657 -11.16 -23.93 13.59
CA LEU A 657 -11.68 -22.80 12.83
C LEU A 657 -13.11 -23.05 12.34
N THR A 658 -13.39 -24.28 11.87
CA THR A 658 -14.74 -24.59 11.44
C THR A 658 -15.73 -24.55 12.59
N GLN A 659 -15.35 -25.05 13.76
CA GLN A 659 -16.23 -25.01 14.91
C GLN A 659 -16.52 -23.58 15.33
N LEU A 660 -15.50 -22.72 15.34
CA LEU A 660 -15.74 -21.31 15.65
C LEU A 660 -16.60 -20.64 14.59
N GLY A 661 -16.52 -21.10 13.34
CA GLY A 661 -17.31 -20.50 12.28
C GLY A 661 -18.81 -20.73 12.44
N ASN A 662 -19.21 -21.90 12.93
CA ASN A 662 -20.62 -22.28 13.01
C ASN A 662 -21.24 -21.93 14.35
N CYS A 663 -21.39 -20.64 14.63
CA CYS A 663 -22.08 -20.17 15.83
C CYS A 663 -23.08 -19.10 15.43
N ALA A 664 -24.36 -19.42 15.52
CA ALA A 664 -25.41 -18.50 15.12
C ALA A 664 -25.49 -17.32 16.09
N TRP A 665 -25.66 -16.13 15.54
CA TRP A 665 -25.73 -14.90 16.33
C TRP A 665 -27.09 -14.24 16.14
N ARG A 666 -27.28 -13.13 16.83
CA ARG A 666 -28.48 -12.31 16.73
C ARG A 666 -28.20 -10.98 17.39
N VAL A 667 -29.03 -9.98 17.10
CA VAL A 667 -28.83 -8.64 17.64
C VAL A 667 -29.82 -8.39 18.78
N ASN A 668 -29.43 -7.50 19.68
CA ASN A 668 -30.26 -7.15 20.82
C ASN A 668 -31.13 -5.95 20.46
N GLY A 669 -32.43 -6.04 20.76
CA GLY A 669 -33.35 -5.01 20.30
C GLY A 669 -33.31 -3.75 21.15
N ARG A 670 -33.45 -3.91 22.47
CA ARG A 670 -33.56 -2.75 23.36
C ARG A 670 -32.27 -1.93 23.38
N VAL A 671 -31.12 -2.60 23.45
CA VAL A 671 -29.84 -1.88 23.46
C VAL A 671 -29.66 -1.12 22.15
N LEU A 672 -29.98 -1.75 21.03
CA LEU A 672 -29.87 -1.08 19.74
C LEU A 672 -30.81 0.13 19.68
N ASP A 673 -32.02 -0.01 20.21
CA ASP A 673 -32.96 1.10 20.20
C ASP A 673 -32.44 2.28 21.00
N LEU A 674 -31.90 2.01 22.19
CA LEU A 674 -31.36 3.09 23.01
C LEU A 674 -30.16 3.74 22.34
N VAL A 675 -29.28 2.94 21.74
CA VAL A 675 -28.12 3.50 21.06
C VAL A 675 -28.55 4.37 19.90
N LEU A 676 -29.60 3.96 19.18
CA LEU A 676 -30.04 4.76 18.01
C LEU A 676 -30.61 6.10 18.52
N GLN A 677 -31.26 6.11 19.68
CA GLN A 677 -31.90 7.36 20.16
C GLN A 677 -30.83 8.42 20.41
N LEU A 678 -29.75 8.04 21.08
CA LEU A 678 -28.66 9.00 21.39
C LEU A 678 -27.97 9.46 20.10
N PHE A 679 -27.73 8.55 19.16
CA PHE A 679 -26.97 8.90 17.93
C PHE A 679 -27.76 9.92 17.10
N GLN A 680 -29.07 9.69 16.93
CA GLN A 680 -29.92 10.58 16.08
C GLN A 680 -30.03 11.97 16.72
N ALA A 681 -30.06 12.05 18.05
CA ALA A 681 -30.13 13.34 18.77
C ALA A 681 -28.73 13.94 18.91
N LYS A 682 -28.49 14.73 19.97
CA LYS A 682 -27.20 15.44 20.14
C LYS A 682 -26.04 14.49 20.49
N GLY A 683 -26.32 13.26 20.89
CA GLY A 683 -25.24 12.27 21.13
C GLY A 683 -24.77 12.26 22.57
N CYS A 684 -24.21 11.14 23.03
CA CYS A 684 -23.67 11.05 24.40
C CYS A 684 -22.18 10.70 24.34
N PRO A 685 -21.20 11.63 24.27
CA PRO A 685 -19.79 11.22 24.13
C PRO A 685 -19.26 10.42 25.32
N GLN A 686 -19.78 10.67 26.52
CA GLN A 686 -19.28 9.97 27.71
C GLN A 686 -19.53 8.48 27.61
N LEU A 687 -20.75 8.10 27.21
CA LEU A 687 -21.08 6.68 27.10
C LEU A 687 -20.29 6.01 25.98
N GLY A 688 -20.15 6.68 24.84
CA GLY A 688 -19.43 6.12 23.72
C GLY A 688 -20.06 6.39 22.38
N VAL A 689 -21.22 7.04 22.40
CA VAL A 689 -21.92 7.41 21.16
C VAL A 689 -21.35 8.73 20.67
N PRO A 690 -20.73 8.77 19.49
CA PRO A 690 -20.12 10.01 19.01
C PRO A 690 -21.16 11.10 18.79
N ALA A 691 -20.74 12.35 18.98
CA ALA A 691 -21.68 13.50 18.84
C ALA A 691 -21.80 13.93 17.38
N PRO A 692 -22.91 14.56 16.92
CA PRO A 692 -22.99 15.09 15.57
C PRO A 692 -22.05 16.29 15.44
N PRO A 693 -21.50 16.59 14.24
CA PRO A 693 -20.55 17.69 14.09
C PRO A 693 -21.21 19.03 14.46
N SER A 694 -22.54 19.10 14.41
CA SER A 694 -23.23 20.35 14.71
C SER A 694 -22.89 20.84 16.11
N GLU A 695 -22.78 19.93 17.08
CA GLU A 695 -22.42 20.28 18.44
C GLU A 695 -20.89 20.34 18.56
N ALA A 696 -20.32 21.30 17.84
CA ALA A 696 -18.91 21.58 17.83
C ALA A 696 -18.62 22.87 18.58
N PRO A 697 -17.38 23.06 19.05
CA PRO A 697 -17.06 24.33 19.73
C PRO A 697 -17.34 25.56 18.88
N GLN A 698 -17.05 25.49 17.58
CA GLN A 698 -17.33 26.52 16.58
C GLN A 698 -17.34 27.96 17.11
N LYS A 713 -4.78 38.11 12.95
CA LYS A 713 -3.99 38.03 14.17
C LYS A 713 -3.70 36.57 14.50
N ALA A 714 -2.64 36.32 15.26
CA ALA A 714 -2.24 34.94 15.57
C ALA A 714 -3.26 34.26 16.47
N GLU A 715 -3.89 35.01 17.37
CA GLU A 715 -4.84 34.42 18.30
C GLU A 715 -6.05 33.82 17.57
N LEU A 716 -6.57 34.55 16.58
CA LEU A 716 -7.70 34.05 15.80
C LEU A 716 -7.32 32.78 15.04
N ARG A 717 -6.12 32.76 14.46
CA ARG A 717 -5.66 31.57 13.75
C ARG A 717 -5.52 30.38 14.69
N ARG A 718 -5.01 30.63 15.91
CA ARG A 718 -4.89 29.55 16.89
C ARG A 718 -6.25 28.99 17.27
N GLU A 719 -7.22 29.87 17.53
CA GLU A 719 -8.57 29.42 17.86
C GLU A 719 -9.18 28.62 16.72
N LEU A 720 -9.03 29.10 15.49
CA LEU A 720 -9.58 28.39 14.34
C LEU A 720 -8.91 27.03 14.17
N ALA A 721 -7.59 26.96 14.39
CA ALA A 721 -6.89 25.68 14.28
C ALA A 721 -7.39 24.68 15.31
N HIS A 722 -7.59 25.14 16.55
CA HIS A 722 -8.09 24.24 17.59
C HIS A 722 -9.48 23.72 17.24
N CYS A 723 -10.37 24.62 16.79
CA CYS A 723 -11.72 24.20 16.43
C CYS A 723 -11.70 23.21 15.26
N GLN A 724 -10.85 23.48 14.26
CA GLN A 724 -10.75 22.58 13.12
C GLN A 724 -10.24 21.21 13.53
N LYS A 725 -9.26 21.17 14.43
CA LYS A 725 -8.75 19.90 14.90
C LYS A 725 -9.84 19.11 15.62
N VAL A 726 -10.63 19.79 16.47
CA VAL A 726 -11.71 19.10 17.17
C VAL A 726 -12.72 18.53 16.18
N ALA A 727 -13.12 19.33 15.18
CA ALA A 727 -14.09 18.86 14.20
C ALA A 727 -13.55 17.68 13.40
N ARG A 728 -12.28 17.75 13.00
CA ARG A 728 -11.68 16.66 12.25
C ARG A 728 -11.65 15.38 13.07
N GLU A 729 -11.34 15.49 14.36
CA GLU A 729 -11.33 14.31 15.22
C GLU A 729 -12.73 13.71 15.35
N MET A 730 -13.75 14.57 15.48
CA MET A 730 -15.11 14.05 15.67
C MET A 730 -15.65 13.38 14.41
N HIS A 731 -15.30 13.91 13.24
CA HIS A 731 -15.92 13.48 12.00
C HIS A 731 -15.57 12.04 11.62
N SER A 732 -14.42 11.51 12.06
CA SER A 732 -14.09 10.12 11.73
C SER A 732 -14.81 9.14 12.65
N LEU A 733 -14.87 9.46 13.94
CA LEU A 733 -15.60 8.62 14.87
C LEU A 733 -17.07 8.53 14.48
N ARG A 734 -17.67 9.66 14.06
CA ARG A 734 -19.08 9.60 13.68
C ARG A 734 -19.28 8.70 12.46
N ALA A 735 -18.38 8.77 11.48
CA ALA A 735 -18.54 7.94 10.28
C ALA A 735 -18.41 6.46 10.62
N GLU A 736 -17.43 6.10 11.45
CA GLU A 736 -17.26 4.70 11.83
C GLU A 736 -18.49 4.19 12.59
N ALA A 737 -18.99 5.00 13.53
CA ALA A 737 -20.19 4.62 14.26
C ALA A 737 -21.38 4.49 13.33
N LEU A 738 -21.47 5.37 12.32
CA LEU A 738 -22.55 5.29 11.36
C LEU A 738 -22.54 3.97 10.61
N TYR A 739 -21.35 3.56 10.16
CA TYR A 739 -21.25 2.27 9.46
C TYR A 739 -21.68 1.12 10.35
N ARG A 740 -21.15 1.08 11.58
CA ARG A 740 -21.50 -0.03 12.47
C ARG A 740 -22.99 -0.06 12.78
N LEU A 741 -23.59 1.10 13.05
CA LEU A 741 -25.00 1.14 13.41
C LEU A 741 -25.91 0.82 12.22
N SER A 742 -25.55 1.25 11.01
CA SER A 742 -26.33 0.85 9.85
C SER A 742 -26.29 -0.66 9.64
N LEU A 743 -25.10 -1.25 9.77
CA LEU A 743 -25.01 -2.70 9.64
C LEU A 743 -25.82 -3.40 10.73
N ALA A 744 -25.77 -2.88 11.97
CA ALA A 744 -26.50 -3.51 13.06
C ALA A 744 -28.01 -3.44 12.83
N GLN A 745 -28.51 -2.30 12.33
CA GLN A 745 -29.93 -2.20 12.09
C GLN A 745 -30.39 -3.02 10.89
N HIS A 746 -29.51 -3.24 9.91
CA HIS A 746 -29.91 -4.08 8.77
C HIS A 746 -30.13 -5.53 9.19
N LEU A 747 -29.45 -6.00 10.23
CA LEU A 747 -29.54 -7.37 10.69
C LEU A 747 -30.46 -7.52 11.90
N ARG A 748 -31.54 -6.75 11.96
CA ARG A 748 -32.35 -6.67 13.17
C ARG A 748 -33.05 -7.98 13.48
N ASP A 749 -33.60 -8.64 12.46
CA ASP A 749 -34.42 -9.84 12.65
C ASP A 749 -33.86 -11.04 11.90
N ARG A 750 -32.54 -11.12 11.76
CA ARG A 750 -31.91 -12.19 10.99
C ARG A 750 -30.86 -12.88 11.83
N VAL A 751 -30.52 -14.10 11.43
CA VAL A 751 -29.47 -14.90 12.05
C VAL A 751 -28.28 -14.94 11.10
N PHE A 752 -27.10 -14.58 11.60
CA PHE A 752 -25.91 -14.44 10.77
C PHE A 752 -24.73 -15.15 11.42
N TRP A 753 -23.75 -15.50 10.58
CA TRP A 753 -22.57 -16.24 11.00
C TRP A 753 -21.31 -15.46 10.61
N LEU A 754 -20.23 -15.62 11.38
CA LEU A 754 -18.97 -14.90 11.10
C LEU A 754 -17.83 -15.90 10.91
N PRO A 755 -17.20 -15.98 9.72
CA PRO A 755 -16.11 -16.93 9.46
C PRO A 755 -14.78 -16.54 10.14
N HIS A 756 -13.87 -17.48 10.39
CA HIS A 756 -12.63 -17.15 11.15
C HIS A 756 -11.36 -17.60 10.42
N ASN A 757 -10.22 -16.92 10.64
CA ASN A 757 -8.92 -17.31 10.11
C ASN A 757 -7.84 -16.78 11.03
N MET A 758 -6.61 -17.28 10.85
CA MET A 758 -5.51 -17.01 11.76
C MET A 758 -4.54 -15.99 11.17
N ASP A 759 -3.75 -15.40 12.05
CA ASP A 759 -2.58 -14.62 11.65
C ASP A 759 -1.40 -15.57 11.45
N PHE A 760 -0.19 -15.05 11.31
CA PHE A 760 0.93 -15.92 10.99
C PHE A 760 1.47 -16.68 12.19
N ARG A 761 0.84 -16.53 13.37
CA ARG A 761 1.29 -17.22 14.57
C ARG A 761 0.25 -18.15 15.17
N GLY A 762 -1.00 -18.09 14.71
CA GLY A 762 -1.98 -19.07 15.25
C GLY A 762 -3.21 -18.44 15.86
N ARG A 763 -3.16 -17.19 16.31
CA ARG A 763 -4.33 -16.56 16.99
C ARG A 763 -5.48 -16.44 15.99
N THR A 764 -6.73 -16.65 16.42
CA THR A 764 -7.88 -16.68 15.46
C THR A 764 -8.68 -15.38 15.50
N TYR A 765 -8.94 -14.76 14.34
CA TYR A 765 -9.65 -13.46 14.27
C TYR A 765 -10.83 -13.61 13.31
N PRO A 766 -12.01 -12.94 13.52
CA PRO A 766 -13.12 -13.04 12.58
C PRO A 766 -12.84 -12.31 11.26
N CYS A 767 -13.49 -12.71 10.16
CA CYS A 767 -13.23 -12.09 8.86
C CYS A 767 -13.95 -10.76 8.67
N PRO A 768 -15.25 -10.63 8.95
CA PRO A 768 -15.92 -9.33 8.74
C PRO A 768 -15.34 -8.25 9.64
N PRO A 769 -14.94 -7.11 9.06
CA PRO A 769 -14.25 -6.08 9.84
C PRO A 769 -15.13 -5.22 10.74
N HIS A 770 -16.27 -4.76 10.23
CA HIS A 770 -17.03 -3.75 10.94
C HIS A 770 -17.73 -4.32 12.18
N PHE A 771 -18.62 -5.28 11.99
CA PHE A 771 -19.49 -5.77 13.04
C PHE A 771 -19.03 -7.17 13.45
N ASN A 772 -18.37 -7.25 14.60
CA ASN A 772 -17.97 -8.53 15.18
C ASN A 772 -17.71 -8.33 16.66
N HIS A 773 -17.49 -9.46 17.35
CA HIS A 773 -17.40 -9.51 18.84
C HIS A 773 -16.02 -9.13 19.34
N LEU A 774 -15.22 -8.39 18.57
CA LEU A 774 -13.84 -8.13 19.04
C LEU A 774 -13.70 -6.62 19.24
N GLY A 775 -14.79 -5.88 19.03
CA GLY A 775 -14.71 -4.41 19.09
C GLY A 775 -14.91 -3.83 20.47
N SER A 776 -15.57 -2.67 20.53
CA SER A 776 -15.75 -1.97 21.79
C SER A 776 -16.99 -2.47 22.52
N ASP A 777 -17.41 -1.71 23.54
CA ASP A 777 -18.54 -2.13 24.37
C ASP A 777 -19.83 -2.18 23.57
N VAL A 778 -20.02 -1.24 22.64
CA VAL A 778 -21.25 -1.20 21.86
C VAL A 778 -21.38 -2.46 21.01
N ALA A 779 -20.30 -2.86 20.35
CA ALA A 779 -20.34 -4.04 19.48
C ALA A 779 -20.63 -5.30 20.28
N ARG A 780 -20.02 -5.44 21.46
CA ARG A 780 -20.25 -6.63 22.26
C ARG A 780 -21.62 -6.60 22.92
N ALA A 781 -22.19 -5.40 23.10
CA ALA A 781 -23.53 -5.29 23.65
C ALA A 781 -24.61 -5.62 22.62
N LEU A 782 -24.37 -5.27 21.36
CA LEU A 782 -25.38 -5.48 20.33
C LEU A 782 -25.55 -6.93 19.93
N LEU A 783 -24.66 -7.83 20.35
CA LEU A 783 -24.69 -9.22 19.93
C LEU A 783 -25.16 -10.14 21.05
N GLU A 784 -25.84 -11.21 20.65
CA GLU A 784 -26.23 -12.26 21.59
C GLU A 784 -26.42 -13.56 20.83
N PHE A 785 -26.37 -14.67 21.57
CA PHE A 785 -26.54 -15.99 20.96
C PHE A 785 -27.95 -16.16 20.43
N ALA A 786 -28.08 -16.97 19.39
CA ALA A 786 -29.37 -17.25 18.77
C ALA A 786 -30.04 -18.50 19.31
N GLN A 787 -29.35 -19.28 20.14
CA GLN A 787 -29.93 -20.47 20.74
C GLN A 787 -30.12 -20.26 22.24
N GLY A 788 -31.31 -20.56 22.72
CA GLY A 788 -31.65 -20.39 24.12
C GLY A 788 -31.42 -21.67 24.89
N ARG A 789 -30.87 -21.53 26.09
CA ARG A 789 -30.64 -22.66 26.98
C ARG A 789 -31.25 -22.34 28.33
N PRO A 790 -31.99 -23.27 28.94
CA PRO A 790 -32.56 -22.99 30.26
C PRO A 790 -31.48 -22.69 31.28
N LEU A 791 -31.79 -21.79 32.21
CA LEU A 791 -30.81 -21.35 33.20
C LEU A 791 -30.36 -22.49 34.09
N GLY A 792 -31.23 -23.47 34.34
CA GLY A 792 -30.88 -24.58 35.20
C GLY A 792 -30.86 -24.18 36.66
N PRO A 793 -30.21 -25.00 37.49
CA PRO A 793 -30.16 -24.70 38.92
C PRO A 793 -29.05 -23.73 39.30
N HIS A 794 -28.07 -23.55 38.41
CA HIS A 794 -26.91 -22.73 38.68
C HIS A 794 -26.66 -21.70 37.57
N GLY A 795 -27.70 -21.01 37.14
CA GLY A 795 -27.55 -20.01 36.10
C GLY A 795 -27.69 -18.59 36.59
N LEU A 796 -28.61 -18.36 37.52
CA LEU A 796 -28.83 -17.01 38.03
C LEU A 796 -27.61 -16.51 38.79
N ASP A 797 -26.94 -17.41 39.53
CA ASP A 797 -25.72 -17.03 40.22
C ASP A 797 -24.65 -16.58 39.23
N TRP A 798 -24.50 -17.30 38.13
CA TRP A 798 -23.50 -16.93 37.13
C TRP A 798 -23.86 -15.63 36.45
N LEU A 799 -25.16 -15.39 36.21
CA LEU A 799 -25.57 -14.11 35.65
C LEU A 799 -25.23 -12.95 36.58
N LYS A 800 -25.50 -13.10 37.88
CA LYS A 800 -25.18 -12.05 38.83
C LYS A 800 -23.67 -11.83 38.95
N ILE A 801 -22.88 -12.91 38.95
CA ILE A 801 -21.44 -12.77 39.01
C ILE A 801 -20.90 -12.10 37.76
N HIS A 802 -21.49 -12.40 36.60
CA HIS A 802 -21.10 -11.70 35.38
C HIS A 802 -21.44 -10.22 35.46
N LEU A 803 -22.60 -9.89 36.04
CA LEU A 803 -22.93 -8.48 36.21
C LEU A 803 -21.92 -7.78 37.10
N VAL A 804 -21.52 -8.42 38.21
CA VAL A 804 -20.56 -7.79 39.11
C VAL A 804 -19.20 -7.66 38.44
N ASN A 805 -18.80 -8.66 37.65
CA ASN A 805 -17.54 -8.57 36.94
C ASN A 805 -17.55 -7.44 35.92
N LEU A 806 -18.67 -7.27 35.21
CA LEU A 806 -18.78 -6.18 34.25
C LEU A 806 -18.76 -4.83 34.95
N THR A 807 -19.34 -4.75 36.14
CA THR A 807 -19.32 -3.50 36.90
C THR A 807 -17.88 -3.09 37.23
N GLY A 808 -17.06 -4.05 37.66
CA GLY A 808 -15.66 -3.81 37.92
C GLY A 808 -15.33 -3.29 39.30
N LEU A 809 -16.32 -3.09 40.16
CA LEU A 809 -16.04 -2.59 41.50
C LEU A 809 -15.36 -3.65 42.35
N LYS A 810 -15.88 -4.87 42.36
CA LYS A 810 -15.35 -5.94 43.19
C LYS A 810 -14.43 -6.84 42.36
N LYS A 811 -13.27 -6.30 42.00
CA LYS A 811 -12.31 -7.04 41.17
C LYS A 811 -11.31 -7.85 41.98
N ARG A 812 -11.33 -7.75 43.30
CA ARG A 812 -10.37 -8.45 44.15
C ARG A 812 -11.06 -9.18 45.29
N GLU A 813 -12.27 -9.68 45.06
CA GLU A 813 -13.03 -10.36 46.09
C GLU A 813 -13.46 -11.75 45.61
N PRO A 814 -13.66 -12.69 46.51
CA PRO A 814 -14.11 -14.03 46.10
C PRO A 814 -15.50 -13.99 45.48
N LEU A 815 -15.88 -15.12 44.90
CA LEU A 815 -17.16 -15.19 44.18
C LEU A 815 -18.34 -14.96 45.11
N ARG A 816 -18.25 -15.45 46.34
CA ARG A 816 -19.34 -15.29 47.30
C ARG A 816 -19.65 -13.83 47.55
N LYS A 817 -18.60 -13.02 47.74
CA LYS A 817 -18.81 -11.60 48.01
C LYS A 817 -19.34 -10.87 46.79
N ARG A 818 -18.92 -11.27 45.59
CA ARG A 818 -19.49 -10.68 44.39
C ARG A 818 -20.97 -10.98 44.28
N LEU A 819 -21.37 -12.23 44.55
CA LEU A 819 -22.79 -12.56 44.51
C LEU A 819 -23.57 -11.82 45.57
N ALA A 820 -22.99 -11.68 46.78
CA ALA A 820 -23.65 -10.93 47.83
C ALA A 820 -23.84 -9.47 47.46
N PHE A 821 -22.82 -8.86 46.85
CA PHE A 821 -22.95 -7.48 46.41
C PHE A 821 -24.00 -7.36 45.31
N ALA A 822 -24.08 -8.35 44.42
CA ALA A 822 -25.12 -8.34 43.40
C ALA A 822 -26.51 -8.38 44.05
N GLU A 823 -26.67 -9.18 45.10
CA GLU A 823 -27.94 -9.20 45.82
C GLU A 823 -28.21 -7.86 46.51
N GLU A 824 -27.15 -7.21 47.00
CA GLU A 824 -27.31 -5.97 47.77
C GLU A 824 -27.83 -4.82 46.92
N VAL A 825 -27.45 -4.76 45.64
CA VAL A 825 -27.79 -3.62 44.80
C VAL A 825 -28.94 -3.97 43.88
N MET A 826 -29.77 -4.92 44.29
CA MET A 826 -30.87 -5.39 43.44
C MET A 826 -31.81 -4.25 43.06
N ASP A 827 -32.01 -3.30 43.96
CA ASP A 827 -32.91 -2.18 43.67
C ASP A 827 -32.41 -1.36 42.49
N ASP A 828 -31.12 -1.04 42.48
CA ASP A 828 -30.54 -0.29 41.37
C ASP A 828 -30.62 -1.08 40.07
N ILE A 829 -30.39 -2.39 40.14
CA ILE A 829 -30.45 -3.22 38.94
C ILE A 829 -31.86 -3.20 38.36
N LEU A 830 -32.87 -3.40 39.19
CA LEU A 830 -34.25 -3.43 38.74
C LEU A 830 -34.76 -2.06 38.32
N ASP A 831 -34.18 -0.97 38.84
CA ASP A 831 -34.51 0.36 38.37
C ASP A 831 -33.88 0.67 37.01
N SER A 832 -32.63 0.28 36.81
CA SER A 832 -31.96 0.53 35.55
C SER A 832 -32.49 -0.36 34.44
N ALA A 833 -33.04 -1.52 34.79
CA ALA A 833 -33.60 -2.40 33.77
C ALA A 833 -34.94 -1.87 33.25
N ASP A 834 -35.76 -1.28 34.13
CA ASP A 834 -37.10 -0.86 33.73
C ASP A 834 -37.08 0.48 33.01
N GLN A 835 -36.41 1.48 33.60
CA GLN A 835 -36.32 2.81 33.01
C GLN A 835 -34.86 3.13 32.76
N PRO A 836 -34.35 2.91 31.55
CA PRO A 836 -32.90 3.00 31.35
C PRO A 836 -32.34 4.41 31.45
N LEU A 837 -32.98 5.39 30.79
CA LEU A 837 -32.41 6.73 30.70
C LEU A 837 -33.04 7.74 31.66
N THR A 838 -34.28 7.52 32.10
CA THR A 838 -34.98 8.46 32.95
C THR A 838 -34.88 8.10 34.43
N GLY A 839 -34.15 7.06 34.79
CA GLY A 839 -34.04 6.60 36.16
C GLY A 839 -32.83 7.17 36.86
N ARG A 840 -32.31 6.40 37.82
CA ARG A 840 -31.15 6.83 38.60
C ARG A 840 -29.84 6.72 37.81
N LYS A 841 -29.86 6.08 36.64
CA LYS A 841 -28.68 5.98 35.77
C LYS A 841 -27.50 5.33 36.51
N TRP A 842 -27.78 4.30 37.30
CA TRP A 842 -26.71 3.63 38.03
C TRP A 842 -25.77 2.89 37.09
N TRP A 843 -26.27 2.42 35.95
CA TRP A 843 -25.46 1.61 35.04
C TRP A 843 -24.40 2.45 34.35
N MET A 844 -24.61 3.76 34.25
CA MET A 844 -23.64 4.63 33.58
C MET A 844 -22.30 4.64 34.28
N GLY A 845 -22.28 4.38 35.59
CA GLY A 845 -21.05 4.43 36.35
C GLY A 845 -20.17 3.21 36.24
N ALA A 846 -20.64 2.15 35.59
CA ALA A 846 -19.85 0.94 35.47
C ALA A 846 -18.71 1.14 34.49
N GLU A 847 -17.73 0.22 34.56
CA GLU A 847 -16.58 0.31 33.67
C GLU A 847 -16.98 0.03 32.22
N GLU A 848 -17.79 -1.01 31.99
CA GLU A 848 -18.45 -1.20 30.70
C GLU A 848 -19.93 -0.86 30.86
N PRO A 849 -20.37 0.32 30.42
CA PRO A 849 -21.78 0.70 30.66
C PRO A 849 -22.79 -0.11 29.87
N TRP A 850 -22.55 -0.34 28.58
CA TRP A 850 -23.59 -0.92 27.74
C TRP A 850 -23.80 -2.41 28.03
N GLN A 851 -22.72 -3.18 28.22
CA GLN A 851 -22.87 -4.58 28.54
C GLN A 851 -23.55 -4.76 29.89
N THR A 852 -23.22 -3.89 30.85
CA THR A 852 -23.86 -3.94 32.16
C THR A 852 -25.36 -3.77 32.05
N LEU A 853 -25.82 -2.88 31.17
CA LEU A 853 -27.25 -2.66 31.00
C LEU A 853 -27.94 -3.91 30.46
N ALA A 854 -27.32 -4.58 29.49
CA ALA A 854 -27.91 -5.79 28.93
C ALA A 854 -27.97 -6.90 29.99
N CYS A 855 -26.91 -7.03 30.78
CA CYS A 855 -26.94 -8.03 31.85
C CYS A 855 -28.02 -7.69 32.87
N CYS A 856 -28.21 -6.39 33.15
CA CYS A 856 -29.27 -5.98 34.08
C CYS A 856 -30.64 -6.35 33.54
N MET A 857 -30.88 -6.13 32.25
CA MET A 857 -32.15 -6.52 31.64
C MET A 857 -32.38 -8.02 31.76
N GLU A 858 -31.33 -8.81 31.48
CA GLU A 858 -31.50 -10.26 31.55
C GLU A 858 -31.78 -10.71 32.99
N VAL A 859 -31.08 -10.13 33.96
CA VAL A 859 -31.32 -10.49 35.35
C VAL A 859 -32.73 -10.11 35.78
N ALA A 860 -33.21 -8.93 35.38
CA ALA A 860 -34.56 -8.53 35.73
C ALA A 860 -35.60 -9.47 35.13
N ASN A 861 -35.42 -9.82 33.84
CA ASN A 861 -36.34 -10.76 33.21
C ASN A 861 -36.31 -12.12 33.92
N ALA A 862 -35.13 -12.54 34.36
CA ALA A 862 -35.03 -13.82 35.06
C ALA A 862 -35.77 -13.79 36.39
N VAL A 863 -35.54 -12.76 37.19
CA VAL A 863 -36.13 -12.74 38.54
C VAL A 863 -37.64 -12.53 38.46
N ARG A 864 -38.10 -11.68 37.54
CA ARG A 864 -39.53 -11.39 37.49
C ARG A 864 -40.34 -12.58 36.98
N ALA A 865 -39.67 -13.55 36.37
CA ALA A 865 -40.38 -14.72 35.86
C ALA A 865 -40.89 -15.58 37.02
N SER A 866 -41.92 -16.37 36.74
CA SER A 866 -42.50 -17.24 37.77
C SER A 866 -41.49 -18.27 38.24
N ASP A 867 -40.87 -18.99 37.29
CA ASP A 867 -39.84 -19.97 37.62
C ASP A 867 -38.53 -19.52 37.01
N PRO A 868 -37.59 -18.98 37.82
CA PRO A 868 -36.31 -18.54 37.24
C PRO A 868 -35.50 -19.66 36.61
N ALA A 869 -35.69 -20.90 37.06
CA ALA A 869 -34.89 -22.00 36.55
C ALA A 869 -35.30 -22.39 35.13
N ALA A 870 -36.56 -22.17 34.77
CA ALA A 870 -37.07 -22.52 33.46
C ALA A 870 -36.89 -21.41 32.43
N TYR A 871 -36.41 -20.24 32.85
CA TYR A 871 -36.21 -19.14 31.92
C TYR A 871 -35.06 -19.43 30.98
N VAL A 872 -35.28 -19.23 29.68
CA VAL A 872 -34.24 -19.44 28.68
C VAL A 872 -33.44 -18.15 28.54
N SER A 873 -32.12 -18.29 28.40
CA SER A 873 -31.22 -17.15 28.31
C SER A 873 -30.37 -17.26 27.05
N HIS A 874 -30.22 -16.15 26.34
CA HIS A 874 -29.45 -16.10 25.11
C HIS A 874 -28.19 -15.24 25.24
N LEU A 875 -27.75 -15.01 26.47
CA LEU A 875 -26.69 -14.06 26.74
C LEU A 875 -25.39 -14.78 27.05
N PRO A 876 -24.31 -14.52 26.31
CA PRO A 876 -23.03 -15.17 26.61
C PRO A 876 -22.44 -14.68 27.92
N VAL A 877 -21.66 -15.55 28.56
CA VAL A 877 -20.98 -15.25 29.82
C VAL A 877 -19.48 -15.44 29.61
N HIS A 878 -18.71 -14.43 30.00
CA HIS A 878 -17.28 -14.39 29.75
C HIS A 878 -16.52 -14.96 30.94
N GLN A 879 -15.45 -15.71 30.65
CA GLN A 879 -14.49 -16.16 31.65
C GLN A 879 -13.09 -15.82 31.14
N ASP A 880 -12.35 -15.05 31.93
CA ASP A 880 -11.08 -14.49 31.51
C ASP A 880 -9.94 -15.10 32.32
N GLY A 881 -8.77 -15.18 31.70
CA GLY A 881 -7.57 -15.65 32.36
C GLY A 881 -6.70 -14.46 32.77
N SER A 882 -6.20 -14.53 34.01
CA SER A 882 -5.46 -13.42 34.59
C SER A 882 -3.96 -13.61 34.36
N CYS A 883 -3.34 -12.62 33.72
CA CYS A 883 -1.90 -12.65 33.43
C CYS A 883 -1.53 -13.91 32.64
N ASN A 884 -2.11 -14.02 31.43
CA ASN A 884 -2.00 -15.25 30.67
C ASN A 884 -0.56 -15.53 30.25
N GLY A 885 0.17 -14.50 29.83
CA GLY A 885 1.54 -14.71 29.40
C GLY A 885 2.43 -15.20 30.53
N LEU A 886 2.30 -14.58 31.71
CA LEU A 886 3.06 -15.05 32.85
C LEU A 886 2.63 -16.44 33.28
N GLN A 887 1.34 -16.76 33.12
CA GLN A 887 0.89 -18.11 33.40
C GLN A 887 1.55 -19.14 32.49
N HIS A 888 1.63 -18.84 31.20
CA HIS A 888 2.31 -19.75 30.28
C HIS A 888 3.80 -19.86 30.60
N TYR A 889 4.43 -18.75 30.94
CA TYR A 889 5.83 -18.79 31.32
C TYR A 889 6.06 -19.67 32.55
N ALA A 890 5.21 -19.51 33.57
CA ALA A 890 5.34 -20.32 34.78
C ALA A 890 5.08 -21.78 34.49
N ALA A 891 4.12 -22.08 33.62
CA ALA A 891 3.86 -23.46 33.24
C ALA A 891 5.04 -24.06 32.50
N LEU A 892 5.67 -23.30 31.61
CA LEU A 892 6.84 -23.78 30.89
C LEU A 892 7.99 -24.07 31.84
N GLY A 893 8.27 -23.15 32.76
CA GLY A 893 9.32 -23.37 33.72
C GLY A 893 8.95 -24.25 34.90
N ARG A 894 7.65 -24.48 35.11
CA ARG A 894 7.15 -25.21 36.27
C ARG A 894 7.71 -24.62 37.57
N ASP A 895 7.81 -23.30 37.61
CA ASP A 895 8.26 -22.59 38.80
C ASP A 895 7.15 -22.60 39.84
N SER A 896 7.53 -22.67 41.11
CA SER A 896 6.52 -22.74 42.18
C SER A 896 6.05 -21.35 42.57
N VAL A 897 6.99 -20.43 42.82
CA VAL A 897 6.63 -19.08 43.24
C VAL A 897 5.85 -18.36 42.13
N GLY A 898 6.35 -18.46 40.90
CA GLY A 898 5.65 -17.83 39.78
C GLY A 898 4.26 -18.37 39.58
N ALA A 899 4.10 -19.69 39.68
CA ALA A 899 2.78 -20.29 39.54
C ALA A 899 1.84 -19.85 40.67
N ALA A 900 2.36 -19.79 41.89
CA ALA A 900 1.53 -19.35 43.02
C ALA A 900 1.14 -17.90 42.87
N SER A 901 1.95 -17.10 42.17
CA SER A 901 1.68 -15.68 42.05
C SER A 901 0.56 -15.39 41.05
N VAL A 902 0.45 -16.20 40.00
CA VAL A 902 -0.50 -15.90 38.93
C VAL A 902 -1.70 -16.83 38.98
N ASN A 903 -2.04 -17.32 40.18
CA ASN A 903 -3.25 -18.09 40.42
C ASN A 903 -3.22 -19.46 39.75
N LEU A 904 -2.04 -20.07 39.65
CA LEU A 904 -1.92 -21.43 39.14
C LEU A 904 -1.98 -22.47 40.24
N GLU A 905 -2.17 -22.06 41.48
CA GLU A 905 -2.29 -22.95 42.63
C GLU A 905 -3.56 -22.61 43.40
N PRO A 906 -4.13 -23.58 44.11
CA PRO A 906 -5.38 -23.33 44.84
C PRO A 906 -5.22 -22.19 45.86
N SER A 907 -6.25 -21.38 45.96
CA SER A 907 -6.27 -20.23 46.87
C SER A 907 -7.71 -19.86 47.16
N ASP A 908 -7.89 -19.00 48.16
CA ASP A 908 -9.23 -18.56 48.56
C ASP A 908 -9.59 -17.20 47.98
N VAL A 909 -8.61 -16.31 47.81
CA VAL A 909 -8.84 -14.97 47.30
C VAL A 909 -7.92 -14.73 46.11
N PRO A 910 -8.39 -14.06 45.05
CA PRO A 910 -7.55 -13.88 43.87
C PRO A 910 -6.28 -13.11 44.18
N GLN A 911 -5.21 -13.43 43.43
CA GLN A 911 -3.91 -12.80 43.59
C GLN A 911 -3.44 -12.28 42.23
N ASP A 912 -2.87 -11.07 42.23
CA ASP A 912 -2.37 -10.47 41.00
C ASP A 912 -1.07 -9.74 41.28
N VAL A 913 -0.14 -9.82 40.32
CA VAL A 913 1.16 -9.16 40.46
C VAL A 913 1.02 -7.66 40.28
N TYR A 914 0.12 -7.23 39.40
CA TYR A 914 0.04 -5.82 39.01
C TYR A 914 -0.38 -4.95 40.19
N SER A 915 -1.09 -5.52 41.16
CA SER A 915 -1.43 -4.75 42.36
C SER A 915 -0.23 -4.64 43.30
N GLY A 916 0.57 -5.70 43.42
CA GLY A 916 1.77 -5.61 44.22
C GLY A 916 2.77 -4.62 43.67
N VAL A 917 2.90 -4.56 42.34
CA VAL A 917 3.78 -3.57 41.74
C VAL A 917 3.34 -2.16 42.09
N ALA A 918 2.04 -1.90 41.99
CA ALA A 918 1.51 -0.59 42.36
C ALA A 918 1.68 -0.28 43.83
N ALA A 919 1.55 -1.27 44.71
CA ALA A 919 1.79 -1.05 46.14
C ALA A 919 3.23 -0.66 46.40
N GLN A 920 4.18 -1.38 45.79
CA GLN A 920 5.59 -1.06 45.99
C GLN A 920 5.93 0.32 45.43
N VAL A 921 5.42 0.64 44.24
CA VAL A 921 5.66 1.95 43.65
C VAL A 921 5.06 3.04 44.53
N GLU A 922 3.87 2.78 45.09
CA GLU A 922 3.25 3.76 45.97
C GLU A 922 4.07 3.98 47.22
N VAL A 923 4.63 2.91 47.79
CA VAL A 923 5.48 3.04 48.98
C VAL A 923 6.69 3.90 48.68
N PHE A 924 7.38 3.60 47.57
CA PHE A 924 8.54 4.40 47.19
C PHE A 924 8.15 5.85 46.92
N ARG A 925 7.01 6.07 46.26
CA ARG A 925 6.59 7.42 45.95
C ARG A 925 6.27 8.20 47.22
N ARG A 926 5.63 7.57 48.20
CA ARG A 926 5.33 8.25 49.46
C ARG A 926 6.61 8.60 50.20
N GLN A 927 7.55 7.66 50.28
CA GLN A 927 8.82 7.96 50.94
C GLN A 927 9.56 9.09 50.22
N ASP A 928 9.50 9.11 48.89
CA ASP A 928 10.16 10.16 48.12
C ASP A 928 9.49 11.52 48.33
N ALA A 929 8.15 11.55 48.31
CA ALA A 929 7.44 12.82 48.47
C ALA A 929 7.54 13.33 49.90
N GLN A 930 7.89 12.45 50.85
CA GLN A 930 8.19 12.91 52.20
C GLN A 930 9.34 13.91 52.18
N ARG A 931 10.33 13.71 51.30
CA ARG A 931 11.40 14.67 51.14
C ARG A 931 10.99 15.89 50.32
N GLY A 932 9.86 15.81 49.60
CA GLY A 932 9.18 17.00 49.13
C GLY A 932 9.41 17.42 47.70
N MET A 933 9.88 16.54 46.81
CA MET A 933 10.03 16.93 45.42
C MET A 933 8.65 17.05 44.76
N ARG A 934 8.54 18.00 43.82
CA ARG A 934 7.24 18.43 43.33
C ARG A 934 6.48 17.30 42.65
N VAL A 935 7.15 16.55 41.77
CA VAL A 935 6.45 15.56 40.93
C VAL A 935 5.92 14.43 41.79
N ALA A 936 6.68 14.00 42.80
CA ALA A 936 6.20 12.93 43.67
C ALA A 936 5.04 13.41 44.52
N GLN A 937 4.98 14.70 44.81
CA GLN A 937 3.87 15.25 45.58
C GLN A 937 2.62 15.38 44.73
N VAL A 938 2.78 15.69 43.44
CA VAL A 938 1.62 15.91 42.57
C VAL A 938 0.79 14.64 42.44
N LEU A 939 1.48 13.52 42.14
CA LEU A 939 0.81 12.22 41.93
C LEU A 939 0.48 11.57 43.27
N GLU A 940 -0.44 12.16 44.04
CA GLU A 940 -0.73 11.63 45.38
C GLU A 940 -1.50 10.32 45.30
N GLY A 941 -2.55 10.26 44.49
CA GLY A 941 -3.39 9.08 44.44
C GLY A 941 -3.63 8.57 43.03
N PHE A 942 -2.62 8.70 42.16
CA PHE A 942 -2.72 8.30 40.77
C PHE A 942 -1.88 7.07 40.47
N ILE A 943 -1.49 6.31 41.49
CA ILE A 943 -0.76 5.06 41.32
C ILE A 943 -1.80 3.94 41.38
N THR A 944 -2.25 3.49 40.22
CA THR A 944 -3.29 2.49 40.11
C THR A 944 -2.78 1.30 39.30
N ARG A 945 -3.61 0.25 39.25
CA ARG A 945 -3.26 -0.93 38.48
C ARG A 945 -3.15 -0.61 36.99
N LYS A 946 -4.03 0.27 36.50
CA LYS A 946 -4.08 0.54 35.07
C LYS A 946 -2.82 1.23 34.58
N VAL A 947 -2.21 2.06 35.43
CA VAL A 947 -1.06 2.86 34.98
C VAL A 947 0.20 2.02 34.95
N VAL A 948 0.23 0.89 35.67
CA VAL A 948 1.44 0.08 35.74
C VAL A 948 1.17 -1.35 35.27
N LYS A 949 0.06 -1.56 34.58
CA LYS A 949 -0.28 -2.88 34.05
C LYS A 949 0.58 -3.27 32.85
N GLN A 950 0.49 -2.49 31.77
CA GLN A 950 1.11 -2.90 30.51
C GLN A 950 2.63 -2.88 30.54
N THR A 951 3.24 -2.13 31.45
CA THR A 951 4.70 -2.15 31.57
C THR A 951 5.18 -3.47 32.17
N VAL A 952 4.62 -3.85 33.31
CA VAL A 952 5.02 -5.10 33.95
C VAL A 952 4.53 -6.30 33.14
N MET A 953 3.53 -6.10 32.28
CA MET A 953 3.12 -7.18 31.39
C MET A 953 4.18 -7.45 30.34
N THR A 954 4.81 -6.40 29.82
CA THR A 954 5.71 -6.52 28.67
C THR A 954 7.18 -6.45 29.04
N VAL A 955 7.53 -6.35 30.32
CA VAL A 955 8.95 -6.45 30.68
C VAL A 955 9.48 -7.83 30.32
N VAL A 956 8.66 -8.86 30.45
CA VAL A 956 9.12 -10.22 30.18
C VAL A 956 9.24 -10.46 28.68
N TYR A 957 8.58 -9.66 27.86
CA TYR A 957 8.75 -9.75 26.41
C TYR A 957 9.89 -8.88 25.89
N GLY A 958 10.56 -8.13 26.76
CA GLY A 958 11.70 -7.35 26.35
C GLY A 958 11.40 -5.91 25.99
N VAL A 959 10.72 -5.16 26.87
CA VAL A 959 10.44 -3.77 26.58
C VAL A 959 11.60 -2.91 27.08
N THR A 960 11.90 -1.84 26.34
CA THR A 960 12.94 -0.91 26.73
C THR A 960 12.37 0.19 27.61
N ARG A 961 13.28 0.90 28.28
CA ARG A 961 12.88 2.03 29.15
C ARG A 961 12.38 3.19 28.29
N TYR A 962 12.93 3.34 27.09
CA TYR A 962 12.42 4.37 26.15
C TYR A 962 10.99 4.01 25.81
N GLY A 963 10.70 2.72 25.71
CA GLY A 963 9.34 2.25 25.36
C GLY A 963 8.43 2.36 26.55
N GLY A 964 8.93 1.97 27.72
CA GLY A 964 8.14 2.02 28.97
C GLY A 964 7.62 3.41 29.23
N ARG A 965 8.44 4.44 29.00
CA ARG A 965 8.03 5.85 29.21
C ARG A 965 6.88 6.22 28.29
N LEU A 966 6.87 5.74 27.05
CA LEU A 966 5.83 6.20 26.10
C LEU A 966 4.53 5.47 26.42
N GLN A 967 4.58 4.37 27.17
CA GLN A 967 3.36 3.76 27.66
C GLN A 967 2.80 4.51 28.87
N ILE A 968 3.67 4.84 29.82
CA ILE A 968 3.19 5.53 31.02
C ILE A 968 2.72 6.94 30.68
N GLU A 969 3.38 7.62 29.73
CA GLU A 969 2.91 8.92 29.29
C GLU A 969 1.52 8.82 28.68
N LYS A 970 1.31 7.83 27.81
CA LYS A 970 0.00 7.66 27.19
C LYS A 970 -1.07 7.36 28.24
N ARG A 971 -0.73 6.55 29.24
CA ARG A 971 -1.69 6.24 30.30
C ARG A 971 -2.03 7.47 31.13
N LEU A 972 -1.02 8.29 31.45
CA LEU A 972 -1.26 9.46 32.30
C LEU A 972 -1.99 10.57 31.55
N ARG A 973 -1.86 10.58 30.22
CA ARG A 973 -2.45 11.67 29.45
C ARG A 973 -3.98 11.69 29.55
N GLU A 974 -4.60 10.52 29.55
CA GLU A 974 -6.06 10.42 29.48
C GLU A 974 -6.73 10.46 30.86
N LEU A 975 -6.01 10.79 31.93
CA LEU A 975 -6.61 10.76 33.26
C LEU A 975 -7.62 11.89 33.45
N SER A 976 -7.36 13.05 32.85
CA SER A 976 -8.28 14.19 32.81
C SER A 976 -8.46 14.86 34.16
N ASP A 977 -7.87 14.29 35.21
CA ASP A 977 -7.86 14.96 36.51
C ASP A 977 -6.44 15.31 36.92
N PHE A 978 -5.48 14.48 36.51
CA PHE A 978 -4.08 14.80 36.72
C PHE A 978 -3.72 16.04 35.90
N PRO A 979 -3.02 17.01 36.47
CA PRO A 979 -2.70 18.23 35.73
C PRO A 979 -1.86 17.92 34.50
N GLN A 980 -2.40 18.27 33.33
CA GLN A 980 -1.78 17.90 32.05
C GLN A 980 -0.65 18.86 31.68
N GLU A 981 0.29 19.04 32.61
CA GLU A 981 1.48 19.83 32.37
C GLU A 981 2.75 19.21 32.93
N PHE A 982 2.65 18.14 33.72
CA PHE A 982 3.80 17.51 34.35
C PHE A 982 4.04 16.10 33.84
N VAL A 983 3.38 15.75 32.72
CA VAL A 983 3.49 14.39 32.12
C VAL A 983 4.94 14.03 31.80
N TRP A 984 5.71 14.95 31.22
CA TRP A 984 7.10 14.61 30.78
C TRP A 984 7.93 14.15 31.98
N GLU A 985 7.70 14.72 33.16
CA GLU A 985 8.54 14.38 34.33
C GLU A 985 7.90 13.21 35.07
N ALA A 986 6.57 13.09 35.01
CA ALA A 986 5.88 12.02 35.72
C ALA A 986 6.17 10.67 35.08
N SER A 987 6.14 10.63 33.76
CA SER A 987 6.48 9.38 33.03
C SER A 987 7.91 8.98 33.37
N HIS A 988 8.86 9.92 33.27
CA HIS A 988 10.29 9.59 33.52
C HIS A 988 10.44 9.06 34.96
N TYR A 989 9.70 9.63 35.91
CA TYR A 989 9.79 9.18 37.33
C TYR A 989 9.16 7.79 37.50
N LEU A 990 7.96 7.58 36.97
CA LEU A 990 7.21 6.34 37.14
C LEU A 990 7.96 5.15 36.54
N VAL A 991 8.65 5.35 35.41
CA VAL A 991 9.30 4.17 34.76
C VAL A 991 10.60 3.85 35.49
N ARG A 992 11.30 4.84 36.02
CA ARG A 992 12.52 4.57 36.81
C ARG A 992 12.13 3.76 38.04
N GLN A 993 11.01 4.12 38.67
CA GLN A 993 10.60 3.43 39.93
C GLN A 993 10.04 2.04 39.61
N VAL A 994 9.30 1.91 38.50
CA VAL A 994 8.83 0.57 38.13
C VAL A 994 10.00 -0.36 37.87
N PHE A 995 11.02 0.11 37.14
CA PHE A 995 12.18 -0.73 36.92
C PHE A 995 13.01 -0.89 38.18
N LYS A 996 12.95 0.08 39.09
CA LYS A 996 13.58 -0.06 40.40
C LYS A 996 12.81 -0.99 41.31
N SER A 997 11.58 -1.35 40.95
CA SER A 997 10.81 -2.35 41.69
C SER A 997 10.83 -3.73 41.07
N LEU A 998 11.10 -3.83 39.76
CA LEU A 998 10.95 -5.08 39.02
C LEU A 998 12.25 -5.85 38.81
N GLN A 999 13.30 -5.60 39.61
CA GLN A 999 14.60 -6.19 39.30
C GLN A 999 14.64 -7.67 39.65
N GLU A 1000 13.99 -8.07 40.74
CA GLU A 1000 14.15 -9.42 41.27
C GLU A 1000 12.83 -10.15 41.52
N MET A 1001 11.80 -9.92 40.68
CA MET A 1001 10.54 -10.61 40.89
C MET A 1001 10.41 -11.84 40.00
N PHE A 1002 10.80 -11.71 38.73
CA PHE A 1002 10.74 -12.83 37.78
C PHE A 1002 12.14 -13.37 37.54
N SER A 1003 12.33 -14.67 37.77
CA SER A 1003 13.62 -15.32 37.58
C SER A 1003 13.59 -16.36 36.46
N GLY A 1004 12.72 -17.37 36.58
CA GLY A 1004 12.66 -18.39 35.55
C GLY A 1004 12.14 -17.85 34.23
N THR A 1005 11.17 -16.94 34.31
CA THR A 1005 10.67 -16.29 33.10
C THR A 1005 11.79 -15.55 32.37
N ARG A 1006 12.62 -14.82 33.11
CA ARG A 1006 13.72 -14.09 32.49
C ARG A 1006 14.79 -15.05 31.97
N ALA A 1007 15.02 -16.17 32.65
CA ALA A 1007 15.97 -17.16 32.13
C ALA A 1007 15.50 -17.72 30.79
N ILE A 1008 14.22 -18.08 30.70
CA ILE A 1008 13.68 -18.60 29.44
C ILE A 1008 13.72 -17.54 28.36
N GLN A 1009 13.41 -16.30 28.71
CA GLN A 1009 13.47 -15.21 27.74
C GLN A 1009 14.89 -15.02 27.23
N HIS A 1010 15.88 -15.07 28.11
CA HIS A 1010 17.27 -14.94 27.69
C HIS A 1010 17.67 -16.07 26.76
N TRP A 1011 17.29 -17.30 27.09
CA TRP A 1011 17.63 -18.43 26.22
C TRP A 1011 17.01 -18.26 24.84
N LEU A 1012 15.73 -17.90 24.79
CA LEU A 1012 15.07 -17.72 23.50
C LEU A 1012 15.71 -16.60 22.69
N THR A 1013 16.01 -15.46 23.33
CA THR A 1013 16.62 -14.35 22.61
C THR A 1013 18.00 -14.70 22.08
N GLU A 1014 18.82 -15.38 22.89
CA GLU A 1014 20.15 -15.77 22.43
C GLU A 1014 20.06 -16.74 21.26
N SER A 1015 19.17 -17.72 21.36
CA SER A 1015 19.02 -18.67 20.26
C SER A 1015 18.57 -17.98 18.98
N ALA A 1016 17.70 -16.98 19.06
CA ALA A 1016 17.23 -16.35 17.80
C ALA A 1016 18.31 -15.43 17.22
N ARG A 1017 19.09 -14.79 18.08
CA ARG A 1017 20.18 -13.89 17.62
C ARG A 1017 21.23 -14.71 16.86
N LEU A 1018 21.56 -15.91 17.36
CA LEU A 1018 22.64 -16.68 16.71
C LEU A 1018 22.05 -17.37 15.49
N ILE A 1019 20.79 -17.81 15.53
CA ILE A 1019 20.23 -18.35 14.29
C ILE A 1019 20.19 -17.29 13.21
N SER A 1020 19.81 -16.06 13.58
CA SER A 1020 19.72 -14.99 12.58
C SER A 1020 21.11 -14.56 12.12
N HIS A 1021 22.14 -14.82 12.92
CA HIS A 1021 23.50 -14.45 12.51
C HIS A 1021 23.98 -15.31 11.36
N MET A 1022 23.54 -16.57 11.29
CA MET A 1022 24.00 -17.47 10.25
C MET A 1022 23.38 -17.20 8.89
N GLY A 1023 22.38 -16.33 8.82
CA GLY A 1023 21.76 -15.99 7.55
C GLY A 1023 20.40 -16.62 7.29
N SER A 1024 19.79 -17.24 8.29
CA SER A 1024 18.48 -17.87 8.13
C SER A 1024 17.53 -17.37 9.21
N VAL A 1025 16.24 -17.36 8.89
CA VAL A 1025 15.21 -16.85 9.79
C VAL A 1025 14.79 -17.98 10.73
N VAL A 1026 14.14 -17.59 11.83
CA VAL A 1026 13.75 -18.54 12.87
C VAL A 1026 12.47 -19.26 12.46
N GLU A 1027 12.44 -20.57 12.68
CA GLU A 1027 11.26 -21.39 12.45
C GLU A 1027 11.01 -22.28 13.65
N TRP A 1028 9.73 -22.60 13.88
CA TRP A 1028 9.35 -23.56 14.89
C TRP A 1028 8.01 -24.17 14.51
N VAL A 1029 7.61 -25.20 15.23
CA VAL A 1029 6.37 -25.92 14.96
C VAL A 1029 5.54 -25.94 16.24
N THR A 1030 4.27 -25.55 16.13
CA THR A 1030 3.39 -25.52 17.28
C THR A 1030 3.11 -26.94 17.78
N PRO A 1031 2.78 -27.09 19.06
CA PRO A 1031 2.49 -28.45 19.57
C PRO A 1031 1.35 -29.14 18.85
N LEU A 1032 0.39 -28.40 18.31
CA LEU A 1032 -0.68 -29.02 17.54
C LEU A 1032 -0.17 -29.54 16.20
N GLY A 1033 0.70 -28.78 15.55
CA GLY A 1033 1.28 -29.22 14.29
C GLY A 1033 1.40 -28.14 13.22
N VAL A 1034 0.90 -26.94 13.52
CA VAL A 1034 0.96 -25.85 12.54
C VAL A 1034 2.37 -25.28 12.51
N PRO A 1035 3.02 -25.18 11.35
CA PRO A 1035 4.37 -24.60 11.30
C PRO A 1035 4.38 -23.08 11.25
N VAL A 1036 5.34 -22.46 11.91
CA VAL A 1036 5.44 -21.01 12.03
C VAL A 1036 6.83 -20.57 11.57
N ILE A 1037 6.92 -19.33 11.07
CA ILE A 1037 8.17 -18.76 10.59
C ILE A 1037 8.09 -17.24 10.72
N GLN A 1038 9.25 -16.60 11.02
CA GLN A 1038 9.31 -15.16 11.24
C GLN A 1038 9.82 -14.46 9.98
N PRO A 1039 9.01 -13.63 9.33
CA PRO A 1039 9.44 -12.98 8.07
C PRO A 1039 10.08 -11.62 8.25
N TYR A 1040 11.14 -11.50 9.04
CA TYR A 1040 11.84 -10.22 9.21
C TYR A 1040 13.13 -10.25 8.41
N ARG A 1041 13.25 -9.33 7.44
CA ARG A 1041 14.44 -9.21 6.61
C ARG A 1041 14.72 -7.73 6.35
N LEU A 1042 15.99 -7.42 6.10
CA LEU A 1042 16.36 -6.06 5.75
C LEU A 1042 15.95 -5.75 4.32
N ASP A 1043 15.29 -4.61 4.14
CA ASP A 1043 14.76 -4.22 2.82
C ASP A 1043 15.86 -3.51 2.05
N SER A 1044 16.49 -4.23 1.12
CA SER A 1044 17.60 -3.67 0.35
C SER A 1044 17.11 -2.70 -0.70
N LYS A 1045 16.06 -3.04 -1.42
CA LYS A 1045 15.59 -2.24 -2.55
C LYS A 1045 14.08 -2.18 -2.57
N VAL A 1046 13.57 -1.11 -3.19
CA VAL A 1046 12.14 -0.94 -3.45
C VAL A 1046 11.97 -0.60 -4.93
N LYS A 1047 10.93 -1.17 -5.54
CA LYS A 1047 10.73 -0.98 -6.97
C LYS A 1047 9.88 0.27 -7.25
N GLN A 1048 9.89 0.69 -8.51
CA GLN A 1048 9.16 1.86 -8.96
C GLN A 1048 8.47 1.54 -10.27
N ILE A 1049 7.38 2.25 -10.56
CA ILE A 1049 6.61 2.08 -11.79
C ILE A 1049 6.40 3.44 -12.41
N GLY A 1050 7.12 3.73 -13.50
CA GLY A 1050 6.91 4.97 -14.22
C GLY A 1050 5.56 5.00 -14.92
N GLY A 1051 4.99 6.18 -15.02
CA GLY A 1051 3.66 6.30 -15.58
C GLY A 1051 3.34 7.72 -15.97
N GLY A 1052 2.10 7.91 -16.42
CA GLY A 1052 1.68 9.21 -16.92
C GLY A 1052 1.66 10.29 -15.86
N ILE A 1053 1.13 9.96 -14.68
CA ILE A 1053 0.95 10.93 -13.61
C ILE A 1053 2.15 10.98 -12.67
N GLN A 1054 2.50 9.85 -12.06
CA GLN A 1054 3.58 9.82 -11.10
C GLN A 1054 4.10 8.39 -10.99
N SER A 1055 5.32 8.27 -10.44
CA SER A 1055 5.97 6.98 -10.30
C SER A 1055 5.67 6.43 -8.90
N ILE A 1056 4.98 5.29 -8.87
CA ILE A 1056 4.59 4.68 -7.60
C ILE A 1056 5.76 3.88 -7.05
N THR A 1057 6.10 4.13 -5.78
CA THR A 1057 7.13 3.37 -5.08
C THR A 1057 6.45 2.35 -4.17
N TYR A 1058 6.70 1.07 -4.42
CA TYR A 1058 6.08 0.00 -3.65
C TYR A 1058 7.12 -0.99 -3.19
N THR A 1059 6.88 -1.61 -2.05
CA THR A 1059 7.78 -2.62 -1.50
C THR A 1059 7.51 -3.97 -2.16
N HIS A 1060 8.58 -4.68 -2.49
CA HIS A 1060 8.51 -6.00 -3.09
C HIS A 1060 8.58 -7.05 -1.98
N ASN A 1061 7.43 -7.61 -1.62
CA ASN A 1061 7.37 -8.66 -0.61
C ASN A 1061 7.65 -10.02 -1.24
N GLY A 1062 8.34 -10.87 -0.51
CA GLY A 1062 8.70 -12.18 -0.99
C GLY A 1062 10.10 -12.32 -1.52
N ASP A 1063 10.91 -11.26 -1.45
CA ASP A 1063 12.30 -11.33 -1.89
C ASP A 1063 13.11 -12.04 -0.83
N ILE A 1064 13.45 -13.31 -1.09
CA ILE A 1064 14.19 -14.12 -0.12
C ILE A 1064 15.69 -13.92 -0.20
N SER A 1065 16.16 -13.06 -1.11
CA SER A 1065 17.60 -12.89 -1.27
C SER A 1065 18.19 -12.04 -0.14
N ARG A 1066 17.40 -11.15 0.43
CA ARG A 1066 17.92 -10.21 1.41
C ARG A 1066 18.28 -10.90 2.72
N LYS A 1067 19.17 -10.28 3.48
CA LYS A 1067 19.66 -10.86 4.72
C LYS A 1067 18.65 -10.66 5.86
N PRO A 1068 18.69 -11.53 6.86
CA PRO A 1068 17.76 -11.37 7.99
C PRO A 1068 18.11 -10.18 8.86
N ASN A 1069 17.13 -9.68 9.62
CA ASN A 1069 17.40 -8.55 10.54
C ASN A 1069 17.53 -9.08 11.95
N THR A 1070 18.74 -9.05 12.51
CA THR A 1070 18.96 -9.65 13.85
C THR A 1070 18.17 -8.91 14.92
N ARG A 1071 18.05 -7.58 14.84
CA ARG A 1071 17.37 -6.83 15.93
C ARG A 1071 15.89 -7.24 16.01
N LYS A 1072 15.19 -7.29 14.87
CA LYS A 1072 13.75 -7.65 14.87
C LYS A 1072 13.54 -9.13 15.22
N GLN A 1073 14.39 -10.02 14.70
CA GLN A 1073 14.25 -11.48 14.98
C GLN A 1073 14.48 -11.75 16.47
N LYS A 1074 15.47 -11.09 17.07
CA LYS A 1074 15.75 -11.29 18.51
C LYS A 1074 14.63 -10.74 19.38
N ASN A 1075 14.00 -9.63 18.98
CA ASN A 1075 12.97 -8.96 19.83
C ASN A 1075 11.59 -9.61 19.67
N GLY A 1076 11.28 -10.16 18.50
CA GLY A 1076 9.96 -10.72 18.27
C GLY A 1076 9.80 -12.19 18.60
N PHE A 1077 10.89 -12.87 18.94
CA PHE A 1077 10.79 -14.30 19.23
C PHE A 1077 10.08 -14.60 20.54
N PRO A 1078 10.38 -13.96 21.67
CA PRO A 1078 9.70 -14.32 22.93
C PRO A 1078 8.19 -14.14 22.87
N PRO A 1079 7.65 -13.09 22.25
CA PRO A 1079 6.18 -12.95 22.26
C PRO A 1079 5.47 -13.96 21.37
N ASN A 1080 5.98 -14.20 20.17
CA ASN A 1080 5.26 -15.03 19.21
C ASN A 1080 5.12 -16.46 19.69
N PHE A 1081 6.15 -17.00 20.34
CA PHE A 1081 6.06 -18.35 20.88
C PHE A 1081 4.95 -18.48 21.90
N ILE A 1082 4.86 -17.52 22.84
CA ILE A 1082 3.84 -17.57 23.87
C ILE A 1082 2.45 -17.40 23.27
N HIS A 1083 2.33 -16.52 22.27
CA HIS A 1083 1.03 -16.33 21.64
C HIS A 1083 0.60 -17.60 20.89
N SER A 1084 1.54 -18.30 20.26
CA SER A 1084 1.21 -19.57 19.63
C SER A 1084 0.74 -20.60 20.65
N LEU A 1085 1.40 -20.64 21.81
CA LEU A 1085 1.00 -21.59 22.89
C LEU A 1085 -0.34 -21.14 23.47
N ASP A 1086 -0.64 -19.84 23.43
CA ASP A 1086 -1.96 -19.31 23.88
C ASP A 1086 -3.08 -19.79 22.95
N SER A 1087 -2.84 -19.83 21.63
CA SER A 1087 -3.92 -20.19 20.69
C SER A 1087 -4.03 -21.71 20.61
N SER A 1088 -2.93 -22.43 20.79
CA SER A 1088 -3.05 -23.89 20.85
C SER A 1088 -3.95 -24.31 22.01
N HIS A 1089 -3.87 -23.63 23.15
CA HIS A 1089 -4.77 -23.98 24.30
C HIS A 1089 -6.22 -23.73 23.93
N MET A 1090 -6.54 -22.59 23.33
CA MET A 1090 -7.97 -22.33 23.06
C MET A 1090 -8.46 -23.40 22.12
N MET A 1091 -7.67 -23.77 21.12
CA MET A 1091 -8.19 -24.68 20.07
C MET A 1091 -8.35 -26.06 20.70
N LEU A 1092 -7.51 -26.40 21.66
CA LEU A 1092 -7.77 -27.65 22.37
C LEU A 1092 -9.04 -27.55 23.20
N THR A 1093 -9.21 -26.44 23.92
CA THR A 1093 -10.39 -26.26 24.75
C THR A 1093 -11.66 -26.27 23.90
N ALA A 1094 -11.64 -25.58 22.77
CA ALA A 1094 -12.82 -25.55 21.90
C ALA A 1094 -13.14 -26.94 21.36
N LEU A 1095 -12.11 -27.66 20.91
CA LEU A 1095 -12.33 -28.98 20.34
C LEU A 1095 -12.93 -29.94 21.36
N HIS A 1096 -12.44 -29.90 22.59
CA HIS A 1096 -13.01 -30.80 23.59
C HIS A 1096 -14.30 -30.29 24.20
N CYS A 1097 -14.63 -29.01 24.03
CA CYS A 1097 -15.94 -28.53 24.45
C CYS A 1097 -17.02 -28.92 23.45
N TYR A 1098 -16.66 -29.05 22.17
CA TYR A 1098 -17.66 -29.42 21.17
C TYR A 1098 -18.31 -30.76 21.46
N ARG A 1099 -17.53 -31.73 21.93
CA ARG A 1099 -18.06 -33.09 22.09
C ARG A 1099 -19.15 -33.15 23.15
N LYS A 1100 -19.12 -32.24 24.12
CA LYS A 1100 -20.10 -32.23 25.20
C LYS A 1100 -21.36 -31.43 24.87
N GLY A 1101 -21.44 -30.85 23.69
CA GLY A 1101 -22.63 -30.13 23.28
C GLY A 1101 -22.67 -28.66 23.65
N LEU A 1102 -21.53 -28.05 23.96
CA LEU A 1102 -21.51 -26.67 24.39
C LEU A 1102 -21.40 -25.73 23.18
N THR A 1103 -21.71 -24.46 23.42
CA THR A 1103 -21.52 -23.39 22.45
C THR A 1103 -20.35 -22.54 22.93
N PHE A 1104 -19.35 -22.39 22.07
CA PHE A 1104 -18.07 -21.80 22.48
C PHE A 1104 -17.57 -20.84 21.43
N VAL A 1105 -17.34 -19.58 21.84
CA VAL A 1105 -16.71 -18.53 20.98
C VAL A 1105 -15.63 -17.91 21.85
N SER A 1106 -14.56 -17.33 21.29
CA SER A 1106 -13.46 -16.85 22.16
C SER A 1106 -12.87 -15.51 21.72
N VAL A 1107 -12.25 -14.76 22.63
CA VAL A 1107 -11.57 -13.48 22.30
C VAL A 1107 -10.14 -13.57 22.84
N HIS A 1108 -9.31 -14.42 22.22
CA HIS A 1108 -7.87 -14.57 22.56
C HIS A 1108 -7.62 -15.27 23.90
N ASP A 1109 -7.96 -14.65 25.04
CA ASP A 1109 -7.74 -15.26 26.37
C ASP A 1109 -9.05 -15.35 27.15
N CYS A 1110 -10.15 -14.86 26.58
CA CYS A 1110 -11.47 -14.85 27.27
C CYS A 1110 -12.39 -15.83 26.53
N TYR A 1111 -13.02 -16.76 27.23
CA TYR A 1111 -13.83 -17.80 26.55
C TYR A 1111 -15.31 -17.58 26.88
N TRP A 1112 -16.18 -17.52 25.87
CA TRP A 1112 -17.62 -17.21 26.10
C TRP A 1112 -18.48 -18.45 25.92
N THR A 1113 -19.58 -18.60 26.65
CA THR A 1113 -20.51 -19.71 26.54
C THR A 1113 -21.84 -19.29 27.17
N HIS A 1114 -22.81 -20.20 27.11
CA HIS A 1114 -24.10 -19.93 27.72
C HIS A 1114 -23.97 -19.86 29.24
N ALA A 1115 -25.02 -19.33 29.87
CA ALA A 1115 -24.96 -19.10 31.31
C ALA A 1115 -24.95 -20.41 32.09
N ALA A 1116 -25.41 -21.51 31.48
CA ALA A 1116 -25.59 -22.74 32.23
C ALA A 1116 -24.35 -23.62 32.22
N ASP A 1117 -23.51 -23.54 31.17
CA ASP A 1117 -22.43 -24.49 30.95
C ASP A 1117 -21.07 -23.96 31.39
N VAL A 1118 -21.05 -22.94 32.24
CA VAL A 1118 -19.78 -22.33 32.64
C VAL A 1118 -18.94 -23.29 33.45
N SER A 1119 -19.57 -24.10 34.30
CA SER A 1119 -18.82 -25.06 35.11
C SER A 1119 -18.14 -26.11 34.24
N VAL A 1120 -18.89 -26.64 33.26
CA VAL A 1120 -18.32 -27.64 32.36
C VAL A 1120 -17.18 -27.03 31.55
N MET A 1121 -17.36 -25.81 31.06
CA MET A 1121 -16.30 -25.18 30.27
C MET A 1121 -15.07 -24.91 31.13
N ASN A 1122 -15.26 -24.54 32.39
CA ASN A 1122 -14.13 -24.37 33.30
C ASN A 1122 -13.37 -25.67 33.51
N GLN A 1123 -14.11 -26.77 33.71
CA GLN A 1123 -13.46 -28.06 33.87
C GLN A 1123 -12.65 -28.43 32.63
N VAL A 1124 -13.22 -28.20 31.44
CA VAL A 1124 -12.51 -28.53 30.21
C VAL A 1124 -11.25 -27.67 30.07
N CYS A 1125 -11.36 -26.38 30.40
CA CYS A 1125 -10.18 -25.50 30.32
C CYS A 1125 -9.08 -26.00 31.24
N ARG A 1126 -9.42 -26.31 32.50
CA ARG A 1126 -8.41 -26.72 33.46
C ARG A 1126 -7.80 -28.05 33.07
N GLU A 1127 -8.57 -28.93 32.43
CA GLU A 1127 -8.02 -30.21 32.00
C GLU A 1127 -7.08 -30.04 30.80
N GLN A 1128 -7.49 -29.24 29.82
CA GLN A 1128 -6.69 -29.10 28.62
C GLN A 1128 -5.43 -28.29 28.85
N PHE A 1129 -5.42 -27.38 29.82
CA PHE A 1129 -4.16 -26.70 30.15
C PHE A 1129 -3.11 -27.71 30.61
N VAL A 1130 -3.49 -28.62 31.52
CA VAL A 1130 -2.56 -29.62 32.01
C VAL A 1130 -2.16 -30.58 30.89
N ARG A 1131 -3.12 -30.96 30.05
CA ARG A 1131 -2.79 -31.85 28.92
C ARG A 1131 -1.80 -31.19 27.97
N LEU A 1132 -1.98 -29.90 27.69
CA LEU A 1132 -1.05 -29.20 26.80
C LEU A 1132 0.33 -29.09 27.41
N HIS A 1133 0.43 -28.70 28.69
CA HIS A 1133 1.73 -28.44 29.27
C HIS A 1133 2.36 -29.65 29.96
N SER A 1134 1.74 -30.83 29.84
CA SER A 1134 2.43 -32.03 30.32
C SER A 1134 3.54 -32.46 29.36
N GLU A 1135 3.44 -32.07 28.10
CA GLU A 1135 4.43 -32.42 27.08
C GLU A 1135 5.69 -31.56 27.23
N PRO A 1136 6.85 -32.07 26.81
CA PRO A 1136 8.08 -31.27 26.88
C PRO A 1136 8.21 -30.32 25.70
N ILE A 1137 7.59 -29.14 25.80
CA ILE A 1137 7.61 -28.19 24.70
C ILE A 1137 9.02 -27.67 24.45
N LEU A 1138 9.73 -27.31 25.52
CA LEU A 1138 11.05 -26.72 25.36
C LEU A 1138 12.04 -27.70 24.75
N GLN A 1139 12.01 -28.96 25.21
CA GLN A 1139 12.95 -29.95 24.68
C GLN A 1139 12.66 -30.25 23.21
N ASP A 1140 11.38 -30.35 22.86
CA ASP A 1140 11.02 -30.58 21.46
C ASP A 1140 11.45 -29.40 20.59
N LEU A 1141 11.29 -28.18 21.11
CA LEU A 1141 11.76 -27.00 20.38
C LEU A 1141 13.27 -27.05 20.17
N SER A 1142 14.02 -27.42 21.21
CA SER A 1142 15.47 -27.50 21.09
C SER A 1142 15.87 -28.54 20.06
N ARG A 1143 15.23 -29.71 20.09
CA ARG A 1143 15.57 -30.76 19.14
C ARG A 1143 15.24 -30.33 17.71
N PHE A 1144 14.08 -29.70 17.51
CA PHE A 1144 13.72 -29.25 16.17
C PHE A 1144 14.71 -28.20 15.66
N LEU A 1145 15.09 -27.25 16.53
CA LEU A 1145 16.04 -26.23 16.11
C LEU A 1145 17.40 -26.83 15.79
N VAL A 1146 17.83 -27.83 16.57
CA VAL A 1146 19.11 -28.48 16.30
C VAL A 1146 19.06 -29.20 14.95
N LYS A 1147 17.98 -29.93 14.69
CA LYS A 1147 17.88 -30.68 13.44
C LYS A 1147 17.79 -29.75 12.24
N ARG A 1148 17.04 -28.65 12.36
CA ARG A 1148 16.78 -27.82 11.18
C ARG A 1148 17.99 -26.99 10.78
N PHE A 1149 18.69 -26.40 11.76
CA PHE A 1149 19.72 -25.40 11.46
C PHE A 1149 21.14 -25.91 11.60
N CYS A 1150 21.42 -26.70 12.64
CA CYS A 1150 22.78 -27.18 12.88
C CYS A 1150 23.15 -28.39 12.05
N SER A 1151 22.23 -28.89 11.22
CA SER A 1151 22.52 -30.08 10.42
C SER A 1151 23.63 -29.81 9.41
N GLU A 1152 23.63 -28.64 8.79
CA GLU A 1152 24.62 -28.35 7.76
C GLU A 1152 25.98 -28.07 8.40
N PRO A 1153 27.03 -28.81 8.03
CA PRO A 1153 28.34 -28.61 8.64
C PRO A 1153 29.19 -27.57 7.92
N GLN A 1154 28.56 -26.76 7.07
CA GLN A 1154 29.31 -25.88 6.17
C GLN A 1154 30.21 -24.93 6.93
N LYS A 1155 29.73 -24.38 8.04
CA LYS A 1155 30.53 -23.50 8.91
C LYS A 1155 30.64 -24.19 10.26
N ILE A 1156 31.79 -24.84 10.49
CA ILE A 1156 31.92 -25.76 11.61
C ILE A 1156 31.84 -25.01 12.94
N LEU A 1157 32.60 -23.94 13.08
CA LEU A 1157 32.71 -23.27 14.39
C LEU A 1157 31.43 -22.55 14.77
N GLU A 1158 30.84 -21.81 13.83
CA GLU A 1158 29.58 -21.12 14.13
C GLU A 1158 28.48 -22.13 14.43
N ALA A 1159 28.41 -23.23 13.69
CA ALA A 1159 27.43 -24.27 13.97
C ALA A 1159 27.68 -24.91 15.34
N SER A 1160 28.95 -25.06 15.72
CA SER A 1160 29.25 -25.60 17.05
C SER A 1160 28.76 -24.66 18.14
N GLN A 1161 28.99 -23.36 17.97
CA GLN A 1161 28.47 -22.39 18.93
C GLN A 1161 26.95 -22.44 19.00
N LEU A 1162 26.32 -22.52 17.83
CA LEU A 1162 24.86 -22.58 17.76
C LEU A 1162 24.34 -23.84 18.48
N LYS A 1163 25.01 -24.97 18.28
CA LYS A 1163 24.59 -26.21 18.93
C LYS A 1163 24.79 -26.15 20.44
N GLU A 1164 25.90 -25.55 20.89
CA GLU A 1164 26.12 -25.38 22.32
C GLU A 1164 25.03 -24.52 22.94
N THR A 1165 24.61 -23.45 22.26
CA THR A 1165 23.53 -22.62 22.78
C THR A 1165 22.20 -23.38 22.77
N LEU A 1166 21.93 -24.11 21.69
CA LEU A 1166 20.64 -24.77 21.52
C LEU A 1166 20.47 -25.95 22.47
N GLN A 1167 21.56 -26.64 22.82
CA GLN A 1167 21.49 -27.83 23.67
C GLN A 1167 21.56 -27.49 25.15
N ALA A 1168 21.31 -26.24 25.51
CA ALA A 1168 21.29 -25.81 26.91
C ALA A 1168 19.95 -25.13 27.18
N VAL A 1169 18.95 -25.93 27.56
CA VAL A 1169 17.64 -25.37 27.91
C VAL A 1169 17.57 -25.17 29.41
N PRO A 1170 16.78 -24.21 29.90
CA PRO A 1170 16.67 -24.03 31.36
C PRO A 1170 16.07 -25.26 32.01
N LYS A 1171 16.58 -25.57 33.20
CA LYS A 1171 16.11 -26.74 33.92
C LYS A 1171 14.76 -26.44 34.57
N PRO A 1172 13.83 -27.40 34.57
CA PRO A 1172 12.52 -27.17 35.18
C PRO A 1172 12.62 -27.15 36.70
N GLY A 1173 11.54 -26.68 37.32
CA GLY A 1173 11.44 -26.59 38.77
C GLY A 1173 10.72 -27.78 39.35
N ALA A 1174 9.98 -27.53 40.45
CA ALA A 1174 9.22 -28.57 41.15
C ALA A 1174 7.80 -28.05 41.37
N PHE A 1175 6.92 -28.33 40.42
CA PHE A 1175 5.52 -27.92 40.50
C PHE A 1175 4.67 -28.91 39.73
N ASP A 1176 3.71 -29.53 40.42
CA ASP A 1176 2.82 -30.49 39.80
C ASP A 1176 1.65 -29.75 39.17
N LEU A 1177 1.45 -29.95 37.87
CA LEU A 1177 0.41 -29.23 37.13
C LEU A 1177 -0.99 -29.71 37.47
N GLU A 1178 -1.13 -30.81 38.21
CA GLU A 1178 -2.46 -31.34 38.51
C GLU A 1178 -3.25 -30.40 39.41
N GLN A 1179 -2.55 -29.51 40.13
CA GLN A 1179 -3.25 -28.57 41.02
C GLN A 1179 -4.07 -27.55 40.25
N VAL A 1180 -3.80 -27.36 38.95
CA VAL A 1180 -4.55 -26.39 38.17
C VAL A 1180 -6.02 -26.78 38.13
N LYS A 1181 -6.33 -28.07 38.21
CA LYS A 1181 -7.72 -28.51 38.16
C LYS A 1181 -8.51 -28.05 39.38
N ARG A 1182 -7.83 -27.75 40.47
CA ARG A 1182 -8.48 -27.33 41.71
C ARG A 1182 -8.33 -25.84 41.99
N SER A 1183 -7.93 -25.04 41.01
CA SER A 1183 -7.79 -23.60 41.18
C SER A 1183 -9.08 -22.92 40.75
N THR A 1184 -9.67 -22.13 41.65
CA THR A 1184 -10.94 -21.48 41.35
C THR A 1184 -10.74 -20.27 40.43
N TYR A 1185 -9.66 -19.52 40.63
CA TYR A 1185 -9.47 -18.25 39.96
C TYR A 1185 -8.41 -18.30 38.85
N PHE A 1186 -8.08 -19.50 38.36
CA PHE A 1186 -7.19 -19.60 37.21
C PHE A 1186 -7.83 -18.96 35.98
N PHE A 1187 -9.12 -19.20 35.78
CA PHE A 1187 -9.91 -18.53 34.74
C PHE A 1187 -11.17 -17.98 35.39
N SER A 1188 -11.27 -16.66 35.47
CA SER A 1188 -12.42 -16.03 36.11
C SER A 1188 -12.64 -14.60 35.60
N PHE D 12 28.95 22.09 16.85
CA PHE D 12 30.06 22.49 17.69
C PHE D 12 30.15 24.01 17.79
N LYS D 13 30.18 24.51 19.02
CA LYS D 13 30.24 25.95 19.24
C LYS D 13 31.59 26.49 18.78
N ARG D 14 31.59 27.72 18.25
CA ARG D 14 32.74 28.30 17.57
C ARG D 14 32.98 29.74 18.04
N TYR D 15 32.99 29.95 19.36
CA TYR D 15 33.13 31.30 19.89
C TYR D 15 34.42 31.96 19.40
N VAL D 16 34.36 33.29 19.22
CA VAL D 16 35.52 34.04 18.76
C VAL D 16 36.45 34.34 19.93
N THR D 17 37.76 34.42 19.64
CA THR D 17 38.75 34.71 20.66
C THR D 17 39.69 35.85 20.25
N ASP D 18 39.93 35.99 18.95
CA ASP D 18 40.92 36.96 18.46
C ASP D 18 40.51 38.38 18.81
N ARG D 19 41.51 39.25 19.05
CA ARG D 19 41.23 40.60 19.53
C ARG D 19 41.01 41.58 18.38
N ARG D 20 41.86 41.52 17.35
CA ARG D 20 41.69 42.41 16.20
C ARG D 20 40.37 42.13 15.48
N LEU D 21 40.03 40.85 15.33
CA LEU D 21 38.73 40.50 14.75
C LEU D 21 37.59 41.01 15.61
N ALA D 22 37.76 40.94 16.94
CA ALA D 22 36.74 41.47 17.84
C ALA D 22 36.55 42.96 17.65
N GLU D 23 37.65 43.70 17.52
CA GLU D 23 37.55 45.14 17.28
C GLU D 23 36.86 45.44 15.96
N THR D 24 37.22 44.69 14.90
CA THR D 24 36.58 44.90 13.61
C THR D 24 35.09 44.63 13.67
N LEU D 25 34.70 43.53 14.32
CA LEU D 25 33.28 43.20 14.42
C LEU D 25 32.54 44.21 15.29
N ALA D 26 33.19 44.72 16.34
CA ALA D 26 32.56 45.76 17.15
C ALA D 26 32.32 47.02 16.33
N GLN D 27 33.31 47.39 15.51
CA GLN D 27 33.15 48.56 14.65
C GLN D 27 32.02 48.37 13.65
N ILE D 28 31.91 47.17 13.08
CA ILE D 28 30.84 46.90 12.13
C ILE D 28 29.48 46.94 12.83
N TYR D 29 29.37 46.33 14.01
CA TYR D 29 28.10 46.28 14.72
C TYR D 29 27.65 47.67 15.15
N LEU D 30 28.58 48.49 15.65
CA LEU D 30 28.24 49.80 16.17
C LEU D 30 28.38 50.90 15.13
N GLY D 31 28.44 50.54 13.85
CA GLY D 31 28.54 51.54 12.80
C GLY D 31 27.23 52.15 12.38
N LYS D 32 26.13 51.80 13.05
CA LYS D 32 24.83 52.34 12.68
C LYS D 32 24.81 53.85 12.92
N PRO D 33 24.29 54.65 11.98
CA PRO D 33 24.36 56.10 12.16
C PRO D 33 23.46 56.64 13.25
N SER D 34 22.20 56.19 13.30
CA SER D 34 21.23 56.73 14.24
C SER D 34 21.29 55.97 15.56
N ARG D 35 21.72 56.66 16.61
CA ARG D 35 21.84 56.09 17.94
C ARG D 35 22.62 54.78 17.92
N PRO D 36 23.93 54.83 17.68
CA PRO D 36 24.71 53.60 17.46
C PRO D 36 24.56 52.59 18.59
N PRO D 37 24.51 53.01 19.88
CA PRO D 37 24.36 51.95 20.90
C PRO D 37 22.94 51.44 21.04
N HIS D 38 22.54 50.55 20.12
CA HIS D 38 21.33 49.78 20.34
C HIS D 38 21.56 48.74 21.42
N LEU D 39 20.48 48.27 22.03
CA LEU D 39 20.59 47.17 22.98
C LEU D 39 20.95 45.89 22.22
N LEU D 40 22.21 45.48 22.34
CA LEU D 40 22.75 44.39 21.53
C LEU D 40 22.62 43.08 22.29
N LEU D 41 21.56 42.34 21.97
CA LEU D 41 21.46 40.96 22.44
C LEU D 41 22.48 40.10 21.72
N GLU D 42 23.36 39.46 22.49
CA GLU D 42 24.43 38.66 21.93
C GLU D 42 24.20 37.19 22.27
N CYS D 43 24.25 36.35 21.24
CA CYS D 43 24.00 34.92 21.40
C CYS D 43 25.33 34.18 21.55
N ASN D 44 25.47 33.45 22.64
CA ASN D 44 26.67 32.67 22.94
C ASN D 44 27.95 33.51 22.85
N PRO D 45 28.12 34.51 23.74
CA PRO D 45 29.41 35.20 23.80
C PRO D 45 30.54 34.32 24.32
N GLY D 46 30.24 33.33 25.15
CA GLY D 46 31.25 32.43 25.66
C GLY D 46 32.29 33.15 26.50
N PRO D 47 33.55 33.13 26.03
CA PRO D 47 34.63 33.79 26.78
C PRO D 47 34.45 35.28 26.95
N GLY D 48 33.67 35.94 26.10
CA GLY D 48 33.32 37.33 26.30
C GLY D 48 34.29 38.35 25.76
N ILE D 49 35.17 38.00 24.83
CA ILE D 49 36.03 39.00 24.24
C ILE D 49 35.23 39.94 23.34
N LEU D 50 34.27 39.39 22.59
CA LEU D 50 33.42 40.22 21.75
C LEU D 50 32.57 41.16 22.59
N THR D 51 31.98 40.65 23.67
CA THR D 51 31.18 41.52 24.52
C THR D 51 32.06 42.53 25.25
N GLN D 52 33.31 42.16 25.55
CA GLN D 52 34.23 43.11 26.16
C GLN D 52 34.52 44.26 25.20
N ALA D 53 34.78 43.94 23.93
CA ALA D 53 35.02 44.99 22.95
C ALA D 53 33.77 45.84 22.73
N LEU D 54 32.59 45.21 22.69
CA LEU D 54 31.36 45.96 22.53
C LEU D 54 31.12 46.91 23.70
N LEU D 55 31.40 46.45 24.92
CA LEU D 55 31.22 47.27 26.09
C LEU D 55 32.23 48.42 26.11
N GLU D 56 33.47 48.15 25.69
CA GLU D 56 34.46 49.22 25.59
C GLU D 56 34.03 50.26 24.57
N ALA D 57 33.41 49.82 23.48
CA ALA D 57 32.95 50.76 22.46
C ALA D 57 31.66 51.51 22.84
N GLY D 58 31.16 51.38 24.07
CA GLY D 58 30.05 52.17 24.53
C GLY D 58 28.67 51.59 24.30
N ALA D 59 28.57 50.35 23.84
CA ALA D 59 27.27 49.75 23.59
C ALA D 59 26.72 49.10 24.86
N LYS D 60 25.47 48.64 24.76
CA LYS D 60 24.80 47.91 25.84
C LYS D 60 24.55 46.48 25.38
N VAL D 61 24.90 45.52 26.22
CA VAL D 61 24.90 44.12 25.84
C VAL D 61 24.14 43.30 26.88
N VAL D 62 23.29 42.39 26.41
CA VAL D 62 22.67 41.36 27.23
C VAL D 62 23.10 40.01 26.68
N ALA D 63 23.70 39.18 27.53
CA ALA D 63 24.29 37.92 27.11
C ALA D 63 23.32 36.78 27.32
N LEU D 64 23.14 35.94 26.29
CA LEU D 64 22.29 34.76 26.37
C LEU D 64 23.15 33.51 26.20
N GLU D 65 23.38 32.79 27.30
CA GLU D 65 24.21 31.60 27.31
C GLU D 65 23.35 30.36 27.40
N SER D 66 23.63 29.36 26.55
CA SER D 66 23.06 28.04 26.77
C SER D 66 23.86 27.28 27.82
N ASP D 67 25.14 27.61 27.97
CA ASP D 67 26.03 26.91 28.90
C ASP D 67 26.07 27.69 30.22
N LYS D 68 25.84 26.98 31.32
CA LYS D 68 25.80 27.62 32.63
C LYS D 68 27.18 28.07 33.10
N THR D 69 28.24 27.38 32.65
CA THR D 69 29.57 27.62 33.21
C THR D 69 30.07 29.02 32.90
N PHE D 70 29.71 29.56 31.73
CA PHE D 70 30.18 30.89 31.37
C PHE D 70 29.44 32.01 32.10
N ILE D 71 28.34 31.69 32.79
CA ILE D 71 27.58 32.72 33.49
C ILE D 71 28.38 33.40 34.60
N PRO D 72 28.96 32.66 35.59
CA PRO D 72 29.69 33.33 36.66
C PRO D 72 30.91 34.10 36.17
N HIS D 73 31.59 33.58 35.14
CA HIS D 73 32.76 34.26 34.63
C HIS D 73 32.39 35.61 34.02
N LEU D 74 31.31 35.64 33.21
CA LEU D 74 30.95 36.89 32.50
C LEU D 74 30.51 37.98 33.48
N GLU D 75 29.87 37.59 34.58
CA GLU D 75 29.39 38.58 35.58
C GLU D 75 30.58 39.34 36.16
N SER D 76 31.69 38.64 36.39
CA SER D 76 32.92 39.27 36.97
C SER D 76 33.44 40.34 36.00
N LEU D 77 33.41 40.07 34.70
CA LEU D 77 33.82 41.09 33.71
C LEU D 77 32.86 42.26 33.82
N GLY D 78 31.57 42.00 34.05
CA GLY D 78 30.56 43.07 34.07
C GLY D 78 30.49 43.81 35.40
N LYS D 79 31.29 43.41 36.38
CA LYS D 79 31.19 44.04 37.73
C LYS D 79 31.48 45.53 37.59
N ASN D 80 30.69 46.38 38.27
CA ASN D 80 30.89 47.86 38.24
C ASN D 80 30.94 48.40 36.81
N LEU D 81 30.03 47.95 35.94
CA LEU D 81 29.96 48.47 34.55
C LEU D 81 28.71 49.33 34.36
N ASP D 82 28.14 49.86 35.46
CA ASP D 82 26.93 50.73 35.42
C ASP D 82 25.75 50.05 34.70
N GLY D 83 25.32 48.89 35.17
CA GLY D 83 24.17 48.19 34.62
C GLY D 83 24.19 47.98 33.13
N LYS D 84 25.35 48.11 32.48
CA LYS D 84 25.41 47.92 31.03
C LYS D 84 25.35 46.45 30.65
N LEU D 85 25.81 45.56 31.51
CA LEU D 85 25.88 44.14 31.22
C LEU D 85 24.85 43.41 32.07
N ARG D 86 23.96 42.66 31.42
CA ARG D 86 22.90 41.91 32.10
C ARG D 86 22.92 40.48 31.57
N VAL D 87 23.46 39.56 32.37
CA VAL D 87 23.57 38.17 31.96
C VAL D 87 22.21 37.47 32.16
N ILE D 88 21.77 36.77 31.12
CA ILE D 88 20.53 36.00 31.17
C ILE D 88 20.80 34.61 30.61
N HIS D 89 20.38 33.58 31.35
CA HIS D 89 20.53 32.19 30.92
C HIS D 89 19.38 31.85 29.98
N CYS D 90 19.62 32.04 28.68
CA CYS D 90 18.60 31.78 27.68
C CYS D 90 19.27 31.37 26.37
N ASP D 91 18.52 30.62 25.56
CA ASP D 91 18.98 30.23 24.23
C ASP D 91 18.10 30.89 23.19
N PHE D 92 18.73 31.56 22.21
CA PHE D 92 17.97 32.33 21.23
C PHE D 92 17.11 31.43 20.35
N PHE D 93 17.63 30.30 19.92
CA PHE D 93 16.91 29.42 19.02
C PHE D 93 15.97 28.46 19.75
N LYS D 94 15.98 28.46 21.08
CA LYS D 94 15.05 27.68 21.88
C LYS D 94 13.92 28.53 22.45
N LEU D 95 13.76 29.76 21.95
CA LEU D 95 12.74 30.64 22.47
C LEU D 95 11.35 30.15 22.09
N ASP D 96 10.43 30.22 23.05
CA ASP D 96 9.04 29.85 22.86
C ASP D 96 8.88 28.41 22.35
N PRO D 97 9.13 27.36 23.18
CA PRO D 97 8.89 25.97 22.74
C PRO D 97 7.43 25.73 22.35
N ARG D 98 7.19 24.86 21.36
CA ARG D 98 5.81 24.65 20.86
C ARG D 98 5.20 23.37 21.45
N SER D 99 5.85 22.77 22.45
CA SER D 99 5.37 21.50 23.05
C SER D 99 4.29 21.81 24.09
N GLY D 100 4.48 22.82 24.93
CA GLY D 100 3.40 23.23 25.80
C GLY D 100 3.57 22.88 27.27
N GLY D 101 4.63 22.16 27.63
CA GLY D 101 4.86 21.85 29.02
C GLY D 101 5.51 23.01 29.76
N VAL D 102 5.92 22.73 31.00
CA VAL D 102 6.64 23.74 31.77
C VAL D 102 7.96 24.05 31.08
N ILE D 103 8.33 25.32 31.06
CA ILE D 103 9.51 25.76 30.32
C ILE D 103 10.74 25.64 31.21
N LYS D 104 11.65 24.76 30.83
CA LYS D 104 12.87 24.50 31.59
C LYS D 104 13.84 25.66 31.43
N PRO D 105 14.80 25.79 32.35
CA PRO D 105 15.69 26.98 32.35
C PRO D 105 16.43 27.20 31.04
N PRO D 106 16.96 26.18 30.35
CA PRO D 106 17.70 26.49 29.11
C PRO D 106 16.85 27.17 28.06
N ALA D 107 15.56 26.86 27.99
CA ALA D 107 14.65 27.64 27.16
C ALA D 107 13.99 28.72 28.00
N MET D 108 13.37 29.69 27.32
CA MET D 108 12.68 30.78 28.01
C MET D 108 11.43 31.11 27.19
N SER D 109 10.81 32.23 27.52
CA SER D 109 9.64 32.73 26.82
C SER D 109 9.94 34.12 26.27
N SER D 110 9.52 34.38 25.03
CA SER D 110 9.77 35.68 24.43
C SER D 110 9.08 36.79 25.23
N ARG D 111 7.83 36.57 25.61
CA ARG D 111 7.11 37.57 26.39
C ARG D 111 7.79 37.82 27.73
N GLY D 112 8.18 36.76 28.43
CA GLY D 112 8.82 36.92 29.72
C GLY D 112 10.15 37.63 29.62
N LEU D 113 10.98 37.24 28.65
CA LEU D 113 12.28 37.88 28.47
C LEU D 113 12.11 39.35 28.10
N PHE D 114 11.17 39.66 27.21
CA PHE D 114 11.03 41.04 26.74
C PHE D 114 10.41 41.92 27.82
N LYS D 115 9.61 41.33 28.72
CA LYS D 115 9.09 42.11 29.83
C LYS D 115 10.17 42.29 30.90
N ASN D 116 11.01 41.28 31.12
CA ASN D 116 12.09 41.39 32.09
C ASN D 116 13.08 42.46 31.66
N LEU D 117 13.45 42.49 30.37
CA LEU D 117 14.34 43.53 29.87
C LEU D 117 13.66 44.88 29.74
N GLY D 118 12.34 44.93 29.83
CA GLY D 118 11.61 46.16 29.69
C GLY D 118 11.35 46.61 28.26
N ILE D 119 11.71 45.79 27.28
CA ILE D 119 11.48 46.17 25.89
C ILE D 119 10.00 46.13 25.58
N GLU D 120 9.49 47.20 24.96
CA GLU D 120 8.07 47.35 24.68
C GLU D 120 7.81 47.03 23.21
N ALA D 121 6.61 46.49 22.94
CA ALA D 121 6.24 46.14 21.57
C ALA D 121 6.11 47.39 20.72
N VAL D 122 6.45 47.25 19.43
CA VAL D 122 6.45 48.37 18.50
C VAL D 122 5.71 47.93 17.24
N PRO D 123 4.88 48.78 16.64
CA PRO D 123 4.13 48.38 15.44
C PRO D 123 5.04 48.06 14.27
N TRP D 124 4.47 47.34 13.30
CA TRP D 124 5.25 46.87 12.15
C TRP D 124 5.80 48.03 11.32
N THR D 125 4.99 49.06 11.08
CA THR D 125 5.40 50.14 10.21
C THR D 125 6.45 51.05 10.83
N ALA D 126 6.72 50.92 12.11
CA ALA D 126 7.69 51.80 12.76
C ALA D 126 9.11 51.26 12.56
N ASP D 127 10.07 52.01 13.09
CA ASP D 127 11.48 51.72 12.85
C ASP D 127 11.94 50.51 13.68
N ILE D 128 13.21 50.15 13.48
CA ILE D 128 13.79 48.96 14.07
C ILE D 128 13.91 49.14 15.58
N PRO D 129 13.29 48.27 16.39
CA PRO D 129 13.41 48.39 17.84
C PRO D 129 14.73 47.91 18.41
N LEU D 130 15.23 46.77 17.92
CA LEU D 130 16.32 46.08 18.59
C LEU D 130 17.33 45.59 17.54
N LYS D 131 18.40 44.94 18.03
CA LYS D 131 19.38 44.29 17.17
C LYS D 131 19.94 43.08 17.89
N VAL D 132 20.10 41.98 17.14
CA VAL D 132 20.59 40.71 17.69
C VAL D 132 21.79 40.25 16.89
N VAL D 133 22.85 39.88 17.58
CA VAL D 133 24.06 39.36 16.95
C VAL D 133 24.33 37.96 17.49
N GLY D 134 25.28 37.28 16.87
CA GLY D 134 25.67 35.95 17.27
C GLY D 134 26.08 35.12 16.07
N MET D 135 25.96 33.81 16.20
CA MET D 135 26.30 32.87 15.14
C MET D 135 25.22 31.82 15.00
N PHE D 136 25.04 31.34 13.78
CA PHE D 136 24.09 30.27 13.52
C PHE D 136 24.61 28.95 14.10
N PRO D 137 23.73 27.99 14.34
CA PRO D 137 24.20 26.65 14.71
C PRO D 137 25.12 26.08 13.63
N SER D 138 26.16 25.38 14.07
CA SER D 138 27.19 24.94 13.13
C SER D 138 26.64 23.92 12.14
N ARG D 139 25.80 22.99 12.62
CA ARG D 139 25.31 21.91 11.78
C ARG D 139 23.83 22.06 11.39
N GLY D 140 23.07 22.88 12.11
CA GLY D 140 21.64 22.95 11.90
C GLY D 140 21.13 24.27 11.37
N GLU D 141 21.85 24.86 10.42
CA GLU D 141 21.42 26.13 9.84
C GLU D 141 20.08 26.05 9.13
N LYS D 142 19.85 24.95 8.40
CA LYS D 142 18.55 24.73 7.73
C LYS D 142 17.41 24.91 8.74
N ARG D 143 17.51 24.18 9.86
CA ARG D 143 16.42 24.19 10.87
C ARG D 143 16.19 25.58 11.44
N ALA D 144 17.25 26.35 11.65
CA ALA D 144 17.04 27.65 12.34
C ALA D 144 16.53 28.68 11.33
N LEU D 145 16.84 28.53 10.05
CA LEU D 145 16.27 29.44 9.03
C LEU D 145 14.77 29.17 8.90
N TRP D 146 14.37 27.90 8.90
CA TRP D 146 12.92 27.58 8.83
C TRP D 146 12.19 28.05 10.10
N LYS D 147 12.76 27.85 11.29
CA LYS D 147 12.01 28.24 12.51
C LYS D 147 11.80 29.75 12.50
N LEU D 148 12.85 30.50 12.18
CA LEU D 148 12.74 31.98 12.16
C LEU D 148 11.73 32.40 11.09
N ALA D 149 11.70 31.73 9.93
CA ALA D 149 10.78 32.09 8.85
C ALA D 149 9.33 31.88 9.28
N TYR D 150 9.02 30.78 9.96
CA TYR D 150 7.65 30.57 10.47
C TYR D 150 7.33 31.64 11.50
N ASP D 151 8.29 31.93 12.38
CA ASP D 151 8.09 32.99 13.41
C ASP D 151 7.87 34.34 12.72
N LEU D 152 8.61 34.63 11.64
CA LEU D 152 8.46 35.94 11.02
C LEU D 152 7.16 36.06 10.23
N TYR D 153 6.81 35.02 9.47
CA TYR D 153 5.62 35.12 8.63
C TYR D 153 4.34 35.14 9.47
N SER D 154 4.34 34.46 10.62
CA SER D 154 3.17 34.43 11.48
C SER D 154 3.14 35.54 12.51
N CYS D 155 4.17 36.40 12.55
CA CYS D 155 4.28 37.46 13.54
C CYS D 155 4.18 36.92 14.96
N THR D 156 5.03 35.94 15.27
CA THR D 156 5.04 35.27 16.56
C THR D 156 6.46 35.30 17.11
N SER D 157 6.61 34.85 18.35
CA SER D 157 7.90 34.79 19.06
C SER D 157 8.46 36.21 19.13
N ILE D 158 9.75 36.40 18.86
CA ILE D 158 10.35 37.72 19.04
C ILE D 158 9.77 38.75 18.08
N TYR D 159 9.45 38.33 16.85
CA TYR D 159 8.94 39.27 15.85
C TYR D 159 7.59 39.85 16.21
N LYS D 160 7.02 39.49 17.36
CA LYS D 160 5.81 40.15 17.84
C LYS D 160 6.09 41.57 18.29
N PHE D 161 7.35 41.90 18.57
CA PHE D 161 7.74 43.19 19.12
C PHE D 161 8.34 44.13 18.08
N GLY D 162 7.98 43.98 16.80
CA GLY D 162 8.42 44.92 15.79
C GLY D 162 9.14 44.30 14.62
N ARG D 163 10.30 44.84 14.28
CA ARG D 163 11.14 44.35 13.18
C ARG D 163 12.56 44.16 13.70
N ILE D 164 12.83 42.98 14.26
CA ILE D 164 14.10 42.75 14.93
C ILE D 164 15.19 42.47 13.91
N GLU D 165 16.32 43.17 14.06
CA GLU D 165 17.49 43.03 13.21
C GLU D 165 18.26 41.79 13.63
N VAL D 166 18.71 41.00 12.65
CA VAL D 166 19.51 39.81 12.90
C VAL D 166 20.75 39.85 12.02
N ASN D 167 21.92 39.82 12.66
CA ASN D 167 23.21 39.79 11.96
C ASN D 167 24.03 38.64 12.55
N MET D 168 24.11 37.52 11.84
CA MET D 168 24.77 36.33 12.35
C MET D 168 25.54 35.64 11.23
N PHE D 169 26.71 35.11 11.57
CA PHE D 169 27.56 34.43 10.60
C PHE D 169 26.88 33.18 10.07
N ILE D 170 27.05 32.91 8.78
CA ILE D 170 26.48 31.73 8.14
C ILE D 170 27.54 31.09 7.26
N GLY D 171 27.35 29.80 6.97
CA GLY D 171 28.33 29.06 6.20
C GLY D 171 28.27 29.39 4.72
N GLU D 172 29.31 28.95 4.00
CA GLU D 172 29.43 29.25 2.58
C GLU D 172 28.36 28.54 1.75
N LYS D 173 28.19 27.24 1.97
CA LYS D 173 27.25 26.47 1.16
C LYS D 173 25.83 26.95 1.36
N GLU D 174 25.43 27.19 2.61
CA GLU D 174 24.08 27.68 2.84
C GLU D 174 23.92 29.14 2.40
N PHE D 175 25.00 29.91 2.40
CA PHE D 175 24.94 31.26 1.85
C PHE D 175 24.67 31.21 0.35
N GLN D 176 25.33 30.31 -0.37
CA GLN D 176 25.08 30.18 -1.79
C GLN D 176 23.71 29.62 -2.08
N LYS D 177 23.22 28.70 -1.25
CA LYS D 177 21.86 28.18 -1.45
C LYS D 177 20.81 29.25 -1.16
N LEU D 178 21.05 30.08 -0.16
CA LEU D 178 20.07 31.10 0.23
C LEU D 178 20.00 32.25 -0.78
N MET D 179 21.11 32.57 -1.43
CA MET D 179 21.17 33.66 -2.39
C MET D 179 21.10 33.18 -3.84
N ALA D 180 20.51 32.01 -4.09
CA ALA D 180 20.34 31.53 -5.44
C ALA D 180 19.28 32.37 -6.17
N ASP D 181 19.40 32.41 -7.50
CA ASP D 181 18.52 33.23 -8.31
C ASP D 181 18.09 32.46 -9.55
N PRO D 182 17.11 32.94 -10.32
CA PRO D 182 16.74 32.24 -11.56
C PRO D 182 17.91 32.11 -12.52
N GLY D 183 18.87 33.02 -12.48
CA GLY D 183 20.06 32.86 -13.30
C GLY D 183 20.88 31.64 -12.91
N ASN D 184 20.77 31.23 -11.65
CA ASN D 184 21.49 30.06 -11.15
C ASN D 184 20.49 29.01 -10.71
N PRO D 185 19.90 28.24 -11.63
CA PRO D 185 18.74 27.43 -11.27
C PRO D 185 19.06 26.21 -10.43
N ASP D 186 20.29 25.70 -10.48
CA ASP D 186 20.60 24.44 -9.82
C ASP D 186 20.49 24.56 -8.29
N LEU D 187 20.59 25.78 -7.77
CA LEU D 187 20.52 25.99 -6.33
C LEU D 187 19.23 26.67 -5.89
N TYR D 188 18.44 27.18 -6.85
CA TYR D 188 17.18 27.84 -6.54
C TYR D 188 16.21 26.89 -5.85
N HIS D 189 15.60 27.36 -4.76
CA HIS D 189 14.66 26.52 -4.03
C HIS D 189 13.73 27.41 -3.21
N VAL D 190 12.95 26.76 -2.33
CA VAL D 190 11.88 27.44 -1.61
C VAL D 190 12.43 28.40 -0.57
N LEU D 191 13.45 27.96 0.19
CA LEU D 191 13.98 28.78 1.26
C LEU D 191 14.54 30.09 0.75
N SER D 192 15.26 30.06 -0.36
CA SER D 192 15.77 31.28 -0.96
C SER D 192 14.63 32.23 -1.33
N VAL D 193 13.56 31.68 -1.91
CA VAL D 193 12.43 32.52 -2.31
C VAL D 193 11.81 33.20 -1.10
N ILE D 194 11.52 32.42 -0.06
CA ILE D 194 10.81 33.00 1.09
C ILE D 194 11.70 34.01 1.82
N TRP D 195 13.00 33.74 1.89
CA TRP D 195 13.87 34.66 2.63
C TRP D 195 14.19 35.91 1.82
N GLN D 196 14.20 35.82 0.49
CA GLN D 196 14.39 37.02 -0.32
C GLN D 196 13.13 37.87 -0.34
N LEU D 197 11.96 37.23 -0.31
CA LEU D 197 10.72 38.00 -0.23
C LEU D 197 10.56 38.64 1.14
N ALA D 198 10.96 37.94 2.21
CA ALA D 198 10.70 38.42 3.56
C ALA D 198 11.62 39.57 3.96
N CYS D 199 12.91 39.47 3.66
CA CYS D 199 13.89 40.40 4.20
C CYS D 199 14.77 40.97 3.10
N GLU D 200 15.73 41.79 3.50
CA GLU D 200 16.75 42.34 2.61
C GLU D 200 18.10 41.93 3.17
N ILE D 201 18.77 41.02 2.47
CA ILE D 201 19.99 40.38 2.96
C ILE D 201 21.20 41.04 2.31
N LYS D 202 22.14 41.47 3.13
CA LYS D 202 23.38 42.08 2.67
C LYS D 202 24.56 41.44 3.37
N VAL D 203 25.72 41.50 2.73
CA VAL D 203 26.95 40.92 3.26
C VAL D 203 27.80 42.04 3.86
N LEU D 204 28.29 41.83 5.08
CA LEU D 204 29.05 42.84 5.79
C LEU D 204 30.52 42.50 5.96
N HIS D 205 30.85 41.23 6.18
CA HIS D 205 32.22 40.84 6.43
C HIS D 205 32.41 39.39 6.02
N MET D 206 33.67 39.02 5.77
CA MET D 206 34.02 37.67 5.39
C MET D 206 35.19 37.20 6.25
N GLU D 207 35.19 35.92 6.62
CA GLU D 207 36.23 35.41 7.48
C GLU D 207 36.39 33.91 7.32
N PRO D 208 37.62 33.43 7.10
CA PRO D 208 37.84 31.97 7.03
C PRO D 208 37.66 31.32 8.39
N TRP D 209 37.47 30.00 8.36
CA TRP D 209 37.26 29.24 9.58
C TRP D 209 38.46 29.29 10.50
N SER D 210 39.65 29.59 9.96
CA SER D 210 40.87 29.55 10.76
C SER D 210 40.88 30.64 11.83
N SER D 211 40.26 31.78 11.54
CA SER D 211 40.22 32.87 12.52
C SER D 211 39.46 32.46 13.77
N PHE D 212 38.34 31.76 13.59
CA PHE D 212 37.55 31.30 14.73
C PHE D 212 38.16 30.04 15.33
N ASP D 213 37.91 29.85 16.62
CA ASP D 213 38.33 28.65 17.34
C ASP D 213 37.11 27.94 17.89
N ILE D 214 37.17 26.61 17.91
CA ILE D 214 36.03 25.76 18.24
C ILE D 214 36.18 25.27 19.67
N TYR D 215 35.15 25.48 20.48
CA TYR D 215 35.09 24.99 21.86
C TYR D 215 34.06 23.88 21.94
N THR D 216 34.48 22.70 22.37
CA THR D 216 33.58 21.58 22.55
C THR D 216 33.27 21.38 24.04
N ARG D 217 32.56 20.30 24.35
CA ARG D 217 32.29 19.97 25.74
C ARG D 217 33.58 19.68 26.50
N LYS D 218 34.53 19.02 25.83
CA LYS D 218 35.82 18.75 26.45
C LYS D 218 36.57 20.05 26.74
N GLY D 219 36.46 21.03 25.84
CA GLY D 219 37.13 22.29 25.99
C GLY D 219 37.62 22.81 24.65
N PRO D 220 38.52 23.78 24.68
CA PRO D 220 39.13 24.27 23.43
C PRO D 220 39.85 23.13 22.71
N LEU D 221 39.80 23.17 21.39
CA LEU D 221 40.42 22.11 20.59
C LEU D 221 41.94 22.18 20.70
N GLU D 222 42.52 21.26 21.48
CA GLU D 222 43.97 21.22 21.70
C GLU D 222 44.68 20.26 20.77
N ASN D 223 43.95 19.62 19.85
CA ASN D 223 44.54 18.59 18.98
C ASN D 223 45.28 19.26 17.83
N PRO D 224 46.59 19.06 17.69
CA PRO D 224 47.28 19.59 16.50
C PRO D 224 46.98 18.79 15.25
N LYS D 225 46.83 17.47 15.38
CA LYS D 225 46.49 16.65 14.21
C LYS D 225 45.13 17.02 13.65
N ARG D 226 44.14 17.23 14.53
CA ARG D 226 42.85 17.71 14.08
C ARG D 226 42.97 19.12 13.50
N ARG D 227 43.85 19.95 14.09
CA ARG D 227 44.08 21.27 13.54
C ARG D 227 44.63 21.20 12.11
N GLU D 228 45.57 20.27 11.87
CA GLU D 228 46.00 20.03 10.50
C GLU D 228 44.86 19.45 9.66
N LEU D 229 44.06 18.57 10.26
CA LEU D 229 42.87 18.07 9.57
C LEU D 229 41.84 19.19 9.39
N LEU D 230 41.74 20.08 10.37
CA LEU D 230 40.86 21.25 10.22
C LEU D 230 41.37 22.18 9.14
N ASP D 231 42.69 22.18 8.90
CA ASP D 231 43.25 23.01 7.84
C ASP D 231 42.69 22.61 6.48
N GLN D 232 42.43 21.31 6.29
CA GLN D 232 41.76 20.87 5.07
C GLN D 232 40.27 21.16 5.12
N LEU D 233 39.74 21.48 6.29
CA LEU D 233 38.32 21.75 6.47
C LEU D 233 37.99 23.24 6.46
N GLN D 234 38.86 24.07 5.89
CA GLN D 234 38.58 25.50 5.80
C GLN D 234 37.35 25.75 4.93
N GLN D 235 36.60 26.78 5.30
CA GLN D 235 35.46 27.24 4.52
C GLN D 235 35.42 28.76 4.64
N LYS D 236 34.32 29.37 4.17
CA LYS D 236 34.13 30.80 4.27
C LYS D 236 32.87 31.09 5.08
N LEU D 237 33.03 31.87 6.14
CA LEU D 237 31.90 32.30 6.97
C LEU D 237 31.54 33.73 6.60
N TYR D 238 30.28 33.93 6.20
CA TYR D 238 29.80 35.23 5.77
C TYR D 238 28.94 35.85 6.87
N LEU D 239 29.27 37.08 7.25
CA LEU D 239 28.41 37.85 8.14
C LEU D 239 27.34 38.54 7.31
N ILE D 240 26.09 38.12 7.48
CA ILE D 240 24.97 38.62 6.69
C ILE D 240 23.98 39.29 7.62
N GLN D 241 23.30 40.32 7.11
CA GLN D 241 22.38 41.14 7.89
C GLN D 241 20.98 41.04 7.29
N MET D 242 20.00 40.74 8.12
CA MET D 242 18.61 40.61 7.70
C MET D 242 17.79 41.74 8.29
N ILE D 243 16.99 42.38 7.47
CA ILE D 243 16.05 43.40 7.90
C ILE D 243 14.67 43.02 7.36
N PRO D 244 13.69 42.76 8.22
CA PRO D 244 12.34 42.45 7.71
C PRO D 244 11.81 43.60 6.87
N ARG D 245 11.17 43.24 5.76
CA ARG D 245 10.70 44.25 4.81
C ARG D 245 9.41 44.88 5.31
N GLN D 246 9.29 46.20 5.11
CA GLN D 246 8.12 46.92 5.59
C GLN D 246 6.85 46.46 4.89
N ASN D 247 6.91 46.26 3.57
CA ASN D 247 5.75 45.87 2.79
C ASN D 247 5.66 44.37 2.56
N LEU D 248 6.18 43.57 3.49
CA LEU D 248 6.03 42.13 3.39
C LEU D 248 4.56 41.71 3.46
N PHE D 249 3.82 42.32 4.38
CA PHE D 249 2.41 41.97 4.58
C PHE D 249 1.51 42.89 3.79
N THR D 250 0.57 42.30 3.04
CA THR D 250 -0.43 43.05 2.30
C THR D 250 -1.81 42.55 2.73
N LYS D 251 -2.83 43.07 2.05
CA LYS D 251 -4.20 42.66 2.37
C LYS D 251 -4.43 41.19 2.02
N ASN D 252 -3.88 40.74 0.89
CA ASN D 252 -4.08 39.35 0.48
C ASN D 252 -3.13 38.41 1.22
N LEU D 253 -1.89 38.83 1.43
CA LEU D 253 -0.90 38.03 2.15
C LEU D 253 -0.88 38.49 3.59
N THR D 254 -1.56 37.74 4.46
CA THR D 254 -1.74 38.07 5.86
C THR D 254 -1.24 36.92 6.71
N PRO D 255 -0.98 37.17 8.00
CA PRO D 255 -0.51 36.08 8.87
C PRO D 255 -1.44 34.88 8.95
N MET D 256 -2.64 34.97 8.35
CA MET D 256 -3.54 33.82 8.35
C MET D 256 -3.33 32.94 7.13
N ASN D 257 -2.84 33.53 6.03
CA ASN D 257 -2.80 32.87 4.73
C ASN D 257 -1.41 32.36 4.36
N TYR D 258 -0.44 32.42 5.27
CA TYR D 258 0.92 32.07 4.88
C TYR D 258 1.09 30.57 4.64
N ASN D 259 0.21 29.75 5.24
CA ASN D 259 0.29 28.31 5.02
C ASN D 259 0.05 27.95 3.56
N ILE D 260 -0.93 28.59 2.92
CA ILE D 260 -1.24 28.29 1.53
C ILE D 260 -0.09 28.70 0.63
N PHE D 261 0.52 29.86 0.90
CA PHE D 261 1.67 30.29 0.11
C PHE D 261 2.84 29.35 0.29
N PHE D 262 3.09 28.89 1.52
CA PHE D 262 4.17 27.94 1.74
C PHE D 262 3.93 26.64 1.00
N HIS D 263 2.69 26.14 1.03
CA HIS D 263 2.38 24.91 0.29
C HIS D 263 2.54 25.11 -1.20
N LEU D 264 2.11 26.27 -1.72
CA LEU D 264 2.29 26.55 -3.14
C LEU D 264 3.76 26.54 -3.52
N LEU D 265 4.60 27.16 -2.71
CA LEU D 265 6.04 27.20 -3.02
C LEU D 265 6.66 25.81 -2.92
N LYS D 266 6.25 25.01 -1.93
CA LYS D 266 6.80 23.67 -1.80
C LYS D 266 6.32 22.76 -2.93
N HIS D 267 5.12 23.01 -3.46
CA HIS D 267 4.62 22.23 -4.59
C HIS D 267 5.29 22.64 -5.89
N CYS D 268 5.57 23.93 -6.06
CA CYS D 268 6.15 24.41 -7.31
C CYS D 268 7.57 23.92 -7.54
N PHE D 269 8.26 23.51 -6.48
CA PHE D 269 9.60 22.94 -6.61
C PHE D 269 9.64 21.44 -6.37
N GLY D 270 8.47 20.80 -6.22
CA GLY D 270 8.45 19.35 -6.17
C GLY D 270 8.84 18.72 -7.49
N ARG D 271 8.41 19.33 -8.60
CA ARG D 271 8.79 18.92 -9.94
C ARG D 271 9.37 20.16 -10.62
N ARG D 272 10.70 20.30 -10.55
CA ARG D 272 11.33 21.54 -10.99
C ARG D 272 11.13 21.79 -12.48
N SER D 273 11.36 20.77 -13.31
CA SER D 273 11.31 20.95 -14.76
C SER D 273 9.87 20.78 -15.25
N ALA D 274 9.05 21.77 -14.93
CA ALA D 274 7.66 21.78 -15.36
C ALA D 274 7.18 23.22 -15.46
N THR D 275 6.24 23.45 -16.38
CA THR D 275 5.68 24.77 -16.54
C THR D 275 4.76 25.12 -15.38
N VAL D 276 4.48 26.41 -15.22
CA VAL D 276 3.63 26.86 -14.12
C VAL D 276 2.21 26.37 -14.31
N ILE D 277 1.78 26.19 -15.57
CA ILE D 277 0.41 25.74 -15.82
C ILE D 277 0.18 24.35 -15.23
N ASP D 278 1.17 23.48 -15.31
CA ASP D 278 1.02 22.11 -14.81
C ASP D 278 0.77 22.12 -13.30
N HIS D 279 1.49 22.97 -12.56
CA HIS D 279 1.26 23.05 -11.12
C HIS D 279 -0.05 23.75 -10.81
N LEU D 280 -0.38 24.80 -11.56
CA LEU D 280 -1.60 25.55 -11.31
C LEU D 280 -2.84 24.68 -11.53
N ARG D 281 -2.77 23.76 -12.49
CA ARG D 281 -3.90 22.88 -12.73
C ARG D 281 -4.19 22.00 -11.52
N SER D 282 -3.14 21.54 -10.84
CA SER D 282 -3.34 20.75 -9.64
C SER D 282 -3.77 21.61 -8.46
N LEU D 283 -3.16 22.79 -8.30
CA LEU D 283 -3.37 23.57 -7.09
C LEU D 283 -4.74 24.24 -7.05
N THR D 284 -5.18 24.82 -8.17
CA THR D 284 -6.41 25.60 -8.10
C THR D 284 -7.42 25.16 -9.16
N PRO D 285 -8.72 25.25 -8.86
CA PRO D 285 -9.73 24.91 -9.86
C PRO D 285 -9.97 26.00 -10.88
N LEU D 286 -9.45 27.21 -10.68
CA LEU D 286 -9.70 28.31 -11.59
C LEU D 286 -8.94 28.10 -12.90
N ASP D 287 -9.07 29.08 -13.80
CA ASP D 287 -8.45 29.02 -15.11
C ASP D 287 -6.98 29.42 -15.00
N ALA D 288 -6.07 28.49 -15.28
CA ALA D 288 -4.65 28.78 -15.21
C ALA D 288 -4.23 29.78 -16.28
N ARG D 289 -4.82 29.67 -17.47
CA ARG D 289 -4.47 30.59 -18.56
C ARG D 289 -4.76 32.03 -18.17
N ASP D 290 -5.92 32.28 -17.59
CA ASP D 290 -6.30 33.64 -17.22
C ASP D 290 -5.36 34.22 -16.17
N ILE D 291 -5.02 33.42 -15.15
CA ILE D 291 -4.12 33.91 -14.11
C ILE D 291 -2.74 34.20 -14.68
N LEU D 292 -2.23 33.29 -15.51
CA LEU D 292 -0.91 33.49 -16.11
C LEU D 292 -0.88 34.73 -17.00
N MET D 293 -1.98 34.99 -17.71
CA MET D 293 -2.06 36.21 -18.51
C MET D 293 -2.11 37.45 -17.61
N GLN D 294 -2.85 37.37 -16.50
CA GLN D 294 -2.99 38.53 -15.62
C GLN D 294 -1.66 38.91 -14.99
N ILE D 295 -0.89 37.93 -14.51
CA ILE D 295 0.37 38.26 -13.86
C ILE D 295 1.44 38.72 -14.83
N GLY D 296 1.24 38.55 -16.13
CA GLY D 296 2.18 39.04 -17.12
C GLY D 296 3.29 38.07 -17.46
N LYS D 297 2.92 36.84 -17.82
CA LYS D 297 3.88 35.81 -18.20
C LYS D 297 3.37 35.07 -19.42
N GLN D 298 4.31 34.48 -20.17
CA GLN D 298 3.95 33.68 -21.33
C GLN D 298 3.29 32.37 -20.90
N GLU D 299 2.66 31.70 -21.85
CA GLU D 299 1.92 30.48 -21.55
C GLU D 299 2.85 29.39 -21.02
N ASP D 300 4.02 29.25 -21.65
CA ASP D 300 4.99 28.22 -21.26
C ASP D 300 6.14 28.90 -20.51
N GLU D 301 6.12 28.80 -19.19
CA GLU D 301 7.15 29.41 -18.34
C GLU D 301 7.57 28.41 -17.27
N LYS D 302 8.85 28.08 -17.22
CA LYS D 302 9.36 27.15 -16.23
C LYS D 302 9.44 27.82 -14.87
N VAL D 303 9.31 27.01 -13.82
CA VAL D 303 9.28 27.55 -12.46
C VAL D 303 10.66 28.07 -12.05
N VAL D 304 11.73 27.46 -12.59
CA VAL D 304 13.07 27.91 -12.23
C VAL D 304 13.42 29.25 -12.86
N ASN D 305 12.57 29.75 -13.76
CA ASN D 305 12.76 31.04 -14.39
C ASN D 305 11.85 32.11 -13.80
N MET D 306 11.36 31.90 -12.58
CA MET D 306 10.37 32.77 -11.96
C MET D 306 11.00 33.45 -10.74
N HIS D 307 10.94 34.78 -10.71
CA HIS D 307 11.49 35.53 -9.60
C HIS D 307 10.55 35.49 -8.40
N PRO D 308 11.08 35.67 -7.18
CA PRO D 308 10.22 35.57 -5.99
C PRO D 308 9.05 36.54 -6.00
N GLN D 309 9.26 37.76 -6.48
CA GLN D 309 8.16 38.71 -6.55
C GLN D 309 7.09 38.24 -7.51
N ASP D 310 7.47 37.49 -8.56
CA ASP D 310 6.48 36.88 -9.44
C ASP D 310 5.65 35.84 -8.70
N PHE D 311 6.28 35.06 -7.82
CA PHE D 311 5.52 34.13 -7.00
C PHE D 311 4.53 34.87 -6.10
N LYS D 312 4.97 35.96 -5.48
CA LYS D 312 4.08 36.74 -4.63
C LYS D 312 2.92 37.29 -5.43
N THR D 313 3.19 37.80 -6.64
CA THR D 313 2.13 38.33 -7.49
C THR D 313 1.16 37.24 -7.89
N LEU D 314 1.66 36.04 -8.19
CA LEU D 314 0.79 34.92 -8.54
C LEU D 314 -0.15 34.57 -7.39
N PHE D 315 0.41 34.44 -6.17
CA PHE D 315 -0.42 34.10 -5.03
C PHE D 315 -1.44 35.19 -4.75
N GLU D 316 -1.03 36.46 -4.84
CA GLU D 316 -1.97 37.56 -4.60
C GLU D 316 -3.06 37.59 -5.65
N THR D 317 -2.73 37.31 -6.92
CA THR D 317 -3.73 37.28 -7.97
C THR D 317 -4.74 36.17 -7.74
N ILE D 318 -4.27 34.98 -7.35
CA ILE D 318 -5.19 33.89 -7.08
C ILE D 318 -6.10 34.22 -5.91
N GLU D 319 -5.52 34.78 -4.84
CA GLU D 319 -6.32 35.07 -3.65
C GLU D 319 -7.30 36.22 -3.88
N ARG D 320 -6.95 37.18 -4.75
CA ARG D 320 -7.80 38.35 -4.94
C ARG D 320 -9.05 38.03 -5.75
N SER D 321 -9.09 36.90 -6.45
CA SER D 321 -10.25 36.56 -7.25
C SER D 321 -11.47 36.39 -6.36
N LYS D 322 -12.58 37.00 -6.76
CA LYS D 322 -13.81 36.99 -5.98
C LYS D 322 -14.96 36.26 -6.64
N ASP D 323 -14.84 35.90 -7.92
CA ASP D 323 -15.94 35.22 -8.60
C ASP D 323 -16.11 33.79 -8.07
N CYS D 324 -15.01 33.09 -7.84
CA CYS D 324 -15.06 31.68 -7.45
C CYS D 324 -15.18 31.55 -5.94
N ALA D 325 -16.16 30.77 -5.48
CA ALA D 325 -16.33 30.53 -4.06
C ALA D 325 -15.22 29.66 -3.48
N TYR D 326 -14.63 28.78 -4.29
CA TYR D 326 -13.52 27.94 -3.86
C TYR D 326 -12.32 28.27 -4.74
N LYS D 327 -11.26 28.79 -4.13
CA LYS D 327 -10.09 29.25 -4.86
C LYS D 327 -8.85 28.42 -4.60
N TRP D 328 -8.84 27.57 -3.58
CA TRP D 328 -7.69 26.73 -3.27
C TRP D 328 -8.15 25.32 -3.01
N LEU D 329 -7.24 24.37 -3.24
CA LEU D 329 -7.46 22.99 -2.85
C LEU D 329 -6.69 22.59 -1.61
N TYR D 330 -5.74 23.42 -1.17
CA TYR D 330 -5.03 23.11 0.07
C TYR D 330 -5.97 23.20 1.26
N ASP D 331 -5.80 22.28 2.19
CA ASP D 331 -6.65 22.21 3.37
C ASP D 331 -5.81 21.66 4.51
N GLU D 332 -6.32 21.84 5.74
CA GLU D 332 -5.60 21.33 6.90
C GLU D 332 -5.45 19.82 6.87
N THR D 333 -6.25 19.12 6.06
CA THR D 333 -6.13 17.67 5.98
C THR D 333 -4.79 17.26 5.37
N LEU D 334 -4.27 18.06 4.44
CA LEU D 334 -2.99 17.77 3.78
C LEU D 334 -1.79 17.88 4.71
N GLU D 335 -2.04 18.26 5.96
CA GLU D 335 -0.95 18.36 6.97
C GLU D 335 -0.84 17.02 7.69
N ASP D 336 0.38 16.61 8.05
CA ASP D 336 0.59 15.33 8.79
C ASP D 336 -0.06 14.17 8.03
N ARG D 337 0.07 14.15 6.70
CA ARG D 337 -0.47 13.02 5.89
C ARG D 337 0.42 12.82 4.66
N SER F 28 19.09 26.14 -47.79
CA SER F 28 19.49 27.53 -47.68
C SER F 28 21.00 27.68 -47.77
N SER F 29 21.49 28.88 -47.49
CA SER F 29 22.94 29.13 -47.54
C SER F 29 23.67 28.30 -46.50
N VAL F 30 23.12 28.23 -45.28
CA VAL F 30 23.76 27.46 -44.22
C VAL F 30 23.67 25.97 -44.51
N LEU F 31 22.58 25.54 -45.18
CA LEU F 31 22.41 24.13 -45.48
C LEU F 31 23.53 23.60 -46.35
N ALA F 32 23.82 24.29 -47.46
CA ALA F 32 24.92 23.87 -48.32
C ALA F 32 26.28 24.18 -47.70
N SER F 33 26.33 25.17 -46.81
CA SER F 33 27.58 25.50 -46.14
C SER F 33 28.02 24.37 -45.22
N CYS F 34 27.08 23.65 -44.64
CA CYS F 34 27.42 22.54 -43.75
C CYS F 34 28.21 21.49 -44.51
N PRO F 35 29.36 21.06 -43.98
CA PRO F 35 30.22 20.13 -44.74
C PRO F 35 29.59 18.74 -44.85
N LYS F 36 29.99 18.02 -45.89
CA LYS F 36 29.56 16.65 -46.08
C LYS F 36 30.54 15.69 -45.41
N LYS F 37 30.01 14.60 -44.87
CA LYS F 37 30.82 13.62 -44.17
C LYS F 37 31.73 12.89 -45.16
N PRO F 38 32.86 12.35 -44.68
CA PRO F 38 33.71 11.56 -45.57
C PRO F 38 32.96 10.36 -46.14
N VAL F 39 33.23 10.06 -47.39
CA VAL F 39 32.57 8.97 -48.08
C VAL F 39 33.17 7.64 -47.62
N SER F 40 32.31 6.62 -47.53
CA SER F 40 32.69 5.35 -46.92
C SER F 40 33.69 4.60 -47.80
N SER F 41 34.38 3.65 -47.18
CA SER F 41 35.45 2.92 -47.87
C SER F 41 34.91 2.12 -49.04
N TYR F 42 33.81 1.39 -48.84
CA TYR F 42 33.24 0.61 -49.93
C TYR F 42 32.75 1.51 -51.05
N LEU F 43 32.25 2.70 -50.70
CA LEU F 43 31.81 3.64 -51.73
C LEU F 43 32.97 4.10 -52.60
N ARG F 44 34.12 4.37 -51.98
CA ARG F 44 35.30 4.73 -52.76
C ARG F 44 35.79 3.56 -53.59
N PHE F 45 35.73 2.34 -53.04
CA PHE F 45 36.08 1.17 -53.84
C PHE F 45 35.18 1.04 -55.06
N SER F 46 33.88 1.26 -54.88
CA SER F 46 32.95 1.23 -56.00
C SER F 46 33.26 2.32 -57.01
N LYS F 47 33.55 3.53 -56.53
CA LYS F 47 33.84 4.63 -57.45
C LYS F 47 35.14 4.39 -58.22
N GLU F 48 36.06 3.62 -57.64
CA GLU F 48 37.31 3.33 -58.33
C GLU F 48 37.07 2.51 -59.60
N GLN F 49 36.26 1.46 -59.50
CA GLN F 49 36.01 0.58 -60.64
C GLN F 49 34.70 0.85 -61.35
N LEU F 50 33.93 1.84 -60.93
CA LEU F 50 32.67 2.15 -61.62
C LEU F 50 32.90 2.63 -63.05
N PRO F 51 33.79 3.61 -63.33
CA PRO F 51 33.99 4.01 -64.73
C PRO F 51 34.51 2.89 -65.61
N ILE F 52 35.36 2.02 -65.08
CA ILE F 52 35.89 0.90 -65.87
C ILE F 52 34.78 -0.08 -66.21
N PHE F 53 33.89 -0.35 -65.24
CA PHE F 53 32.79 -1.27 -65.49
C PHE F 53 31.76 -0.67 -66.44
N LYS F 54 31.63 0.65 -66.44
CA LYS F 54 30.75 1.31 -67.41
C LYS F 54 31.28 1.12 -68.83
N ALA F 55 32.59 1.22 -69.02
CA ALA F 55 33.16 1.01 -70.34
C ALA F 55 33.20 -0.47 -70.71
N GLN F 56 33.25 -1.36 -69.72
CA GLN F 56 33.31 -2.79 -70.00
C GLN F 56 32.06 -3.26 -70.74
N ASN F 57 30.89 -2.95 -70.19
CA ASN F 57 29.62 -3.34 -70.82
C ASN F 57 28.74 -2.10 -70.93
N PRO F 58 28.54 -1.55 -72.14
CA PRO F 58 27.61 -0.43 -72.27
C PRO F 58 26.18 -0.80 -71.89
N ASP F 59 25.81 -2.07 -72.07
CA ASP F 59 24.43 -2.48 -71.75
C ASP F 59 24.24 -2.69 -70.25
N ALA F 60 25.33 -2.66 -69.48
CA ALA F 60 25.22 -2.87 -68.03
C ALA F 60 24.46 -1.74 -67.38
N LYS F 61 23.60 -2.08 -66.43
CA LYS F 61 22.80 -1.12 -65.70
C LYS F 61 23.40 -0.83 -64.33
N THR F 62 22.78 0.11 -63.61
CA THR F 62 23.28 0.49 -62.30
C THR F 62 23.23 -0.66 -61.32
N THR F 63 22.11 -1.39 -61.32
CA THR F 63 21.96 -2.52 -60.36
C THR F 63 22.99 -3.60 -60.69
N GLU F 64 23.13 -3.97 -61.97
CA GLU F 64 24.08 -5.01 -62.35
C GLU F 64 25.51 -4.60 -62.02
N LEU F 65 25.86 -3.34 -62.27
CA LEU F 65 27.19 -2.86 -61.92
C LEU F 65 27.42 -2.89 -60.42
N ILE F 66 26.40 -2.50 -59.65
CA ILE F 66 26.52 -2.52 -58.19
C ILE F 66 26.73 -3.94 -57.70
N ARG F 67 26.01 -4.91 -58.27
CA ARG F 67 26.15 -6.28 -57.84
C ARG F 67 27.52 -6.85 -58.25
N ARG F 68 28.02 -6.43 -59.41
CA ARG F 68 29.38 -6.80 -59.80
C ARG F 68 30.42 -6.25 -58.82
N ILE F 69 30.24 -4.99 -58.41
CA ILE F 69 31.18 -4.39 -57.46
C ILE F 69 31.07 -5.08 -56.10
N ALA F 70 29.86 -5.46 -55.70
CA ALA F 70 29.69 -6.22 -54.48
C ALA F 70 30.42 -7.56 -54.55
N GLN F 71 30.32 -8.26 -55.68
CA GLN F 71 31.04 -9.50 -55.86
C GLN F 71 32.54 -9.28 -55.79
N ARG F 72 33.03 -8.18 -56.38
CA ARG F 72 34.45 -7.85 -56.27
C ARG F 72 34.85 -7.66 -54.82
N TRP F 73 34.04 -6.94 -54.05
CA TRP F 73 34.34 -6.77 -52.63
C TRP F 73 34.34 -8.10 -51.90
N ARG F 74 33.51 -9.05 -52.33
CA ARG F 74 33.59 -10.40 -51.80
C ARG F 74 34.95 -11.03 -52.10
N GLU F 75 35.44 -10.86 -53.33
CA GLU F 75 36.75 -11.42 -53.67
C GLU F 75 37.89 -10.44 -53.46
N LEU F 76 37.63 -9.25 -52.95
CA LEU F 76 38.68 -8.26 -52.78
C LEU F 76 39.64 -8.68 -51.66
N PRO F 77 40.91 -8.30 -51.75
CA PRO F 77 41.86 -8.62 -50.68
C PRO F 77 41.66 -7.71 -49.46
N ASP F 78 42.36 -8.05 -48.39
CA ASP F 78 42.23 -7.31 -47.14
C ASP F 78 43.26 -6.18 -47.00
N SER F 79 44.37 -6.25 -47.73
CA SER F 79 45.34 -5.14 -47.69
C SER F 79 44.73 -3.87 -48.28
N LYS F 80 43.98 -4.01 -49.37
CA LYS F 80 43.26 -2.87 -49.93
C LYS F 80 42.25 -2.32 -48.93
N LYS F 81 41.57 -3.21 -48.20
CA LYS F 81 40.65 -2.76 -47.17
C LYS F 81 41.38 -1.98 -46.09
N LYS F 82 42.56 -2.45 -45.68
CA LYS F 82 43.31 -1.77 -44.64
C LYS F 82 43.78 -0.39 -45.09
N ILE F 83 44.28 -0.29 -46.32
CA ILE F 83 44.75 1.02 -46.80
C ILE F 83 43.57 1.99 -46.98
N TYR F 84 42.43 1.47 -47.46
CA TYR F 84 41.23 2.30 -47.54
C TYR F 84 40.79 2.76 -46.16
N GLN F 85 40.91 1.89 -45.15
CA GLN F 85 40.52 2.26 -43.80
C GLN F 85 41.45 3.31 -43.22
N ASP F 86 42.75 3.21 -43.52
CA ASP F 86 43.68 4.25 -43.09
C ASP F 86 43.36 5.59 -43.74
N ALA F 87 43.06 5.57 -45.04
CA ALA F 87 42.64 6.81 -45.70
C ALA F 87 41.34 7.34 -45.11
N TYR F 88 40.44 6.44 -44.71
CA TYR F 88 39.19 6.86 -44.10
C TYR F 88 39.44 7.53 -42.75
N ARG F 89 40.38 7.00 -41.97
CA ARG F 89 40.77 7.69 -40.74
C ARG F 89 41.35 9.06 -41.02
N ALA F 90 42.22 9.18 -42.03
CA ALA F 90 42.79 10.48 -42.35
C ALA F 90 41.69 11.48 -42.69
N GLU F 91 40.76 11.08 -43.57
CA GLU F 91 39.66 11.96 -43.92
C GLU F 91 38.76 12.25 -42.71
N TRP F 92 38.65 11.30 -41.78
CA TRP F 92 37.84 11.54 -40.59
C TRP F 92 38.46 12.61 -39.69
N GLN F 93 39.76 12.54 -39.45
CA GLN F 93 40.40 13.62 -38.70
C GLN F 93 40.26 14.96 -39.41
N VAL F 94 40.48 14.97 -40.73
CA VAL F 94 40.33 16.22 -41.48
C VAL F 94 38.92 16.77 -41.32
N TYR F 95 37.91 15.91 -41.50
CA TYR F 95 36.52 16.36 -41.47
C TYR F 95 36.12 16.81 -40.09
N LYS F 96 36.52 16.08 -39.04
CA LYS F 96 36.13 16.45 -37.69
C LYS F 96 36.76 17.78 -37.29
N GLU F 97 38.03 18.00 -37.65
CA GLU F 97 38.64 19.29 -37.39
C GLU F 97 37.92 20.40 -38.15
N GLU F 98 37.57 20.14 -39.41
CA GLU F 98 36.92 21.16 -40.22
C GLU F 98 35.54 21.51 -39.68
N ILE F 99 34.76 20.50 -39.27
CA ILE F 99 33.41 20.78 -38.78
C ILE F 99 33.47 21.43 -37.40
N SER F 100 34.47 21.07 -36.59
CA SER F 100 34.66 21.76 -35.32
C SER F 100 34.97 23.24 -35.56
N ARG F 101 35.81 23.54 -36.56
CA ARG F 101 36.05 24.93 -36.92
C ARG F 101 34.77 25.61 -37.40
N PHE F 102 34.01 24.94 -38.25
CA PHE F 102 32.85 25.55 -38.89
C PHE F 102 31.74 25.84 -37.88
N LYS F 103 31.56 24.95 -36.90
CA LYS F 103 30.46 25.10 -35.95
C LYS F 103 30.67 26.28 -35.01
N GLU F 104 31.92 26.77 -34.91
CA GLU F 104 32.21 27.84 -33.96
C GLU F 104 31.88 29.21 -34.54
N GLN F 105 32.24 29.44 -35.80
CA GLN F 105 32.24 30.80 -36.34
C GLN F 105 30.85 31.24 -36.79
N LEU F 106 29.88 30.32 -36.79
CA LEU F 106 28.55 30.67 -37.26
C LEU F 106 27.81 31.54 -36.24
N THR F 107 26.89 32.35 -36.75
CA THR F 107 25.99 33.14 -35.91
C THR F 107 24.82 32.28 -35.44
N PRO F 108 24.23 32.62 -34.28
CA PRO F 108 23.14 31.77 -33.77
C PRO F 108 21.83 31.91 -34.53
N SER F 109 21.57 33.07 -35.13
CA SER F 109 20.28 33.27 -35.81
C SER F 109 20.15 32.35 -37.01
N GLN F 110 21.21 32.24 -37.82
CA GLN F 110 21.18 31.31 -38.95
C GLN F 110 21.09 29.87 -38.48
N ILE F 111 21.66 29.57 -37.30
CA ILE F 111 21.53 28.24 -36.73
C ILE F 111 20.07 27.95 -36.38
N MET F 112 19.38 28.92 -35.79
CA MET F 112 17.97 28.76 -35.47
C MET F 112 17.14 28.57 -36.75
N SER F 113 17.46 29.34 -37.78
CA SER F 113 16.76 29.17 -39.06
C SER F 113 17.01 27.77 -39.63
N LEU F 114 18.26 27.30 -39.56
CA LEU F 114 18.60 25.97 -40.08
C LEU F 114 17.87 24.87 -39.32
N GLU F 115 17.83 24.96 -37.98
CA GLU F 115 17.14 23.94 -37.20
C GLU F 115 15.63 23.94 -37.48
N LYS F 116 15.04 25.13 -37.60
CA LYS F 116 13.63 25.19 -37.97
C LYS F 116 13.40 24.54 -39.33
N GLU F 117 14.27 24.80 -40.29
CA GLU F 117 14.05 24.27 -41.63
C GLU F 117 14.35 22.78 -41.70
N ILE F 118 15.27 22.27 -40.86
CA ILE F 118 15.53 20.83 -40.89
C ILE F 118 14.36 20.07 -40.28
N MET F 119 13.76 20.59 -39.20
CA MET F 119 12.54 19.93 -38.72
C MET F 119 11.38 20.08 -39.70
N ASP F 120 11.33 21.20 -40.44
CA ASP F 120 10.36 21.30 -41.52
C ASP F 120 10.58 20.21 -42.56
N LYS F 121 11.84 19.97 -42.93
CA LYS F 121 12.17 18.92 -43.89
C LYS F 121 11.79 17.54 -43.35
N HIS F 122 12.04 17.31 -42.06
CA HIS F 122 11.67 16.03 -41.47
C HIS F 122 10.16 15.82 -41.48
N LEU F 123 9.40 16.86 -41.16
CA LEU F 123 7.94 16.75 -41.23
C LEU F 123 7.48 16.51 -42.65
N LYS F 124 8.12 17.17 -43.63
CA LYS F 124 7.77 16.94 -45.03
C LYS F 124 8.06 15.50 -45.43
N ARG F 125 9.19 14.95 -44.97
CA ARG F 125 9.49 13.54 -45.24
C ARG F 125 8.44 12.62 -44.63
N LYS F 126 8.04 12.89 -43.39
CA LYS F 126 7.04 12.05 -42.74
C LYS F 126 5.70 12.11 -43.48
N ALA F 127 5.30 13.31 -43.90
CA ALA F 127 4.05 13.44 -44.66
C ALA F 127 4.15 12.73 -46.01
N MET F 128 5.33 12.81 -46.62
CA MET F 128 5.53 12.12 -47.92
C MET F 128 5.34 10.62 -47.69
N THR F 129 6.01 10.06 -46.68
CA THR F 129 5.89 8.63 -46.41
C THR F 129 4.45 8.23 -46.14
N LYS F 130 3.72 9.05 -45.37
CA LYS F 130 2.31 8.74 -45.10
C LYS F 130 1.50 8.74 -46.39
N LYS F 131 1.69 9.78 -47.21
CA LYS F 131 0.94 9.89 -48.48
C LYS F 131 1.23 8.64 -49.32
N LYS F 132 2.51 8.29 -49.46
CA LYS F 132 2.87 7.14 -50.31
C LYS F 132 2.28 5.86 -49.70
N GLU F 133 2.33 5.71 -48.38
CA GLU F 133 1.82 4.44 -47.82
C GLU F 133 0.33 4.36 -48.17
N LEU F 134 -0.38 5.48 -48.09
CA LEU F 134 -1.80 5.52 -48.42
C LEU F 134 -2.03 5.18 -49.89
N THR F 135 -1.19 5.69 -50.79
CA THR F 135 -1.30 5.34 -52.20
C THR F 135 -1.04 3.84 -52.42
N LEU F 136 -0.04 3.29 -51.76
CA LEU F 136 0.27 1.87 -51.91
C LEU F 136 -0.84 0.98 -51.37
N LEU F 137 -1.56 1.44 -50.33
CA LEU F 137 -2.65 0.64 -49.78
C LEU F 137 -3.95 0.80 -50.59
N GLY F 138 -3.84 0.70 -51.91
CA GLY F 138 -4.98 0.65 -52.81
C GLY F 138 -6.01 1.75 -52.63
N LYS F 139 -5.58 3.00 -52.54
CA LYS F 139 -6.53 4.09 -52.33
C LYS F 139 -7.35 4.33 -53.59
N PRO F 140 -8.67 4.22 -53.53
CA PRO F 140 -9.50 4.53 -54.70
C PRO F 140 -9.57 6.03 -54.94
N LYS F 141 -9.89 6.43 -56.18
CA LYS F 141 -9.89 7.87 -56.54
C LYS F 141 -11.05 8.61 -55.85
N ARG F 142 -10.83 9.86 -55.42
CA ARG F 142 -11.88 10.68 -54.77
C ARG F 142 -12.87 11.19 -55.83
N PRO F 143 -14.13 11.53 -55.47
CA PRO F 143 -15.08 12.12 -56.43
C PRO F 143 -14.52 13.31 -57.24
N ARG F 144 -14.47 13.17 -58.57
CA ARG F 144 -14.00 14.26 -59.41
C ARG F 144 -15.06 15.35 -59.53
N SER F 145 -14.61 16.59 -59.69
CA SER F 145 -15.50 17.73 -59.80
C SER F 145 -15.90 17.96 -61.26
N ALA F 146 -17.06 18.60 -61.44
CA ALA F 146 -17.52 18.92 -62.78
C ALA F 146 -16.61 19.93 -63.45
N TYR F 147 -16.11 20.89 -62.66
CA TYR F 147 -15.23 21.96 -63.21
C TYR F 147 -13.94 21.33 -63.72
N ASN F 148 -13.57 20.17 -63.17
CA ASN F 148 -12.30 19.51 -63.57
C ASN F 148 -12.56 18.76 -64.87
N VAL F 149 -13.72 18.11 -64.98
CA VAL F 149 -14.13 17.43 -66.22
C VAL F 149 -14.24 18.44 -67.35
N TYR F 150 -14.77 19.63 -67.07
CA TYR F 150 -14.85 20.67 -68.08
C TYR F 150 -13.45 21.10 -68.54
N VAL F 151 -12.51 21.20 -67.60
CA VAL F 151 -11.14 21.55 -67.95
C VAL F 151 -10.54 20.47 -68.85
N ALA F 152 -10.77 19.20 -68.51
CA ALA F 152 -10.26 18.11 -69.32
C ALA F 152 -10.86 18.13 -70.73
N GLU F 153 -12.16 18.40 -70.82
CA GLU F 153 -12.82 18.46 -72.12
C GLU F 153 -12.29 19.62 -72.96
N ARG F 154 -12.12 20.80 -72.34
CA ARG F 154 -11.66 21.96 -73.09
C ARG F 154 -10.20 21.78 -73.54
N PHE F 155 -9.35 21.25 -72.68
CA PHE F 155 -7.93 21.05 -72.97
C PHE F 155 -7.25 22.35 -73.39
N GLN F 164 0.05 27.63 -66.47
CA GLN F 164 -0.78 28.67 -65.80
C GLN F 164 -1.79 29.28 -66.76
N GLU F 165 -1.38 29.53 -68.02
CA GLU F 165 -2.28 30.16 -69.01
C GLU F 165 -3.57 29.34 -69.10
N LYS F 166 -3.44 28.03 -69.26
CA LYS F 166 -4.59 27.14 -69.33
C LYS F 166 -5.54 27.38 -68.16
N LEU F 167 -4.98 27.55 -66.96
CA LEU F 167 -5.82 27.82 -65.79
C LEU F 167 -6.57 29.14 -65.93
N LYS F 168 -5.88 30.17 -66.42
CA LYS F 168 -6.52 31.46 -66.62
C LYS F 168 -7.63 31.36 -67.66
N THR F 169 -7.39 30.63 -68.74
CA THR F 169 -8.39 30.49 -69.80
C THR F 169 -9.63 29.76 -69.29
N VAL F 170 -9.43 28.65 -68.56
CA VAL F 170 -10.57 27.88 -68.07
C VAL F 170 -11.32 28.66 -67.00
N LYS F 171 -10.61 29.43 -66.18
CA LYS F 171 -11.27 30.28 -65.20
C LYS F 171 -12.09 31.37 -65.86
N GLU F 172 -11.54 32.00 -66.90
CA GLU F 172 -12.29 33.02 -67.63
C GLU F 172 -13.53 32.44 -68.28
N ASN F 173 -13.41 31.26 -68.89
CA ASN F 173 -14.57 30.61 -69.50
C ASN F 173 -15.58 30.19 -68.44
N TRP F 174 -15.09 29.90 -67.23
CA TRP F 174 -15.98 29.45 -66.12
C TRP F 174 -16.96 30.58 -65.76
N LYS F 175 -16.48 31.82 -65.69
CA LYS F 175 -17.32 32.96 -65.31
C LYS F 175 -18.13 33.47 -66.51
N GLU F 183 -23.57 17.96 -65.62
CA GLU F 183 -24.17 17.15 -66.67
C GLU F 183 -23.61 15.74 -66.65
N LEU F 184 -22.73 15.45 -67.63
CA LEU F 184 -22.09 14.14 -67.68
C LEU F 184 -21.20 13.90 -66.48
N TYR F 185 -20.48 14.94 -66.04
CA TYR F 185 -19.63 14.81 -64.87
C TYR F 185 -20.46 14.56 -63.61
N ILE F 186 -21.61 15.24 -63.49
CA ILE F 186 -22.47 15.06 -62.33
C ILE F 186 -22.97 13.62 -62.26
N GLN F 187 -23.41 13.06 -63.40
CA GLN F 187 -23.80 11.66 -63.43
C GLN F 187 -22.62 10.75 -63.14
N HIS F 188 -21.45 11.09 -63.70
CA HIS F 188 -20.24 10.33 -63.36
C HIS F 188 -19.89 10.47 -61.89
N ALA F 189 -20.02 11.69 -61.34
CA ALA F 189 -19.85 11.87 -59.90
C ALA F 189 -20.94 11.11 -59.13
N LYS F 190 -22.17 11.15 -59.63
CA LYS F 190 -23.23 10.31 -59.05
C LYS F 190 -22.87 8.84 -59.21
N GLU F 191 -22.35 8.45 -60.38
CA GLU F 191 -21.83 7.11 -60.54
C GLU F 191 -20.66 6.87 -59.59
N ASP F 192 -19.79 7.87 -59.43
CA ASP F 192 -18.68 7.74 -58.50
C ASP F 192 -19.17 7.54 -57.07
N GLU F 193 -20.21 8.28 -56.67
CA GLU F 193 -20.77 8.09 -55.34
C GLU F 193 -21.35 6.69 -55.17
N THR F 194 -22.07 6.20 -56.20
CA THR F 194 -22.66 4.88 -56.11
C THR F 194 -21.59 3.79 -56.19
N ARG F 195 -20.50 4.05 -56.90
CA ARG F 195 -19.47 3.04 -57.12
C ARG F 195 -18.37 3.07 -56.08
N TYR F 196 -17.93 4.24 -55.63
CA TYR F 196 -16.83 4.28 -54.68
C TYR F 196 -17.28 4.00 -53.24
N HIS F 197 -18.57 4.19 -52.93
CA HIS F 197 -19.04 3.95 -51.57
C HIS F 197 -18.91 2.47 -51.19
N ASN F 198 -19.31 1.56 -52.08
CA ASN F 198 -19.14 0.14 -51.77
C ASN F 198 -17.68 -0.28 -51.91
N GLU F 199 -16.88 0.49 -52.64
CA GLU F 199 -15.44 0.27 -52.64
C GLU F 199 -14.85 0.51 -51.25
N MET F 200 -15.34 1.54 -50.55
CA MET F 200 -15.00 1.69 -49.13
C MET F 200 -15.50 0.49 -48.35
N LYS F 201 -16.74 0.05 -48.61
CA LYS F 201 -17.26 -1.13 -47.93
C LYS F 201 -16.46 -2.37 -48.30
N SER F 202 -16.08 -2.49 -49.57
CA SER F 202 -15.21 -3.58 -49.99
C SER F 202 -13.83 -3.47 -49.36
N TRP F 203 -13.35 -2.23 -49.15
CA TRP F 203 -11.99 -2.02 -48.66
C TRP F 203 -11.83 -2.53 -47.22
N GLU F 204 -12.89 -2.44 -46.42
CA GLU F 204 -12.75 -2.66 -44.98
C GLU F 204 -12.29 -4.08 -44.65
N GLU F 205 -12.80 -5.08 -45.39
CA GLU F 205 -12.51 -6.47 -45.06
C GLU F 205 -11.02 -6.76 -45.20
N GLN F 206 -10.37 -6.27 -46.25
CA GLN F 206 -8.92 -6.43 -46.37
C GLN F 206 -8.19 -5.76 -45.22
N MET F 207 -8.62 -4.55 -44.86
CA MET F 207 -8.00 -3.84 -43.74
C MET F 207 -8.19 -4.61 -42.44
N ILE F 208 -9.35 -5.27 -42.29
CA ILE F 208 -9.54 -6.17 -41.17
C ILE F 208 -8.61 -7.38 -41.29
N GLU F 209 -8.51 -7.95 -42.49
CA GLU F 209 -7.65 -9.10 -42.70
C GLU F 209 -6.17 -8.74 -42.52
N VAL F 210 -5.75 -7.59 -43.06
CA VAL F 210 -4.36 -7.15 -42.89
C VAL F 210 -4.14 -6.41 -41.58
N GLY F 211 -5.16 -6.29 -40.75
CA GLY F 211 -5.00 -5.76 -39.40
C GLY F 211 -5.03 -4.25 -39.28
N ARG F 212 -5.14 -3.52 -40.38
CA ARG F 212 -5.15 -2.06 -40.33
C ARG F 212 -6.54 -1.54 -39.94
N LYS F 213 -6.95 -1.89 -38.72
CA LYS F 213 -8.23 -1.43 -38.22
C LYS F 213 -8.21 0.05 -37.90
N ASP F 214 -7.06 0.57 -37.45
CA ASP F 214 -6.97 1.98 -37.07
C ASP F 214 -7.19 2.89 -38.28
N LEU F 215 -6.91 2.39 -39.49
CA LEU F 215 -7.13 3.20 -40.68
C LEU F 215 -8.60 3.54 -40.85
N LEU F 216 -9.48 2.68 -40.39
CA LEU F 216 -10.92 2.95 -40.42
C LEU F 216 -11.31 3.99 -39.39
#